data_9GWZ
#
_entry.id   9GWZ
#
_cell.length_a   225.274
_cell.length_b   67.447
_cell.length_c   136.880
_cell.angle_alpha   90.000
_cell.angle_beta   101.710
_cell.angle_gamma   90.000
#
_symmetry.space_group_name_H-M   'C 1 2 1'
#
loop_
_entity.id
_entity.type
_entity.pdbx_description
1 polymer '23ME-00610 Fab (heavy)'
2 polymer '23ME-00610 Fab (light)'
3 non-polymer 'CHLORIDE ION'
4 non-polymer 'PHOSPHATE ION'
5 non-polymer (4S)-2-METHYL-2,4-PENTANEDIOL
6 water water
#
loop_
_entity_poly.entity_id
_entity_poly.type
_entity_poly.pdbx_seq_one_letter_code
_entity_poly.pdbx_strand_id
1 'polypeptide(L)'
;EVQLQESGPGLVKPSETLSLTCTVSGFSLTNYAVSWVRQPPGKGLEWLGVMWAGGGTNYNSVFKSRLTISKDNSKNQVSL
KLSSVTAADTAVYYCARERPLTGVMDYWGQGTLVTVSSASTKGPSVFPLAPSSKSTSGGTAALGCLVKDYFPEPVTVSWN
SGALTSGVHTFPAVLQSSGLYSLSSVVTVPSSSLGTQTYICNVNHKPSNTKVDKKVEPKSCDKTHTHHHHHHHH
;
HHH,AAA,CCC,EEE
2 'polypeptide(L)'
;DIVLTQSPDSLAVSLGERATINCRASESVDYSGNSFMHWFQQKPGQPPKLLIYRASNLESGIPDRFSGSGSRTDFTLTIS
SLQAEDVAVYYCHQSNEDPPTFGGGTKVEIKRTVAAPSVFIFPPSDEQLKSGTASVVCLLNNFYPREAKVQWKVDNALQS
GNSQESVTEQDSKDSTYSLSSTLTLSKADYEKHKVYACEVTHQGLSSPVTKSFNRGEC
;
LLL,BBB,DDD,FFF
#
# COMPACT_ATOMS: atom_id res chain seq x y z
N GLU A 1 12.47 -14.37 0.72
CA GLU A 1 11.04 -14.27 0.28
C GLU A 1 10.91 -14.77 -1.15
N VAL A 2 9.87 -15.55 -1.44
CA VAL A 2 9.60 -16.11 -2.79
C VAL A 2 9.07 -14.98 -3.66
N GLN A 3 9.70 -14.75 -4.81
CA GLN A 3 9.26 -13.76 -5.82
C GLN A 3 9.37 -14.36 -7.23
N LEU A 4 8.44 -13.98 -8.11
CA LEU A 4 8.48 -14.26 -9.56
C LEU A 4 8.14 -12.95 -10.27
N GLN A 5 8.72 -12.74 -11.45
CA GLN A 5 8.45 -11.55 -12.29
C GLN A 5 8.42 -11.96 -13.75
N GLU A 6 7.31 -11.68 -14.42
CA GLU A 6 7.11 -11.92 -15.88
C GLU A 6 7.68 -10.72 -16.65
N SER A 7 8.31 -10.97 -17.80
CA SER A 7 8.75 -9.96 -18.79
C SER A 7 8.19 -10.36 -20.16
N GLY A 8 7.67 -9.39 -20.90
CA GLY A 8 6.99 -9.61 -22.18
C GLY A 8 7.06 -8.40 -23.10
N PRO A 9 6.69 -8.55 -24.38
CA PRO A 9 6.88 -7.49 -25.38
C PRO A 9 5.83 -6.38 -25.34
N GLY A 10 4.72 -6.60 -24.62
CA GLY A 10 3.50 -5.77 -24.63
C GLY A 10 2.65 -6.11 -25.85
N LEU A 11 3.08 -5.64 -27.01
CA LEU A 11 2.36 -5.80 -28.30
C LEU A 11 2.97 -6.96 -29.08
N VAL A 12 2.12 -7.83 -29.64
CA VAL A 12 2.53 -8.89 -30.61
C VAL A 12 1.58 -8.81 -31.82
N LYS A 13 2.12 -8.85 -33.03
CA LYS A 13 1.32 -8.83 -34.28
C LYS A 13 0.64 -10.18 -34.46
N PRO A 14 -0.58 -10.25 -35.03
CA PRO A 14 -1.20 -11.54 -35.39
C PRO A 14 -0.27 -12.43 -36.23
N SER A 15 -0.32 -13.74 -35.98
CA SER A 15 0.46 -14.82 -36.67
C SER A 15 1.92 -14.87 -36.22
N GLU A 16 2.40 -13.92 -35.41
CA GLU A 16 3.78 -13.90 -34.86
C GLU A 16 3.83 -14.72 -33.56
N THR A 17 5.03 -14.85 -32.97
CA THR A 17 5.32 -15.70 -31.79
C THR A 17 5.43 -14.81 -30.56
N LEU A 18 4.67 -15.12 -29.51
CA LEU A 18 4.77 -14.47 -28.18
C LEU A 18 5.91 -15.16 -27.42
N SER A 19 6.87 -14.37 -26.93
CA SER A 19 8.00 -14.83 -26.07
C SER A 19 7.90 -14.13 -24.72
N LEU A 20 7.80 -14.90 -23.64
CA LEU A 20 7.78 -14.39 -22.24
C LEU A 20 8.89 -15.08 -21.46
N THR A 21 9.43 -14.38 -20.45
N THR A 21 9.41 -14.39 -20.45
CA THR A 21 10.40 -14.92 -19.46
CA THR A 21 10.40 -14.91 -19.46
C THR A 21 9.86 -14.68 -18.05
C THR A 21 9.86 -14.68 -18.05
N CYS A 22 10.02 -15.67 -17.17
CA CYS A 22 9.67 -15.62 -15.74
C CYS A 22 10.97 -15.77 -14.94
N THR A 23 11.42 -14.71 -14.27
CA THR A 23 12.61 -14.70 -13.38
C THR A 23 12.15 -14.92 -11.95
N VAL A 24 12.78 -15.87 -11.23
CA VAL A 24 12.37 -16.31 -9.86
C VAL A 24 13.50 -15.97 -8.86
N SER A 25 13.14 -15.77 -7.60
CA SER A 25 14.08 -15.63 -6.46
C SER A 25 13.44 -16.16 -5.17
N GLY A 26 14.28 -16.52 -4.20
CA GLY A 26 13.85 -17.06 -2.90
C GLY A 26 13.60 -18.57 -2.95
N PHE A 27 13.82 -19.22 -4.09
CA PHE A 27 13.69 -20.68 -4.26
C PHE A 27 14.46 -21.12 -5.51
N SER A 28 14.65 -22.44 -5.64
CA SER A 28 15.39 -23.08 -6.75
C SER A 28 14.38 -23.75 -7.70
N LEU A 29 14.61 -23.63 -9.01
CA LEU A 29 13.80 -24.31 -10.06
C LEU A 29 14.09 -25.81 -10.10
N THR A 30 15.18 -26.27 -9.44
CA THR A 30 15.47 -27.71 -9.22
C THR A 30 14.47 -28.34 -8.26
N ASN A 31 13.87 -27.56 -7.35
CA ASN A 31 12.99 -28.03 -6.25
C ASN A 31 11.51 -27.87 -6.60
N TYR A 32 11.14 -26.81 -7.32
CA TYR A 32 9.72 -26.42 -7.57
C TYR A 32 9.42 -26.41 -9.07
N ALA A 33 8.18 -26.78 -9.43
CA ALA A 33 7.62 -26.58 -10.78
C ALA A 33 7.22 -25.10 -10.93
N VAL A 34 7.09 -24.63 -12.17
CA VAL A 34 6.57 -23.28 -12.54
C VAL A 34 5.51 -23.46 -13.63
N SER A 35 4.32 -22.90 -13.41
CA SER A 35 3.15 -22.93 -14.31
C SER A 35 2.94 -21.58 -14.97
N TRP A 36 2.40 -21.58 -16.18
CA TRP A 36 1.94 -20.38 -16.91
C TRP A 36 0.41 -20.38 -16.93
N VAL A 37 -0.20 -19.31 -16.43
CA VAL A 37 -1.68 -19.11 -16.42
C VAL A 37 -1.96 -17.74 -17.02
N ARG A 38 -2.96 -17.64 -17.91
CA ARG A 38 -3.37 -16.35 -18.51
C ARG A 38 -4.80 -15.98 -18.11
N GLN A 39 -5.10 -14.69 -18.14
CA GLN A 39 -6.42 -14.11 -17.80
C GLN A 39 -6.74 -13.04 -18.84
N PRO A 40 -7.59 -13.33 -19.87
CA PRO A 40 -8.12 -12.29 -20.75
C PRO A 40 -8.81 -11.19 -19.93
N PRO A 41 -8.78 -9.91 -20.37
CA PRO A 41 -9.27 -8.82 -19.52
C PRO A 41 -10.74 -9.03 -19.16
N GLY A 42 -11.06 -8.93 -17.86
CA GLY A 42 -12.41 -9.12 -17.28
C GLY A 42 -12.94 -10.54 -17.41
N LYS A 43 -12.08 -11.55 -17.62
CA LYS A 43 -12.47 -12.98 -17.76
C LYS A 43 -11.76 -13.82 -16.69
N GLY A 44 -11.96 -15.14 -16.72
CA GLY A 44 -11.39 -16.10 -15.76
C GLY A 44 -9.97 -16.53 -16.11
N LEU A 45 -9.45 -17.48 -15.33
CA LEU A 45 -8.05 -17.98 -15.40
C LEU A 45 -8.02 -19.24 -16.27
N GLU A 46 -7.05 -19.30 -17.20
CA GLU A 46 -6.81 -20.44 -18.11
C GLU A 46 -5.36 -20.90 -17.96
N TRP A 47 -5.17 -22.16 -17.57
CA TRP A 47 -3.85 -22.80 -17.42
C TRP A 47 -3.29 -23.18 -18.80
N LEU A 48 -2.03 -22.83 -19.07
CA LEU A 48 -1.35 -23.09 -20.37
C LEU A 48 -0.49 -24.35 -20.25
N GLY A 49 0.36 -24.42 -19.22
CA GLY A 49 1.34 -25.51 -19.08
C GLY A 49 2.24 -25.33 -17.87
N VAL A 50 3.05 -26.35 -17.58
CA VAL A 50 3.98 -26.37 -16.41
C VAL A 50 5.35 -26.89 -16.86
N MET A 51 6.41 -26.27 -16.34
CA MET A 51 7.78 -26.83 -16.30
C MET A 51 8.01 -27.49 -14.94
N TRP A 52 8.07 -28.82 -14.93
CA TRP A 52 8.35 -29.65 -13.72
C TRP A 52 9.76 -29.36 -13.20
N ALA A 53 9.98 -29.60 -11.90
CA ALA A 53 11.29 -29.48 -11.21
C ALA A 53 12.37 -30.26 -11.96
N GLY A 54 12.06 -31.47 -12.42
CA GLY A 54 13.00 -32.37 -13.14
C GLY A 54 13.26 -31.95 -14.58
N GLY A 55 12.52 -31.00 -15.14
CA GLY A 55 12.76 -30.41 -16.47
C GLY A 55 11.81 -30.90 -17.54
N GLY A 56 10.90 -31.83 -17.23
CA GLY A 56 9.81 -32.26 -18.14
C GLY A 56 8.70 -31.23 -18.20
N THR A 57 7.88 -31.28 -19.26
CA THR A 57 6.78 -30.31 -19.52
C THR A 57 5.45 -31.06 -19.64
N ASN A 58 4.40 -30.40 -19.19
CA ASN A 58 2.98 -30.82 -19.30
C ASN A 58 2.21 -29.60 -19.82
N TYR A 59 1.40 -29.80 -20.86
CA TYR A 59 0.71 -28.70 -21.60
C TYR A 59 -0.80 -28.94 -21.61
N ASN A 60 -1.55 -27.84 -21.61
CA ASN A 60 -3.00 -27.83 -21.94
C ASN A 60 -3.13 -28.27 -23.40
N SER A 61 -3.95 -29.30 -23.68
CA SER A 61 -4.02 -29.96 -25.01
C SER A 61 -4.42 -28.97 -26.11
N VAL A 62 -5.20 -27.95 -25.78
N VAL A 62 -5.21 -27.94 -25.78
CA VAL A 62 -5.65 -26.89 -26.74
CA VAL A 62 -5.65 -26.89 -26.75
C VAL A 62 -4.45 -26.06 -27.22
C VAL A 62 -4.45 -26.07 -27.23
N PHE A 63 -3.34 -26.02 -26.48
CA PHE A 63 -2.10 -25.24 -26.82
C PHE A 63 -0.94 -26.17 -27.25
N LYS A 64 -1.08 -27.50 -27.18
CA LYS A 64 -0.04 -28.51 -27.56
C LYS A 64 0.69 -28.12 -28.85
N SER A 65 -0.05 -27.71 -29.89
CA SER A 65 0.46 -27.46 -31.26
C SER A 65 1.25 -26.15 -31.33
N ARG A 66 1.05 -25.22 -30.38
CA ARG A 66 1.58 -23.82 -30.46
C ARG A 66 2.52 -23.45 -29.31
N LEU A 67 2.58 -24.24 -28.24
CA LEU A 67 3.16 -23.80 -26.94
C LEU A 67 4.43 -24.60 -26.64
N THR A 68 5.49 -23.89 -26.23
CA THR A 68 6.74 -24.49 -25.69
C THR A 68 7.12 -23.74 -24.42
N ILE A 69 7.35 -24.48 -23.33
CA ILE A 69 7.89 -23.95 -22.05
C ILE A 69 9.27 -24.59 -21.87
N SER A 70 10.28 -23.77 -21.57
CA SER A 70 11.67 -24.19 -21.28
C SER A 70 12.17 -23.44 -20.04
N LYS A 71 13.32 -23.84 -19.51
CA LYS A 71 13.94 -23.15 -18.34
C LYS A 71 15.46 -23.33 -18.35
N ASP A 72 16.13 -22.52 -17.54
CA ASP A 72 17.56 -22.64 -17.17
C ASP A 72 17.62 -22.46 -15.64
N ASN A 73 17.76 -23.56 -14.91
CA ASN A 73 17.83 -23.60 -13.42
C ASN A 73 18.87 -22.59 -12.94
N SER A 74 20.04 -22.56 -13.58
CA SER A 74 21.24 -21.79 -13.18
C SER A 74 21.03 -20.28 -13.40
N LYS A 75 20.11 -19.88 -14.29
CA LYS A 75 19.76 -18.46 -14.59
C LYS A 75 18.45 -18.06 -13.88
N ASN A 76 17.84 -18.96 -13.12
CA ASN A 76 16.61 -18.71 -12.31
C ASN A 76 15.48 -18.23 -13.24
N GLN A 77 15.33 -18.83 -14.42
CA GLN A 77 14.41 -18.32 -15.47
C GLN A 77 13.66 -19.49 -16.12
N VAL A 78 12.35 -19.29 -16.32
CA VAL A 78 11.46 -20.15 -17.13
C VAL A 78 10.96 -19.29 -18.29
N SER A 79 10.86 -19.89 -19.48
CA SER A 79 10.47 -19.19 -20.73
C SER A 79 9.18 -19.82 -21.27
N LEU A 80 8.38 -18.98 -21.95
CA LEU A 80 7.18 -19.42 -22.71
C LEU A 80 7.33 -18.92 -24.15
N LYS A 81 6.98 -19.78 -25.11
N LYS A 81 6.98 -19.78 -25.11
CA LYS A 81 6.87 -19.43 -26.54
CA LYS A 81 6.86 -19.42 -26.55
C LYS A 81 5.51 -19.91 -27.05
C LYS A 81 5.51 -19.91 -27.05
N LEU A 82 4.67 -18.99 -27.53
CA LEU A 82 3.32 -19.28 -28.09
C LEU A 82 3.29 -18.75 -29.53
N SER A 83 3.30 -19.67 -30.51
CA SER A 83 3.35 -19.34 -31.96
C SER A 83 1.94 -19.08 -32.49
N SER A 84 1.86 -18.46 -33.68
N SER A 84 1.86 -18.46 -33.68
CA SER A 84 0.61 -18.19 -34.46
CA SER A 84 0.62 -18.18 -34.46
C SER A 84 -0.45 -17.54 -33.57
C SER A 84 -0.45 -17.54 -33.57
N VAL A 85 -0.09 -16.44 -32.89
CA VAL A 85 -1.01 -15.72 -31.95
C VAL A 85 -2.14 -15.06 -32.75
N THR A 86 -3.35 -15.05 -32.18
CA THR A 86 -4.55 -14.28 -32.65
C THR A 86 -5.06 -13.42 -31.48
N ALA A 87 -6.11 -12.62 -31.71
CA ALA A 87 -6.75 -11.73 -30.71
C ALA A 87 -7.17 -12.51 -29.47
N ALA A 88 -7.51 -13.80 -29.64
CA ALA A 88 -7.89 -14.76 -28.57
C ALA A 88 -6.76 -14.94 -27.53
N ASP A 89 -5.51 -14.62 -27.87
CA ASP A 89 -4.33 -14.80 -26.96
C ASP A 89 -4.04 -13.50 -26.20
N THR A 90 -4.82 -12.44 -26.40
CA THR A 90 -4.73 -11.19 -25.58
C THR A 90 -5.11 -11.54 -24.15
N ALA A 91 -4.20 -11.34 -23.20
CA ALA A 91 -4.38 -11.69 -21.78
C ALA A 91 -3.24 -11.12 -20.93
N VAL A 92 -3.46 -11.00 -19.62
CA VAL A 92 -2.37 -10.96 -18.60
C VAL A 92 -1.83 -12.39 -18.48
N TYR A 93 -0.54 -12.59 -18.74
CA TYR A 93 0.17 -13.88 -18.56
C TYR A 93 0.87 -13.86 -17.19
N TYR A 94 0.62 -14.90 -16.41
CA TYR A 94 1.20 -15.12 -15.06
C TYR A 94 2.10 -16.35 -15.10
N CYS A 95 3.24 -16.27 -14.40
CA CYS A 95 4.00 -17.45 -13.98
C CYS A 95 3.78 -17.66 -12.48
N ALA A 96 3.65 -18.92 -12.06
CA ALA A 96 3.33 -19.30 -10.66
C ALA A 96 4.21 -20.47 -10.22
N ARG A 97 4.82 -20.37 -9.03
CA ARG A 97 5.51 -21.49 -8.38
C ARG A 97 4.46 -22.55 -8.01
N GLU A 98 4.72 -23.79 -8.39
CA GLU A 98 3.83 -24.95 -8.15
C GLU A 98 4.54 -25.94 -7.22
N ARG A 99 3.86 -26.37 -6.15
CA ARG A 99 4.33 -27.45 -5.24
C ARG A 99 4.28 -28.75 -6.01
N PRO A 100 5.42 -29.44 -6.28
CA PRO A 100 5.46 -30.51 -7.27
C PRO A 100 4.56 -31.74 -7.02
N LEU A 101 4.23 -32.04 -5.76
CA LEU A 101 3.46 -33.26 -5.38
C LEU A 101 1.95 -33.01 -5.47
N THR A 102 1.49 -31.76 -5.26
CA THR A 102 0.07 -31.39 -5.00
C THR A 102 -0.51 -30.49 -6.11
N GLY A 103 0.32 -29.81 -6.91
CA GLY A 103 -0.13 -28.90 -7.98
C GLY A 103 -0.65 -27.57 -7.44
N VAL A 104 -0.43 -27.27 -6.16
CA VAL A 104 -0.81 -25.99 -5.50
C VAL A 104 0.10 -24.91 -6.07
N MET A 105 -0.48 -23.86 -6.65
CA MET A 105 0.25 -22.67 -7.16
C MET A 105 0.24 -21.60 -6.06
N ASP A 106 1.32 -21.52 -5.29
CA ASP A 106 1.34 -20.80 -3.98
C ASP A 106 1.87 -19.37 -4.12
N TYR A 107 2.69 -19.07 -5.13
CA TYR A 107 3.26 -17.72 -5.36
C TYR A 107 3.17 -17.38 -6.85
N TRP A 108 2.59 -16.22 -7.17
CA TRP A 108 2.33 -15.73 -8.54
C TRP A 108 3.10 -14.43 -8.78
N GLY A 109 3.62 -14.24 -9.99
CA GLY A 109 4.18 -12.95 -10.44
C GLY A 109 3.08 -11.91 -10.60
N GLN A 110 3.46 -10.64 -10.73
CA GLN A 110 2.52 -9.49 -10.87
C GLN A 110 1.77 -9.57 -12.21
N GLY A 111 2.35 -10.25 -13.20
CA GLY A 111 1.72 -10.52 -14.51
C GLY A 111 2.22 -9.54 -15.55
N THR A 112 2.18 -9.94 -16.81
CA THR A 112 2.50 -9.09 -17.99
C THR A 112 1.30 -9.15 -18.95
N LEU A 113 0.74 -7.99 -19.31
CA LEU A 113 -0.39 -7.90 -20.26
C LEU A 113 0.18 -7.98 -21.69
N VAL A 114 -0.28 -8.96 -22.46
CA VAL A 114 0.08 -9.15 -23.90
C VAL A 114 -1.14 -8.77 -24.73
N THR A 115 -1.01 -7.74 -25.56
CA THR A 115 -2.06 -7.29 -26.52
C THR A 115 -1.66 -7.82 -27.91
N VAL A 116 -2.52 -8.64 -28.54
CA VAL A 116 -2.35 -9.08 -29.95
C VAL A 116 -3.13 -8.09 -30.83
N SER A 117 -2.40 -7.38 -31.69
CA SER A 117 -2.92 -6.19 -32.43
C SER A 117 -2.00 -5.87 -33.62
N SER A 118 -2.58 -5.40 -34.72
CA SER A 118 -1.88 -4.91 -35.93
C SER A 118 -1.44 -3.44 -35.74
N ALA A 119 -1.93 -2.77 -34.71
CA ALA A 119 -1.70 -1.31 -34.47
C ALA A 119 -0.28 -1.08 -33.96
N SER A 120 0.16 0.19 -33.99
CA SER A 120 1.50 0.67 -33.53
C SER A 120 1.51 0.80 -32.01
N THR A 121 2.66 0.57 -31.39
CA THR A 121 2.95 0.97 -29.98
C THR A 121 3.01 2.49 -29.95
N LYS A 122 2.52 3.12 -28.88
CA LYS A 122 2.59 4.59 -28.68
C LYS A 122 2.62 4.89 -27.19
N GLY A 123 3.66 5.59 -26.73
CA GLY A 123 3.81 6.03 -25.33
C GLY A 123 2.84 7.16 -25.01
N PRO A 124 2.44 7.37 -23.74
CA PRO A 124 1.46 8.39 -23.39
C PRO A 124 2.02 9.82 -23.36
N SER A 125 1.12 10.80 -23.53
CA SER A 125 1.28 12.21 -23.09
C SER A 125 0.72 12.34 -21.67
N VAL A 126 1.42 13.01 -20.76
CA VAL A 126 1.00 13.19 -19.35
C VAL A 126 0.72 14.68 -19.11
N PHE A 127 -0.50 15.00 -18.67
CA PHE A 127 -0.96 16.39 -18.37
C PHE A 127 -1.39 16.46 -16.92
N PRO A 128 -1.13 17.58 -16.20
CA PRO A 128 -1.57 17.73 -14.82
C PRO A 128 -3.08 18.00 -14.70
N LEU A 129 -3.72 17.41 -13.69
CA LEU A 129 -5.05 17.83 -13.19
C LEU A 129 -4.80 18.69 -11.95
N ALA A 130 -4.63 20.00 -12.15
CA ALA A 130 -4.15 20.97 -11.12
C ALA A 130 -5.26 21.25 -10.12
N PRO A 131 -4.95 21.39 -8.80
CA PRO A 131 -5.93 21.88 -7.82
C PRO A 131 -6.21 23.38 -8.01
N SER A 132 -7.38 23.86 -7.58
CA SER A 132 -7.85 25.27 -7.79
C SER A 132 -8.29 25.93 -6.48
N SER A 133 -9.46 25.55 -5.92
CA SER A 133 -10.24 26.27 -4.88
C SER A 133 -10.72 27.62 -5.43
N GLY A 139 -11.30 21.75 3.59
CA GLY A 139 -10.36 20.77 4.19
C GLY A 139 -9.62 19.97 3.14
N THR A 140 -10.36 19.31 2.23
CA THR A 140 -9.84 18.34 1.23
C THR A 140 -9.64 19.04 -0.12
N ALA A 141 -8.50 18.76 -0.77
CA ALA A 141 -8.18 19.18 -2.15
C ALA A 141 -7.85 17.94 -2.99
N ALA A 142 -8.29 17.92 -4.26
CA ALA A 142 -7.98 16.85 -5.23
C ALA A 142 -6.99 17.37 -6.28
N LEU A 143 -6.04 16.53 -6.66
CA LEU A 143 -5.13 16.76 -7.81
C LEU A 143 -4.84 15.42 -8.47
N GLY A 144 -4.23 15.45 -9.66
CA GLY A 144 -4.02 14.21 -10.44
C GLY A 144 -3.14 14.39 -11.65
N CYS A 145 -3.09 13.35 -12.48
CA CYS A 145 -2.43 13.30 -13.80
C CYS A 145 -3.36 12.64 -14.82
N LEU A 146 -3.54 13.27 -15.98
CA LEU A 146 -4.23 12.67 -17.14
C LEU A 146 -3.17 12.02 -18.04
N VAL A 147 -3.26 10.70 -18.23
CA VAL A 147 -2.35 9.89 -19.09
C VAL A 147 -3.11 9.55 -20.36
N LYS A 148 -2.80 10.25 -21.46
CA LYS A 148 -3.60 10.31 -22.71
C LYS A 148 -2.85 9.65 -23.87
N ASP A 149 -3.58 8.91 -24.70
CA ASP A 149 -3.23 8.55 -26.10
C ASP A 149 -2.05 7.57 -26.11
N TYR A 150 -2.14 6.47 -25.34
CA TYR A 150 -1.15 5.37 -25.34
C TYR A 150 -1.79 4.10 -25.91
N PHE A 151 -0.94 3.23 -26.46
CA PHE A 151 -1.32 1.86 -26.92
C PHE A 151 -0.10 0.96 -26.91
N PRO A 152 -0.19 -0.34 -26.51
CA PRO A 152 -1.41 -0.92 -25.93
C PRO A 152 -1.48 -0.61 -24.43
N GLU A 153 -2.38 -1.27 -23.72
CA GLU A 153 -2.37 -1.31 -22.23
C GLU A 153 -1.17 -2.14 -21.78
N PRO A 154 -0.66 -1.98 -20.53
CA PRO A 154 -1.17 -1.01 -19.56
C PRO A 154 -0.23 0.15 -19.23
N VAL A 155 -0.78 1.12 -18.50
CA VAL A 155 -0.06 2.19 -17.77
C VAL A 155 -0.22 1.89 -16.29
N THR A 156 0.84 2.10 -15.50
CA THR A 156 0.80 2.14 -14.01
C THR A 156 1.22 3.53 -13.57
N VAL A 157 0.61 4.01 -12.49
CA VAL A 157 0.88 5.36 -11.90
C VAL A 157 1.18 5.15 -10.42
N SER A 158 2.30 5.69 -9.96
CA SER A 158 2.58 5.89 -8.52
C SER A 158 2.69 7.39 -8.26
N TRP A 159 2.72 7.77 -6.99
CA TRP A 159 2.80 9.17 -6.53
C TRP A 159 3.98 9.34 -5.57
N ASN A 160 4.89 10.26 -5.89
CA ASN A 160 6.13 10.54 -5.12
C ASN A 160 6.90 9.22 -4.94
N SER A 161 7.07 8.48 -6.04
CA SER A 161 7.85 7.21 -6.15
C SER A 161 7.36 6.16 -5.15
N GLY A 162 6.06 6.15 -4.85
CA GLY A 162 5.41 5.17 -3.94
C GLY A 162 5.28 5.66 -2.51
N ALA A 163 5.77 6.86 -2.18
CA ALA A 163 5.69 7.48 -0.83
C ALA A 163 4.23 7.83 -0.48
N LEU A 164 3.48 8.35 -1.45
CA LEU A 164 2.05 8.73 -1.33
C LEU A 164 1.16 7.61 -1.90
N THR A 165 0.34 6.98 -1.04
CA THR A 165 -0.59 5.88 -1.42
C THR A 165 -2.01 6.10 -0.89
N SER A 166 -2.19 6.69 0.31
CA SER A 166 -3.53 6.92 0.91
C SER A 166 -4.26 8.01 0.12
N GLY A 167 -5.49 7.74 -0.30
CA GLY A 167 -6.32 8.68 -1.09
C GLY A 167 -6.07 8.59 -2.59
N VAL A 168 -5.13 7.76 -3.04
CA VAL A 168 -4.81 7.57 -4.48
C VAL A 168 -5.94 6.73 -5.12
N HIS A 169 -6.51 7.21 -6.22
CA HIS A 169 -7.39 6.42 -7.13
C HIS A 169 -6.83 6.50 -8.55
N THR A 170 -6.41 5.37 -9.10
CA THR A 170 -6.02 5.20 -10.52
C THR A 170 -7.17 4.47 -11.20
N PHE A 171 -7.83 5.12 -12.15
CA PHE A 171 -9.09 4.63 -12.77
C PHE A 171 -8.74 3.62 -13.86
N PRO A 172 -9.64 2.65 -14.16
CA PRO A 172 -9.48 1.82 -15.36
C PRO A 172 -9.36 2.71 -16.60
N ALA A 173 -8.50 2.30 -17.54
CA ALA A 173 -8.33 2.98 -18.84
C ALA A 173 -9.64 2.90 -19.63
N VAL A 174 -9.97 3.96 -20.36
CA VAL A 174 -11.05 3.99 -21.39
C VAL A 174 -10.40 3.96 -22.77
N LEU A 175 -10.97 3.19 -23.68
CA LEU A 175 -10.60 3.17 -25.11
C LEU A 175 -11.32 4.35 -25.79
N GLN A 176 -10.56 5.35 -26.28
CA GLN A 176 -11.10 6.51 -27.05
C GLN A 176 -11.44 6.04 -28.47
N SER A 177 -12.22 6.85 -29.22
CA SER A 177 -12.68 6.52 -30.59
C SER A 177 -11.49 6.45 -31.55
N SER A 178 -10.40 7.17 -31.23
CA SER A 178 -9.09 7.14 -31.94
C SER A 178 -8.43 5.75 -31.90
N GLY A 179 -8.85 4.87 -30.98
CA GLY A 179 -8.25 3.53 -30.77
C GLY A 179 -7.08 3.57 -29.79
N LEU A 180 -6.83 4.72 -29.15
CA LEU A 180 -5.76 4.92 -28.12
C LEU A 180 -6.40 4.98 -26.74
N TYR A 181 -5.71 4.48 -25.73
CA TYR A 181 -6.21 4.43 -24.32
C TYR A 181 -5.95 5.79 -23.66
N SER A 182 -6.78 6.10 -22.67
CA SER A 182 -6.63 7.24 -21.73
C SER A 182 -6.97 6.76 -20.33
N LEU A 183 -6.24 7.22 -19.30
CA LEU A 183 -6.66 7.08 -17.89
C LEU A 183 -6.23 8.31 -17.09
N SER A 184 -6.92 8.54 -15.98
CA SER A 184 -6.58 9.55 -14.95
C SER A 184 -6.17 8.82 -13.67
N SER A 185 -5.21 9.41 -12.95
CA SER A 185 -4.88 9.04 -11.56
C SER A 185 -5.06 10.29 -10.71
N VAL A 186 -5.79 10.16 -9.60
CA VAL A 186 -6.09 11.29 -8.68
C VAL A 186 -5.62 10.92 -7.27
N VAL A 187 -5.35 11.94 -6.47
CA VAL A 187 -5.11 11.81 -5.00
C VAL A 187 -5.79 13.00 -4.31
N THR A 188 -6.44 12.72 -3.18
CA THR A 188 -7.04 13.75 -2.28
C THR A 188 -6.04 14.02 -1.15
N VAL A 189 -5.80 15.30 -0.86
CA VAL A 189 -4.77 15.77 0.11
C VAL A 189 -5.37 16.89 0.96
N PRO A 190 -4.73 17.25 2.10
CA PRO A 190 -5.05 18.49 2.80
C PRO A 190 -4.94 19.73 1.89
N SER A 191 -5.90 20.65 2.02
CA SER A 191 -5.96 21.95 1.30
C SER A 191 -4.75 22.83 1.67
N SER A 192 -4.35 22.80 2.94
CA SER A 192 -3.20 23.57 3.50
C SER A 192 -1.86 23.10 2.91
N SER A 193 -1.77 21.86 2.43
CA SER A 193 -0.53 21.23 1.88
C SER A 193 -0.26 21.67 0.44
N LEU A 194 -1.25 22.22 -0.30
CA LEU A 194 -1.15 22.48 -1.76
C LEU A 194 -0.02 23.45 -2.08
N GLY A 195 0.19 24.46 -1.22
CA GLY A 195 1.22 25.50 -1.39
C GLY A 195 2.63 24.97 -1.18
N THR A 196 2.83 24.13 -0.16
CA THR A 196 4.15 23.68 0.34
C THR A 196 4.56 22.35 -0.31
N GLN A 197 3.67 21.35 -0.29
CA GLN A 197 4.02 19.92 -0.56
C GLN A 197 4.15 19.65 -2.06
N THR A 198 5.23 18.97 -2.47
CA THR A 198 5.52 18.55 -3.87
C THR A 198 4.73 17.28 -4.18
N TYR A 199 4.11 17.24 -5.36
CA TYR A 199 3.29 16.11 -5.87
C TYR A 199 3.74 15.79 -7.30
N ILE A 200 4.32 14.61 -7.49
CA ILE A 200 4.80 14.08 -8.80
C ILE A 200 4.11 12.74 -9.03
N CYS A 201 3.44 12.59 -10.18
CA CYS A 201 2.94 11.27 -10.66
C CYS A 201 4.04 10.61 -11.49
N ASN A 202 4.31 9.34 -11.22
CA ASN A 202 5.32 8.50 -11.91
C ASN A 202 4.55 7.57 -12.84
N VAL A 203 4.50 7.90 -14.13
CA VAL A 203 3.75 7.15 -15.18
C VAL A 203 4.71 6.20 -15.88
N ASN A 204 4.42 4.90 -15.84
CA ASN A 204 5.24 3.85 -16.50
C ASN A 204 4.37 3.18 -17.56
N HIS A 205 4.83 3.21 -18.81
CA HIS A 205 4.24 2.48 -19.97
C HIS A 205 5.29 1.48 -20.48
N LYS A 206 5.29 0.27 -19.91
CA LYS A 206 6.30 -0.79 -20.20
C LYS A 206 6.28 -1.17 -21.68
N PRO A 207 5.11 -1.29 -22.37
CA PRO A 207 5.09 -1.64 -23.79
C PRO A 207 5.88 -0.73 -24.76
N SER A 208 6.05 0.55 -24.43
CA SER A 208 6.83 1.56 -25.18
C SER A 208 8.15 1.91 -24.46
N ASN A 209 8.41 1.28 -23.30
CA ASN A 209 9.59 1.56 -22.41
C ASN A 209 9.66 3.06 -22.11
N THR A 210 8.49 3.66 -21.83
CA THR A 210 8.33 5.09 -21.48
C THR A 210 8.13 5.21 -19.97
N LYS A 211 8.88 6.13 -19.36
CA LYS A 211 8.74 6.58 -17.97
C LYS A 211 8.62 8.11 -18.02
N VAL A 212 7.54 8.66 -17.47
CA VAL A 212 7.26 10.13 -17.40
C VAL A 212 6.98 10.50 -15.95
N ASP A 213 7.73 11.47 -15.42
CA ASP A 213 7.44 12.15 -14.14
C ASP A 213 6.81 13.50 -14.48
N LYS A 214 5.66 13.82 -13.89
CA LYS A 214 4.96 15.11 -14.09
C LYS A 214 4.68 15.75 -12.73
N LYS A 215 5.33 16.88 -12.45
CA LYS A 215 5.05 17.72 -11.26
C LYS A 215 3.65 18.33 -11.41
N VAL A 216 2.84 18.25 -10.37
CA VAL A 216 1.44 18.77 -10.32
C VAL A 216 1.38 19.83 -9.21
N GLU A 217 0.99 21.05 -9.58
CA GLU A 217 0.97 22.23 -8.68
C GLU A 217 -0.20 23.15 -9.08
N PRO A 218 -0.67 24.06 -8.19
CA PRO A 218 -1.73 25.00 -8.53
C PRO A 218 -1.41 25.96 -9.69
N LYS A 219 -2.46 26.49 -10.34
CA LYS A 219 -2.39 27.46 -11.46
C LYS A 219 -2.24 28.87 -10.89
N ASP B 1 -12.21 -32.45 -19.49
CA ASP B 1 -11.66 -31.51 -18.46
C ASP B 1 -12.65 -31.39 -17.29
N ILE B 2 -12.13 -31.26 -16.07
CA ILE B 2 -12.98 -31.02 -14.86
C ILE B 2 -13.46 -29.57 -14.92
N VAL B 3 -14.79 -29.39 -14.96
CA VAL B 3 -15.48 -28.06 -14.97
C VAL B 3 -15.78 -27.71 -13.51
N LEU B 4 -15.35 -26.52 -13.07
CA LEU B 4 -15.63 -25.97 -11.73
C LEU B 4 -16.68 -24.88 -11.84
N THR B 5 -17.80 -25.02 -11.13
CA THR B 5 -18.96 -24.11 -11.16
C THR B 5 -19.10 -23.49 -9.76
N GLN B 6 -18.93 -22.17 -9.66
CA GLN B 6 -18.98 -21.42 -8.38
C GLN B 6 -20.41 -20.90 -8.16
N SER B 7 -20.76 -20.65 -6.91
CA SER B 7 -22.05 -20.05 -6.50
C SER B 7 -21.89 -19.36 -5.15
N PRO B 8 -22.39 -18.11 -4.94
CA PRO B 8 -23.00 -17.30 -5.99
C PRO B 8 -22.00 -16.76 -7.03
N ASP B 9 -22.49 -16.12 -8.10
CA ASP B 9 -21.65 -15.39 -9.09
C ASP B 9 -21.18 -14.07 -8.46
N SER B 10 -22.04 -13.42 -7.66
CA SER B 10 -21.66 -12.24 -6.82
C SER B 10 -22.57 -12.14 -5.59
N LEU B 11 -22.08 -11.46 -4.56
CA LEU B 11 -22.83 -11.25 -3.30
C LEU B 11 -22.36 -9.95 -2.65
N ALA B 12 -23.30 -9.24 -2.02
CA ALA B 12 -23.07 -8.04 -1.20
C ALA B 12 -23.33 -8.43 0.26
N VAL B 13 -22.35 -8.21 1.13
CA VAL B 13 -22.32 -8.66 2.56
C VAL B 13 -21.98 -7.45 3.44
N SER B 14 -22.59 -7.36 4.61
CA SER B 14 -22.31 -6.27 5.59
C SER B 14 -21.01 -6.59 6.34
N LEU B 15 -20.28 -5.55 6.74
CA LEU B 15 -19.07 -5.65 7.58
C LEU B 15 -19.37 -6.54 8.79
N GLY B 16 -18.55 -7.57 9.01
CA GLY B 16 -18.59 -8.44 10.21
C GLY B 16 -19.50 -9.66 10.02
N GLU B 17 -20.17 -9.80 8.89
CA GLU B 17 -21.13 -10.91 8.62
C GLU B 17 -20.46 -11.97 7.75
N ARG B 18 -21.15 -13.07 7.48
CA ARG B 18 -20.56 -14.29 6.87
C ARG B 18 -20.72 -14.23 5.35
N ALA B 19 -19.65 -14.55 4.62
CA ALA B 19 -19.63 -14.83 3.17
C ALA B 19 -19.38 -16.33 2.98
N THR B 20 -20.27 -17.00 2.27
CA THR B 20 -20.19 -18.43 1.89
C THR B 20 -20.08 -18.50 0.36
N ILE B 21 -19.04 -19.15 -0.14
CA ILE B 21 -18.79 -19.34 -1.60
C ILE B 21 -18.66 -20.85 -1.85
N ASN B 22 -19.54 -21.40 -2.68
CA ASN B 22 -19.54 -22.83 -3.05
C ASN B 22 -18.81 -23.03 -4.39
N CYS B 23 -18.07 -24.13 -4.53
CA CYS B 23 -17.47 -24.61 -5.81
C CYS B 23 -17.88 -26.07 -5.98
N ARG B 24 -18.52 -26.42 -7.09
CA ARG B 24 -18.83 -27.83 -7.44
C ARG B 24 -17.96 -28.25 -8.65
N ALA B 25 -17.47 -29.50 -8.64
CA ALA B 25 -16.66 -30.10 -9.73
C ALA B 25 -17.50 -31.12 -10.52
N SER B 26 -17.29 -31.21 -11.83
CA SER B 26 -17.98 -32.16 -12.75
C SER B 26 -17.54 -33.60 -12.48
N GLU B 27 -16.32 -33.79 -11.95
CA GLU B 27 -15.74 -35.09 -11.53
C GLU B 27 -15.09 -34.92 -10.16
N SER B 28 -14.84 -36.03 -9.46
CA SER B 28 -14.10 -36.06 -8.18
C SER B 28 -12.73 -35.42 -8.36
N VAL B 29 -12.33 -34.58 -7.40
N VAL B 29 -12.31 -34.56 -7.41
CA VAL B 29 -11.02 -33.90 -7.33
CA VAL B 29 -10.96 -33.93 -7.37
C VAL B 29 -10.21 -34.50 -6.16
C VAL B 29 -10.19 -34.51 -6.17
N ASP B 30 -10.58 -35.70 -5.69
CA ASP B 30 -9.90 -36.43 -4.59
C ASP B 30 -8.97 -37.49 -5.18
N TYR B 31 -7.85 -37.76 -4.51
CA TYR B 31 -6.95 -38.91 -4.75
C TYR B 31 -6.36 -39.37 -3.41
N SER B 32 -6.60 -40.64 -3.04
CA SER B 32 -6.01 -41.33 -1.87
C SER B 32 -6.29 -40.54 -0.58
N GLY B 33 -7.56 -40.20 -0.35
CA GLY B 33 -8.03 -39.48 0.86
C GLY B 33 -7.48 -38.07 0.97
N ASN B 34 -7.11 -37.44 -0.16
CA ASN B 34 -6.67 -36.02 -0.25
C ASN B 34 -7.53 -35.31 -1.30
N SER B 35 -8.02 -34.11 -0.99
CA SER B 35 -8.83 -33.24 -1.87
C SER B 35 -7.91 -32.19 -2.51
N PHE B 36 -7.80 -32.17 -3.85
CA PHE B 36 -6.93 -31.22 -4.59
C PHE B 36 -7.79 -30.06 -5.12
N MET B 37 -8.48 -29.39 -4.20
CA MET B 37 -9.24 -28.13 -4.44
C MET B 37 -8.62 -27.02 -3.59
N HIS B 38 -8.31 -25.88 -4.21
CA HIS B 38 -7.60 -24.72 -3.60
C HIS B 38 -8.41 -23.46 -3.85
N TRP B 39 -8.25 -22.44 -3.00
CA TRP B 39 -9.04 -21.18 -3.07
C TRP B 39 -8.07 -20.00 -3.21
N PHE B 40 -8.41 -19.08 -4.14
CA PHE B 40 -7.63 -17.83 -4.41
C PHE B 40 -8.49 -16.59 -4.22
N GLN B 41 -7.84 -15.52 -3.78
CA GLN B 41 -8.36 -14.13 -3.73
C GLN B 41 -7.64 -13.33 -4.83
N GLN B 42 -8.39 -12.63 -5.68
CA GLN B 42 -7.80 -11.68 -6.67
C GLN B 42 -8.46 -10.31 -6.53
N LYS B 43 -7.65 -9.29 -6.23
CA LYS B 43 -8.03 -7.86 -6.28
C LYS B 43 -7.64 -7.28 -7.63
N PRO B 44 -8.25 -6.13 -8.06
CA PRO B 44 -7.96 -5.54 -9.36
C PRO B 44 -6.48 -5.19 -9.58
N GLY B 45 -5.95 -5.55 -10.76
CA GLY B 45 -4.55 -5.32 -11.18
C GLY B 45 -3.54 -6.06 -10.31
N GLN B 46 -3.95 -7.18 -9.70
CA GLN B 46 -3.09 -8.01 -8.82
C GLN B 46 -3.25 -9.46 -9.26
N PRO B 47 -2.25 -10.34 -9.02
CA PRO B 47 -2.40 -11.77 -9.29
C PRO B 47 -3.29 -12.44 -8.25
N PRO B 48 -3.81 -13.65 -8.54
CA PRO B 48 -4.44 -14.48 -7.51
C PRO B 48 -3.49 -14.69 -6.31
N LYS B 49 -4.06 -14.69 -5.10
CA LYS B 49 -3.36 -14.93 -3.81
C LYS B 49 -3.96 -16.19 -3.19
N LEU B 50 -3.13 -17.22 -2.94
CA LEU B 50 -3.56 -18.50 -2.31
C LEU B 50 -4.10 -18.21 -0.90
N LEU B 51 -5.32 -18.67 -0.61
CA LEU B 51 -5.98 -18.57 0.72
C LEU B 51 -5.89 -19.91 1.42
N ILE B 52 -6.32 -20.97 0.72
CA ILE B 52 -6.52 -22.34 1.22
C ILE B 52 -6.01 -23.34 0.16
N TYR B 53 -5.26 -24.36 0.61
CA TYR B 53 -4.78 -25.48 -0.23
C TYR B 53 -5.35 -26.79 0.32
N ARG B 54 -5.56 -27.74 -0.58
CA ARG B 54 -6.11 -29.10 -0.34
C ARG B 54 -7.34 -29.01 0.57
N ALA B 55 -8.30 -28.16 0.17
CA ALA B 55 -9.70 -28.04 0.67
C ALA B 55 -9.79 -27.30 2.00
N SER B 56 -8.93 -27.59 3.00
CA SER B 56 -9.11 -27.13 4.40
C SER B 56 -7.87 -26.49 5.02
N ASN B 57 -6.73 -26.45 4.33
CA ASN B 57 -5.45 -25.99 4.94
C ASN B 57 -5.28 -24.49 4.66
N LEU B 58 -5.28 -23.69 5.73
CA LEU B 58 -5.09 -22.21 5.68
C LEU B 58 -3.61 -21.91 5.40
N GLU B 59 -3.32 -21.22 4.30
CA GLU B 59 -1.95 -20.79 3.88
C GLU B 59 -1.42 -19.79 4.92
N SER B 60 -0.10 -19.80 5.13
CA SER B 60 0.60 -18.90 6.09
C SER B 60 0.36 -17.43 5.71
N GLY B 61 0.08 -16.59 6.71
CA GLY B 61 -0.14 -15.14 6.53
C GLY B 61 -1.60 -14.79 6.24
N ILE B 62 -2.47 -15.78 5.97
CA ILE B 62 -3.91 -15.58 5.69
C ILE B 62 -4.65 -15.60 7.03
N PRO B 63 -5.50 -14.59 7.34
CA PRO B 63 -6.24 -14.57 8.61
C PRO B 63 -7.18 -15.78 8.78
N ASP B 64 -7.44 -16.18 10.03
CA ASP B 64 -8.20 -17.41 10.39
C ASP B 64 -9.70 -17.26 10.14
N ARG B 65 -10.20 -16.05 9.82
CA ARG B 65 -11.61 -15.83 9.39
C ARG B 65 -11.87 -16.56 8.06
N PHE B 66 -10.84 -16.81 7.26
CA PHE B 66 -10.89 -17.68 6.04
C PHE B 66 -10.79 -19.13 6.49
N SER B 67 -11.71 -19.96 6.02
CA SER B 67 -11.68 -21.43 6.23
C SER B 67 -12.32 -22.14 5.03
N GLY B 68 -11.92 -23.38 4.80
CA GLY B 68 -12.40 -24.23 3.69
C GLY B 68 -12.83 -25.58 4.20
N SER B 69 -13.77 -26.21 3.49
CA SER B 69 -14.26 -27.58 3.77
C SER B 69 -14.86 -28.17 2.50
N GLY B 70 -15.14 -29.47 2.52
CA GLY B 70 -15.73 -30.21 1.39
C GLY B 70 -14.79 -31.29 0.90
N SER B 71 -15.28 -32.12 -0.01
CA SER B 71 -14.50 -33.20 -0.66
C SER B 71 -15.22 -33.64 -1.94
N ARG B 72 -14.54 -34.45 -2.75
N ARG B 72 -14.53 -34.45 -2.75
CA ARG B 72 -15.06 -35.11 -3.97
CA ARG B 72 -15.05 -35.10 -3.99
C ARG B 72 -15.45 -34.03 -4.99
C ARG B 72 -15.44 -34.01 -4.98
N THR B 73 -16.71 -33.56 -4.98
CA THR B 73 -17.27 -32.64 -6.00
C THR B 73 -17.97 -31.42 -5.39
N ASP B 74 -17.80 -31.17 -4.08
CA ASP B 74 -18.60 -30.17 -3.32
C ASP B 74 -17.69 -29.49 -2.29
N PHE B 75 -17.36 -28.21 -2.48
CA PHE B 75 -16.39 -27.44 -1.65
C PHE B 75 -16.98 -26.08 -1.31
N THR B 76 -16.61 -25.53 -0.14
CA THR B 76 -17.11 -24.26 0.40
C THR B 76 -15.93 -23.50 1.01
N LEU B 77 -15.71 -22.26 0.55
CA LEU B 77 -14.91 -21.22 1.26
C LEU B 77 -15.87 -20.40 2.12
N THR B 78 -15.54 -20.20 3.40
CA THR B 78 -16.29 -19.34 4.35
C THR B 78 -15.35 -18.23 4.82
N ILE B 79 -15.81 -16.98 4.69
CA ILE B 79 -15.22 -15.80 5.40
C ILE B 79 -16.19 -15.46 6.53
N SER B 80 -15.83 -15.81 7.76
CA SER B 80 -16.75 -15.83 8.94
C SER B 80 -17.19 -14.41 9.29
N SER B 81 -16.26 -13.45 9.26
CA SER B 81 -16.47 -12.03 9.65
C SER B 81 -15.85 -11.11 8.59
N LEU B 82 -16.62 -10.76 7.55
CA LEU B 82 -16.10 -10.08 6.34
C LEU B 82 -15.59 -8.69 6.71
N GLN B 83 -14.33 -8.41 6.34
CA GLN B 83 -13.62 -7.13 6.56
C GLN B 83 -13.59 -6.38 5.23
N ALA B 84 -13.37 -5.05 5.30
CA ALA B 84 -13.36 -4.14 4.14
C ALA B 84 -12.38 -4.64 3.07
N GLU B 85 -11.20 -5.09 3.52
CA GLU B 85 -10.05 -5.54 2.65
C GLU B 85 -10.36 -6.87 1.95
N ASP B 86 -11.45 -7.57 2.29
CA ASP B 86 -11.81 -8.89 1.70
C ASP B 86 -12.61 -8.74 0.40
N VAL B 87 -12.91 -7.52 -0.04
N VAL B 87 -12.92 -7.52 -0.05
CA VAL B 87 -13.57 -7.25 -1.35
CA VAL B 87 -13.60 -7.26 -1.35
C VAL B 87 -12.62 -7.67 -2.46
C VAL B 87 -12.62 -7.67 -2.47
N ALA B 88 -13.04 -8.62 -3.32
CA ALA B 88 -12.21 -9.26 -4.34
C ALA B 88 -13.10 -10.21 -5.16
N VAL B 89 -12.50 -10.83 -6.18
CA VAL B 89 -13.05 -12.04 -6.88
C VAL B 89 -12.33 -13.26 -6.31
N TYR B 90 -13.10 -14.27 -5.88
CA TYR B 90 -12.60 -15.53 -5.28
C TYR B 90 -12.72 -16.63 -6.32
N TYR B 91 -11.65 -17.42 -6.49
CA TYR B 91 -11.59 -18.55 -7.45
C TYR B 91 -11.27 -19.85 -6.71
N CYS B 92 -11.97 -20.92 -7.06
CA CYS B 92 -11.58 -22.31 -6.75
C CYS B 92 -10.66 -22.81 -7.86
N HIS B 93 -9.78 -23.77 -7.54
CA HIS B 93 -8.76 -24.35 -8.45
C HIS B 93 -8.61 -25.85 -8.12
N GLN B 94 -8.81 -26.73 -9.10
CA GLN B 94 -8.57 -28.19 -8.97
C GLN B 94 -7.24 -28.52 -9.64
N SER B 95 -6.42 -29.35 -8.98
CA SER B 95 -5.10 -29.85 -9.46
C SER B 95 -5.08 -31.39 -9.42
N ASN B 96 -6.25 -32.03 -9.42
CA ASN B 96 -6.36 -33.51 -9.34
C ASN B 96 -6.07 -34.10 -10.73
N GLU B 97 -6.72 -33.56 -11.76
CA GLU B 97 -6.67 -34.11 -13.13
C GLU B 97 -6.19 -33.02 -14.10
N ASP B 98 -5.38 -33.41 -15.10
CA ASP B 98 -4.87 -32.52 -16.17
C ASP B 98 -5.99 -32.27 -17.17
N PRO B 99 -6.18 -31.04 -17.69
CA PRO B 99 -5.46 -29.85 -17.24
C PRO B 99 -6.00 -29.33 -15.90
N PRO B 100 -5.17 -28.70 -15.03
CA PRO B 100 -5.68 -27.90 -13.92
C PRO B 100 -6.67 -26.85 -14.47
N THR B 101 -7.77 -26.63 -13.74
CA THR B 101 -8.88 -25.74 -14.14
C THR B 101 -9.32 -24.89 -12.94
N PHE B 102 -9.94 -23.74 -13.24
CA PHE B 102 -10.43 -22.75 -12.25
C PHE B 102 -11.93 -22.56 -12.43
N GLY B 103 -12.60 -22.18 -11.34
CA GLY B 103 -14.01 -21.72 -11.37
C GLY B 103 -14.13 -20.39 -12.08
N GLY B 104 -15.36 -20.01 -12.43
CA GLY B 104 -15.70 -18.76 -13.12
C GLY B 104 -15.56 -17.54 -12.20
N GLY B 105 -15.36 -17.73 -10.90
CA GLY B 105 -15.12 -16.62 -9.95
C GLY B 105 -16.38 -16.19 -9.24
N THR B 106 -16.22 -15.62 -8.03
CA THR B 106 -17.31 -15.06 -7.19
C THR B 106 -16.87 -13.69 -6.70
N LYS B 107 -17.62 -12.64 -7.08
CA LYS B 107 -17.34 -11.24 -6.69
C LYS B 107 -17.97 -10.98 -5.32
N VAL B 108 -17.15 -10.63 -4.33
CA VAL B 108 -17.61 -10.22 -2.97
C VAL B 108 -17.51 -8.70 -2.90
N GLU B 109 -18.62 -8.02 -2.59
CA GLU B 109 -18.69 -6.57 -2.31
C GLU B 109 -19.20 -6.37 -0.88
N ILE B 110 -18.82 -5.25 -0.26
CA ILE B 110 -19.38 -4.76 1.03
C ILE B 110 -20.66 -3.98 0.71
N LYS B 111 -21.74 -4.26 1.44
N LYS B 111 -21.74 -4.26 1.44
CA LYS B 111 -22.93 -3.37 1.54
CA LYS B 111 -22.93 -3.37 1.53
C LYS B 111 -22.71 -2.48 2.75
C LYS B 111 -22.74 -2.48 2.75
N ARG B 112 -22.61 -1.15 2.55
CA ARG B 112 -22.31 -0.17 3.63
C ARG B 112 -23.33 0.97 3.56
N THR B 113 -23.17 1.99 4.41
CA THR B 113 -24.06 3.18 4.47
C THR B 113 -23.88 4.01 3.19
N VAL B 114 -24.91 4.76 2.82
CA VAL B 114 -24.88 5.75 1.70
C VAL B 114 -23.81 6.80 2.03
N ALA B 115 -22.99 7.15 1.03
CA ALA B 115 -21.93 8.16 1.13
C ALA B 115 -21.99 9.05 -0.12
N ALA B 116 -22.10 10.37 0.08
CA ALA B 116 -22.17 11.39 -1.01
C ALA B 116 -20.81 11.50 -1.67
N PRO B 117 -20.72 11.68 -3.01
CA PRO B 117 -19.46 12.01 -3.65
C PRO B 117 -19.03 13.44 -3.32
N SER B 118 -17.76 13.61 -2.98
CA SER B 118 -17.02 14.89 -3.09
C SER B 118 -16.72 15.13 -4.58
N VAL B 119 -17.19 16.24 -5.13
CA VAL B 119 -17.07 16.58 -6.58
C VAL B 119 -15.93 17.58 -6.77
N PHE B 120 -15.07 17.34 -7.77
CA PHE B 120 -13.98 18.23 -8.22
C PHE B 120 -14.05 18.35 -9.76
N ILE B 121 -13.74 19.54 -10.29
CA ILE B 121 -13.65 19.80 -11.76
C ILE B 121 -12.24 20.31 -12.07
N PHE B 122 -11.68 19.87 -13.19
CA PHE B 122 -10.30 20.16 -13.66
C PHE B 122 -10.34 20.71 -15.08
N PRO B 123 -9.96 21.98 -15.32
CA PRO B 123 -9.87 22.50 -16.68
C PRO B 123 -8.72 21.82 -17.43
N PRO B 124 -8.72 21.84 -18.78
CA PRO B 124 -7.58 21.32 -19.54
C PRO B 124 -6.32 22.15 -19.25
N SER B 125 -5.16 21.49 -19.22
CA SER B 125 -3.83 22.13 -19.06
C SER B 125 -3.51 22.99 -20.30
N ASP B 126 -2.75 24.07 -20.12
CA ASP B 126 -2.23 24.91 -21.24
C ASP B 126 -1.38 24.04 -22.16
N GLU B 127 -0.53 23.18 -21.57
CA GLU B 127 0.28 22.14 -22.26
C GLU B 127 -0.55 21.39 -23.31
N GLN B 128 -1.70 20.86 -22.90
CA GLN B 128 -2.58 20.02 -23.78
C GLN B 128 -3.20 20.88 -24.89
N LEU B 129 -3.66 22.09 -24.56
CA LEU B 129 -4.39 23.01 -25.50
C LEU B 129 -3.52 23.31 -26.73
N LYS B 130 -2.19 23.43 -26.56
CA LYS B 130 -1.23 23.66 -27.69
C LYS B 130 -1.29 22.48 -28.68
N SER B 131 -1.60 21.26 -28.21
CA SER B 131 -1.75 20.04 -29.03
C SER B 131 -3.03 20.07 -29.89
N GLY B 132 -4.01 20.92 -29.54
CA GLY B 132 -5.27 21.12 -30.28
C GLY B 132 -6.44 20.26 -29.77
N THR B 133 -6.33 19.72 -28.55
CA THR B 133 -7.43 18.99 -27.86
C THR B 133 -7.59 19.54 -26.44
N ALA B 134 -8.84 19.57 -25.96
CA ALA B 134 -9.21 20.02 -24.60
C ALA B 134 -9.90 18.86 -23.87
N SER B 135 -9.27 18.36 -22.79
CA SER B 135 -9.84 17.34 -21.87
C SER B 135 -10.27 18.05 -20.58
N VAL B 136 -11.57 18.05 -20.29
CA VAL B 136 -12.15 18.57 -19.01
C VAL B 136 -12.52 17.33 -18.18
N VAL B 137 -12.04 17.25 -16.93
CA VAL B 137 -12.20 16.06 -16.05
C VAL B 137 -13.08 16.44 -14.84
N CYS B 138 -14.14 15.67 -14.59
CA CYS B 138 -14.98 15.74 -13.37
C CYS B 138 -14.71 14.48 -12.54
N LEU B 139 -14.26 14.66 -11.28
CA LEU B 139 -13.97 13.58 -10.31
C LEU B 139 -15.09 13.50 -9.27
N LEU B 140 -15.75 12.34 -9.16
CA LEU B 140 -16.67 11.97 -8.05
C LEU B 140 -15.90 11.03 -7.11
N ASN B 141 -15.56 11.50 -5.91
CA ASN B 141 -14.66 10.76 -4.98
C ASN B 141 -15.42 10.18 -3.78
N ASN B 142 -15.25 8.89 -3.51
CA ASN B 142 -15.55 8.21 -2.22
C ASN B 142 -17.06 8.24 -1.94
N PHE B 143 -17.84 7.59 -2.81
CA PHE B 143 -19.33 7.53 -2.72
C PHE B 143 -19.79 6.07 -2.66
N TYR B 144 -20.97 5.86 -2.05
CA TYR B 144 -21.71 4.58 -2.02
C TYR B 144 -23.21 4.86 -2.09
N PRO B 145 -24.04 4.12 -2.88
CA PRO B 145 -23.60 3.02 -3.74
C PRO B 145 -23.04 3.44 -5.11
N ARG B 146 -22.70 2.47 -5.96
CA ARG B 146 -21.98 2.65 -7.27
C ARG B 146 -22.76 3.59 -8.20
N GLU B 147 -24.10 3.53 -8.19
CA GLU B 147 -24.98 4.20 -9.19
C GLU B 147 -24.83 5.72 -9.07
N ALA B 148 -24.43 6.40 -10.15
CA ALA B 148 -24.22 7.87 -10.19
C ALA B 148 -24.50 8.40 -11.60
N LYS B 149 -24.95 9.65 -11.70
CA LYS B 149 -25.15 10.38 -12.98
C LYS B 149 -24.25 11.61 -12.96
N VAL B 150 -23.44 11.77 -14.01
CA VAL B 150 -22.65 12.99 -14.33
C VAL B 150 -23.25 13.62 -15.60
N GLN B 151 -23.58 14.90 -15.54
CA GLN B 151 -24.06 15.68 -16.72
C GLN B 151 -23.08 16.83 -16.96
N TRP B 152 -22.52 16.90 -18.17
CA TRP B 152 -21.64 18.01 -18.63
C TRP B 152 -22.49 19.12 -19.24
N LYS B 153 -22.29 20.35 -18.78
CA LYS B 153 -22.91 21.59 -19.32
C LYS B 153 -21.81 22.53 -19.83
N VAL B 154 -21.97 23.02 -21.07
CA VAL B 154 -21.09 24.04 -21.71
C VAL B 154 -21.95 25.26 -22.07
N ASP B 155 -21.76 26.39 -21.38
CA ASP B 155 -22.66 27.57 -21.41
C ASP B 155 -24.11 27.11 -21.19
N ASN B 156 -24.34 26.25 -20.18
CA ASN B 156 -25.66 25.69 -19.78
C ASN B 156 -26.28 24.79 -20.86
N ALA B 157 -25.58 24.50 -21.98
CA ALA B 157 -26.03 23.55 -23.02
C ALA B 157 -25.55 22.14 -22.65
N LEU B 158 -26.48 21.22 -22.38
CA LEU B 158 -26.16 19.87 -21.84
C LEU B 158 -25.51 19.05 -22.96
N GLN B 159 -24.41 18.37 -22.65
CA GLN B 159 -23.52 17.70 -23.63
C GLN B 159 -23.92 16.23 -23.78
N SER B 160 -23.63 15.64 -24.95
CA SER B 160 -23.96 14.24 -25.31
C SER B 160 -23.01 13.72 -26.39
N GLY B 161 -22.52 12.48 -26.24
CA GLY B 161 -21.68 11.76 -27.22
C GLY B 161 -20.20 12.10 -27.12
N ASN B 162 -19.79 13.04 -26.25
CA ASN B 162 -18.40 13.60 -26.20
C ASN B 162 -17.79 13.45 -24.79
N SER B 163 -18.27 12.51 -24.00
CA SER B 163 -17.72 12.19 -22.65
C SER B 163 -17.55 10.68 -22.50
N GLN B 164 -16.62 10.27 -21.64
CA GLN B 164 -16.41 8.84 -21.25
C GLN B 164 -16.22 8.77 -19.74
N GLU B 165 -16.76 7.71 -19.12
CA GLU B 165 -16.76 7.48 -17.65
C GLU B 165 -15.84 6.29 -17.33
N SER B 166 -15.21 6.34 -16.15
CA SER B 166 -14.45 5.21 -15.55
C SER B 166 -14.70 5.17 -14.04
N VAL B 167 -14.94 3.97 -13.49
CA VAL B 167 -15.27 3.71 -12.07
C VAL B 167 -14.23 2.74 -11.49
N THR B 168 -13.67 3.06 -10.34
CA THR B 168 -12.81 2.15 -9.54
C THR B 168 -13.71 1.05 -8.95
N GLU B 169 -13.11 -0.11 -8.63
CA GLU B 169 -13.74 -1.12 -7.75
C GLU B 169 -13.69 -0.60 -6.30
N GLN B 170 -14.40 -1.29 -5.42
CA GLN B 170 -14.69 -0.86 -4.03
C GLN B 170 -13.38 -0.71 -3.26
N ASP B 171 -13.15 0.45 -2.63
CA ASP B 171 -11.94 0.78 -1.86
C ASP B 171 -11.78 -0.21 -0.70
N SER B 172 -10.56 -0.67 -0.44
CA SER B 172 -10.23 -1.74 0.52
C SER B 172 -10.34 -1.26 1.97
N LYS B 173 -10.46 0.05 2.22
CA LYS B 173 -10.57 0.63 3.60
C LYS B 173 -12.00 1.08 3.91
N ASP B 174 -12.60 1.94 3.07
CA ASP B 174 -13.90 2.63 3.36
C ASP B 174 -15.04 2.09 2.48
N SER B 175 -14.77 1.09 1.62
CA SER B 175 -15.79 0.34 0.83
C SER B 175 -16.57 1.26 -0.11
N THR B 176 -15.98 2.38 -0.55
CA THR B 176 -16.62 3.35 -1.47
C THR B 176 -16.13 3.13 -2.90
N TYR B 177 -16.82 3.76 -3.85
CA TYR B 177 -16.43 3.88 -5.28
C TYR B 177 -15.98 5.32 -5.55
N SER B 178 -15.09 5.49 -6.53
CA SER B 178 -14.76 6.79 -7.15
C SER B 178 -15.01 6.68 -8.65
N LEU B 179 -15.31 7.81 -9.29
CA LEU B 179 -15.63 7.89 -10.74
C LEU B 179 -14.97 9.15 -11.32
N SER B 180 -14.40 9.02 -12.52
CA SER B 180 -13.90 10.15 -13.34
C SER B 180 -14.73 10.20 -14.62
N SER B 181 -15.21 11.40 -14.99
CA SER B 181 -15.82 11.72 -16.30
C SER B 181 -14.90 12.68 -17.04
N THR B 182 -14.57 12.39 -18.29
CA THR B 182 -13.73 13.24 -19.17
C THR B 182 -14.58 13.75 -20.34
N LEU B 183 -14.69 15.07 -20.47
CA LEU B 183 -15.28 15.78 -21.65
C LEU B 183 -14.15 16.14 -22.63
N THR B 184 -14.28 15.72 -23.89
CA THR B 184 -13.25 15.88 -24.95
C THR B 184 -13.78 16.81 -26.05
N LEU B 185 -13.21 18.01 -26.14
CA LEU B 185 -13.49 19.01 -27.21
C LEU B 185 -12.21 19.23 -28.02
N SER B 186 -12.36 19.70 -29.27
CA SER B 186 -11.30 20.40 -30.04
C SER B 186 -11.00 21.74 -29.35
N LYS B 187 -9.78 22.25 -29.53
CA LYS B 187 -9.33 23.57 -28.99
C LYS B 187 -10.28 24.67 -29.50
N ALA B 188 -10.64 24.59 -30.79
CA ALA B 188 -11.59 25.51 -31.48
C ALA B 188 -12.92 25.56 -30.71
N ASP B 189 -13.59 24.42 -30.55
CA ASP B 189 -14.91 24.32 -29.87
C ASP B 189 -14.77 24.73 -28.39
N TYR B 190 -13.66 24.36 -27.74
CA TYR B 190 -13.38 24.74 -26.32
C TYR B 190 -13.38 26.27 -26.19
N GLU B 191 -12.74 26.99 -27.12
CA GLU B 191 -12.54 28.46 -27.08
C GLU B 191 -13.83 29.22 -27.49
N LYS B 192 -14.79 28.56 -28.13
CA LYS B 192 -16.12 29.15 -28.50
C LYS B 192 -17.00 29.41 -27.26
N HIS B 193 -16.72 28.76 -26.12
CA HIS B 193 -17.62 28.72 -24.93
C HIS B 193 -16.85 29.15 -23.67
N LYS B 194 -17.55 29.58 -22.61
CA LYS B 194 -16.93 30.18 -21.39
C LYS B 194 -17.15 29.30 -20.15
N VAL B 195 -18.41 28.95 -19.84
CA VAL B 195 -18.83 28.30 -18.56
C VAL B 195 -18.83 26.78 -18.76
N TYR B 196 -17.96 26.07 -18.03
CA TYR B 196 -17.83 24.59 -18.03
C TYR B 196 -18.26 24.05 -16.66
N ALA B 197 -19.25 23.15 -16.66
CA ALA B 197 -19.91 22.63 -15.43
C ALA B 197 -20.16 21.13 -15.56
N CYS B 198 -19.90 20.37 -14.49
CA CYS B 198 -20.38 18.96 -14.34
C CYS B 198 -21.39 18.92 -13.20
N GLU B 199 -22.57 18.35 -13.49
CA GLU B 199 -23.72 18.23 -12.56
C GLU B 199 -23.80 16.77 -12.10
N VAL B 200 -23.67 16.52 -10.79
CA VAL B 200 -23.58 15.17 -10.17
C VAL B 200 -24.89 14.88 -9.43
N THR B 201 -25.61 13.83 -9.86
CA THR B 201 -26.80 13.27 -9.18
C THR B 201 -26.42 11.94 -8.51
N HIS B 202 -26.77 11.78 -7.23
CA HIS B 202 -26.43 10.60 -6.40
C HIS B 202 -27.35 10.54 -5.16
N GLN B 203 -27.71 9.32 -4.72
CA GLN B 203 -28.51 9.02 -3.50
C GLN B 203 -28.07 9.84 -2.28
N GLY B 204 -26.76 9.99 -2.09
CA GLY B 204 -26.15 10.68 -0.93
C GLY B 204 -26.29 12.19 -1.00
N LEU B 205 -26.65 12.74 -2.17
CA LEU B 205 -26.94 14.18 -2.37
C LEU B 205 -28.46 14.39 -2.36
N SER B 206 -28.94 15.34 -1.56
CA SER B 206 -30.39 15.69 -1.44
C SER B 206 -30.91 16.24 -2.77
N SER B 207 -30.09 17.05 -3.47
CA SER B 207 -30.34 17.54 -4.86
C SER B 207 -29.04 17.52 -5.66
N PRO B 208 -29.10 17.42 -7.01
CA PRO B 208 -27.87 17.39 -7.83
C PRO B 208 -26.94 18.59 -7.57
N VAL B 209 -25.65 18.32 -7.32
CA VAL B 209 -24.61 19.35 -7.05
C VAL B 209 -23.86 19.63 -8.36
N THR B 210 -23.46 20.89 -8.58
CA THR B 210 -22.76 21.37 -9.79
C THR B 210 -21.44 21.99 -9.35
N LYS B 211 -20.33 21.54 -9.96
CA LYS B 211 -19.00 22.20 -9.90
C LYS B 211 -18.70 22.76 -11.29
N SER B 212 -18.16 23.99 -11.37
CA SER B 212 -17.94 24.72 -12.64
C SER B 212 -16.70 25.61 -12.56
N PHE B 213 -16.17 26.00 -13.72
CA PHE B 213 -15.13 27.04 -13.89
C PHE B 213 -15.48 27.89 -15.13
N ASN B 214 -14.88 29.08 -15.21
CA ASN B 214 -14.86 29.94 -16.42
C ASN B 214 -13.50 29.80 -17.12
N ARG B 215 -13.50 29.58 -18.44
CA ARG B 215 -12.29 29.37 -19.29
C ARG B 215 -11.23 30.46 -19.04
N GLY B 216 -11.65 31.70 -18.72
CA GLY B 216 -10.80 32.79 -18.18
C GLY B 216 -9.82 32.33 -17.11
N GLU B 217 -10.29 31.58 -16.10
CA GLU B 217 -9.48 30.82 -15.11
C GLU B 217 -8.58 31.78 -14.31
N CYS B 218 -9.18 32.66 -13.52
CA CYS B 218 -8.49 33.61 -12.60
C CYS B 218 -7.60 34.58 -13.41
N GLU C 1 16.90 13.67 -18.08
CA GLU C 1 18.29 13.25 -18.37
C GLU C 1 18.31 12.30 -19.58
N VAL C 2 19.35 12.41 -20.43
CA VAL C 2 19.66 11.40 -21.47
C VAL C 2 20.20 10.15 -20.76
N GLN C 3 19.58 9.00 -21.01
CA GLN C 3 20.01 7.69 -20.47
C GLN C 3 19.92 6.61 -21.54
N LEU C 4 20.86 5.68 -21.52
CA LEU C 4 20.83 4.43 -22.29
C LEU C 4 21.17 3.30 -21.32
N GLN C 5 20.59 2.12 -21.54
CA GLN C 5 20.84 0.91 -20.73
C GLN C 5 20.88 -0.31 -21.64
N GLU C 6 21.99 -1.03 -21.63
CA GLU C 6 22.16 -2.31 -22.38
C GLU C 6 21.59 -3.46 -21.54
N SER C 7 20.96 -4.43 -22.20
CA SER C 7 20.54 -5.74 -21.65
C SER C 7 21.12 -6.84 -22.53
N GLY C 8 21.62 -7.91 -21.90
CA GLY C 8 22.27 -9.04 -22.58
C GLY C 8 22.19 -10.31 -21.72
N PRO C 9 22.57 -11.49 -22.28
CA PRO C 9 22.40 -12.77 -21.58
C PRO C 9 23.48 -13.06 -20.52
N GLY C 10 24.59 -12.30 -20.54
CA GLY C 10 25.81 -12.57 -19.77
C GLY C 10 26.68 -13.59 -20.49
N LEU C 11 26.21 -14.84 -20.55
CA LEU C 11 26.95 -15.95 -21.18
C LEU C 11 26.31 -16.29 -22.54
N VAL C 12 27.14 -16.52 -23.56
CA VAL C 12 26.71 -17.03 -24.89
C VAL C 12 27.63 -18.19 -25.27
N LYS C 13 27.05 -19.31 -25.75
CA LYS C 13 27.81 -20.51 -26.19
C LYS C 13 28.53 -20.18 -27.49
N PRO C 14 29.76 -20.71 -27.71
CA PRO C 14 30.44 -20.57 -29.00
C PRO C 14 29.55 -21.02 -30.18
N SER C 15 29.63 -20.30 -31.31
CA SER C 15 28.93 -20.56 -32.59
C SER C 15 27.45 -20.12 -32.54
N GLU C 16 26.93 -19.72 -31.38
CA GLU C 16 25.52 -19.25 -31.22
C GLU C 16 25.47 -17.73 -31.45
N THR C 17 24.26 -17.16 -31.39
CA THR C 17 23.98 -15.73 -31.72
C THR C 17 23.89 -14.92 -30.42
N LEU C 18 24.67 -13.84 -30.33
CA LEU C 18 24.56 -12.82 -29.26
C LEU C 18 23.41 -11.87 -29.62
N SER C 19 22.44 -11.71 -28.71
CA SER C 19 21.30 -10.76 -28.81
C SER C 19 21.38 -9.74 -27.67
N LEU C 20 21.49 -8.45 -28.01
CA LEU C 20 21.48 -7.34 -27.03
C LEU C 20 20.37 -6.36 -27.38
N THR C 21 19.83 -5.70 -26.36
N THR C 21 19.85 -5.68 -26.36
CA THR C 21 18.88 -4.57 -26.50
CA THR C 21 18.88 -4.56 -26.49
C THR C 21 19.45 -3.34 -25.77
C THR C 21 19.44 -3.34 -25.77
N CYS C 22 19.31 -2.17 -26.39
CA CYS C 22 19.65 -0.84 -25.83
C CYS C 22 18.35 -0.05 -25.67
N THR C 23 17.92 0.19 -24.43
CA THR C 23 16.70 0.98 -24.09
C THR C 23 17.13 2.40 -23.75
N VAL C 24 16.48 3.41 -24.35
CA VAL C 24 16.86 4.85 -24.27
C VAL C 24 15.73 5.64 -23.60
N SER C 25 16.09 6.73 -22.93
CA SER C 25 15.13 7.72 -22.37
C SER C 25 15.75 9.11 -22.39
N GLY C 26 14.87 10.13 -22.40
CA GLY C 26 15.24 11.55 -22.41
C GLY C 26 15.58 12.06 -23.80
N PHE C 27 15.41 11.25 -24.85
CA PHE C 27 15.54 11.67 -26.26
C PHE C 27 14.82 10.66 -27.15
N SER C 28 14.63 11.02 -28.42
CA SER C 28 13.91 10.23 -29.44
C SER C 28 14.93 9.63 -30.43
N LEU C 29 14.74 8.36 -30.79
CA LEU C 29 15.54 7.65 -31.82
C LEU C 29 15.21 8.16 -33.23
N THR C 30 14.12 8.92 -33.40
CA THR C 30 13.79 9.65 -34.66
C THR C 30 14.78 10.78 -34.92
N ASN C 31 15.40 11.34 -33.87
CA ASN C 31 16.29 12.54 -33.92
C ASN C 31 17.77 12.15 -33.86
N TYR C 32 18.13 11.10 -33.11
CA TYR C 32 19.55 10.72 -32.85
C TYR C 32 19.86 9.33 -33.40
N ALA C 33 21.10 9.17 -33.88
CA ALA C 33 21.73 7.86 -34.17
C ALA C 33 22.11 7.18 -32.84
N VAL C 34 22.28 5.86 -32.87
CA VAL C 34 22.86 5.04 -31.77
C VAL C 34 23.92 4.12 -32.36
N SER C 35 25.14 4.14 -31.79
CA SER C 35 26.26 3.23 -32.16
C SER C 35 26.42 2.14 -31.11
N TRP C 36 26.90 0.97 -31.55
CA TRP C 36 27.38 -0.14 -30.68
C TRP C 36 28.91 -0.15 -30.71
N VAL C 37 29.52 -0.10 -29.52
CA VAL C 37 31.00 -0.14 -29.33
C VAL C 37 31.27 -1.21 -28.27
N ARG C 38 32.27 -2.06 -28.51
CA ARG C 38 32.68 -3.11 -27.53
C ARG C 38 34.11 -2.86 -27.06
N GLN C 39 34.44 -3.40 -25.88
CA GLN C 39 35.75 -3.30 -25.23
C GLN C 39 36.11 -4.66 -24.63
N PRO C 40 36.97 -5.47 -25.31
CA PRO C 40 37.46 -6.71 -24.71
C PRO C 40 38.19 -6.39 -23.40
N PRO C 41 38.15 -7.27 -22.36
CA PRO C 41 38.68 -6.92 -21.04
C PRO C 41 40.16 -6.47 -21.11
N GLY C 42 40.45 -5.29 -20.55
CA GLY C 42 41.80 -4.67 -20.54
C GLY C 42 42.32 -4.25 -21.92
N LYS C 43 41.46 -4.15 -22.94
CA LYS C 43 41.81 -3.73 -24.32
C LYS C 43 41.12 -2.39 -24.63
N GLY C 44 41.28 -1.89 -25.86
CA GLY C 44 40.69 -0.62 -26.34
C GLY C 44 39.28 -0.80 -26.89
N LEU C 45 38.76 0.26 -27.50
CA LEU C 45 37.36 0.38 -27.99
C LEU C 45 37.30 0.02 -29.48
N GLU C 46 36.30 -0.77 -29.87
CA GLU C 46 36.07 -1.22 -31.27
C GLU C 46 34.60 -0.97 -31.62
N TRP C 47 34.37 -0.17 -32.66
CA TRP C 47 33.03 0.17 -33.21
C TRP C 47 32.50 -1.01 -34.02
N LEU C 48 31.25 -1.41 -33.76
CA LEU C 48 30.56 -2.52 -34.47
C LEU C 48 29.72 -1.95 -35.62
N GLY C 49 28.88 -0.97 -35.33
CA GLY C 49 28.00 -0.33 -36.32
C GLY C 49 27.11 0.73 -35.68
N VAL C 50 26.30 1.39 -36.52
CA VAL C 50 25.41 2.52 -36.13
C VAL C 50 24.01 2.30 -36.71
N MET C 51 22.98 2.62 -35.94
CA MET C 51 21.58 2.81 -36.42
C MET C 51 21.32 4.32 -36.52
N TRP C 52 21.23 4.85 -37.74
CA TRP C 52 20.94 6.28 -38.01
C TRP C 52 19.48 6.59 -37.64
N ALA C 53 19.17 7.86 -37.43
CA ALA C 53 17.82 8.40 -37.10
C ALA C 53 16.78 7.88 -38.11
N GLY C 54 17.10 7.90 -39.41
CA GLY C 54 16.16 7.52 -40.48
C GLY C 54 16.00 6.02 -40.66
N GLY C 55 16.74 5.18 -39.91
CA GLY C 55 16.55 3.70 -39.89
C GLY C 55 17.60 2.95 -40.70
N GLY C 56 18.44 3.65 -41.47
CA GLY C 56 19.58 3.07 -42.19
C GLY C 56 20.72 2.70 -41.24
N THR C 57 21.44 1.62 -41.56
CA THR C 57 22.59 1.13 -40.76
C THR C 57 23.89 1.24 -41.56
N ASN C 58 24.99 1.46 -40.84
CA ASN C 58 26.38 1.26 -41.36
C ASN C 58 27.11 0.37 -40.37
N TYR C 59 27.79 -0.66 -40.88
CA TYR C 59 28.54 -1.66 -40.08
C TYR C 59 30.04 -1.53 -40.37
N ASN C 60 30.85 -1.84 -39.36
CA ASN C 60 32.30 -2.11 -39.51
C ASN C 60 32.45 -3.36 -40.39
N SER C 61 33.23 -3.28 -41.47
CA SER C 61 33.31 -4.31 -42.54
C SER C 61 33.77 -5.66 -41.98
N VAL C 62 34.57 -5.65 -40.90
CA VAL C 62 35.04 -6.85 -40.14
C VAL C 62 33.84 -7.63 -39.57
N PHE C 63 32.69 -6.98 -39.31
CA PHE C 63 31.47 -7.58 -38.71
C PHE C 63 30.32 -7.73 -39.73
N LYS C 64 30.44 -7.18 -40.93
CA LYS C 64 29.35 -7.11 -41.95
C LYS C 64 28.63 -8.45 -42.11
N SER C 65 29.37 -9.56 -42.16
CA SER C 65 28.83 -10.92 -42.44
C SER C 65 28.07 -11.49 -41.23
N ARG C 66 28.29 -10.98 -40.01
CA ARG C 66 27.76 -11.58 -38.75
C ARG C 66 26.81 -10.64 -37.98
N LEU C 67 26.80 -9.34 -38.28
CA LEU C 67 26.19 -8.29 -37.42
C LEU C 67 24.91 -7.75 -38.07
N THR C 68 23.85 -7.64 -37.29
CA THR C 68 22.60 -6.94 -37.63
C THR C 68 22.25 -5.99 -36.48
N ILE C 69 22.01 -4.72 -36.80
CA ILE C 69 21.44 -3.71 -35.88
C ILE C 69 20.06 -3.35 -36.43
N SER C 70 19.04 -3.40 -35.58
CA SER C 70 17.67 -2.92 -35.86
C SER C 70 17.20 -2.02 -34.70
N LYS C 71 16.07 -1.35 -34.88
CA LYS C 71 15.44 -0.54 -33.80
C LYS C 71 13.93 -0.52 -33.96
N ASP C 72 13.25 -0.07 -32.91
CA ASP C 72 11.81 0.33 -32.91
C ASP C 72 11.73 1.67 -32.19
N ASN C 73 11.59 2.76 -32.95
CA ASN C 73 11.49 4.16 -32.44
C ASN C 73 10.44 4.22 -31.33
N SER C 74 9.29 3.62 -31.57
CA SER C 74 8.07 3.69 -30.72
C SER C 74 8.27 2.94 -29.39
N LYS C 75 9.20 1.96 -29.33
CA LYS C 75 9.53 1.19 -28.09
C LYS C 75 10.85 1.69 -27.46
N ASN C 76 11.48 2.73 -28.02
CA ASN C 76 12.70 3.38 -27.47
C ASN C 76 13.83 2.37 -27.34
N GLN C 77 14.00 1.50 -28.34
CA GLN C 77 14.94 0.35 -28.27
C GLN C 77 15.72 0.21 -29.59
N VAL C 78 17.03 -0.02 -29.47
CA VAL C 78 17.92 -0.45 -30.58
C VAL C 78 18.42 -1.85 -30.19
N SER C 79 18.50 -2.75 -31.17
CA SER C 79 18.85 -4.17 -30.93
C SER C 79 20.10 -4.54 -31.74
N LEU C 80 20.91 -5.45 -31.21
CA LEU C 80 22.13 -5.98 -31.86
C LEU C 80 22.01 -7.50 -31.92
N LYS C 81 22.36 -8.09 -33.06
CA LYS C 81 22.47 -9.55 -33.26
C LYS C 81 23.84 -9.83 -33.87
N LEU C 82 24.70 -10.59 -33.19
CA LEU C 82 26.03 -11.01 -33.70
C LEU C 82 26.06 -12.55 -33.73
N SER C 83 26.07 -13.13 -34.93
CA SER C 83 26.01 -14.60 -35.15
C SER C 83 27.42 -15.21 -35.06
N SER C 84 27.49 -16.54 -34.91
CA SER C 84 28.73 -17.36 -34.96
C SER C 84 29.79 -16.79 -34.00
N VAL C 85 29.43 -16.55 -32.73
CA VAL C 85 30.34 -15.89 -31.74
C VAL C 85 31.47 -16.86 -31.38
N THR C 86 32.70 -16.33 -31.24
CA THR C 86 33.91 -17.03 -30.72
C THR C 86 34.39 -16.29 -29.47
N ALA C 87 35.44 -16.80 -28.82
CA ALA C 87 36.07 -16.22 -27.60
C ALA C 87 36.48 -14.77 -27.85
N ALA C 88 36.84 -14.43 -29.10
CA ALA C 88 37.23 -13.08 -29.56
C ALA C 88 36.09 -12.06 -29.37
N ASP C 89 34.83 -12.50 -29.24
CA ASP C 89 33.66 -11.61 -29.09
C ASP C 89 33.35 -11.36 -27.61
N THR C 90 34.09 -11.98 -26.67
CA THR C 90 34.03 -11.64 -25.22
C THR C 90 34.44 -10.18 -25.03
N ALA C 91 33.55 -9.36 -24.49
CA ALA C 91 33.74 -7.90 -24.35
C ALA C 91 32.58 -7.28 -23.56
N VAL C 92 32.81 -6.10 -22.99
CA VAL C 92 31.73 -5.17 -22.55
C VAL C 92 31.16 -4.53 -23.82
N TYR C 93 29.86 -4.70 -24.07
CA TYR C 93 29.14 -4.08 -25.22
C TYR C 93 28.44 -2.82 -24.72
N TYR C 94 28.69 -1.71 -25.41
CA TYR C 94 28.09 -0.39 -25.12
C TYR C 94 27.20 0.03 -26.29
N CYS C 95 26.05 0.62 -25.99
CA CYS C 95 25.31 1.52 -26.93
C CYS C 95 25.59 2.97 -26.54
N ALA C 96 25.77 3.84 -27.53
CA ALA C 96 26.03 5.28 -27.34
C ALA C 96 25.13 6.10 -28.27
N ARG C 97 24.50 7.15 -27.72
CA ARG C 97 23.80 8.16 -28.54
C ARG C 97 24.82 8.93 -29.38
N GLU C 98 24.56 9.06 -30.68
CA GLU C 98 25.50 9.68 -31.66
C GLU C 98 24.79 10.88 -32.30
N ARG C 99 25.44 12.04 -32.31
CA ARG C 99 24.96 13.29 -32.96
C ARG C 99 25.01 13.05 -34.47
N PRO C 100 23.88 13.08 -35.20
CA PRO C 100 23.82 12.57 -36.57
C PRO C 100 24.73 13.24 -37.62
N LEU C 101 25.09 14.51 -37.43
CA LEU C 101 25.87 15.31 -38.43
C LEU C 101 27.38 15.21 -38.16
N THR C 102 27.81 15.01 -36.91
CA THR C 102 29.23 15.08 -36.47
C THR C 102 29.80 13.73 -35.99
N GLY C 103 28.95 12.75 -35.67
CA GLY C 103 29.37 11.41 -35.23
C GLY C 103 29.87 11.40 -33.78
N VAL C 104 29.62 12.48 -33.03
CA VAL C 104 30.02 12.59 -31.59
C VAL C 104 29.13 11.64 -30.78
N MET C 105 29.74 10.72 -30.03
CA MET C 105 29.05 9.77 -29.14
C MET C 105 29.03 10.38 -27.73
N ASP C 106 27.94 11.05 -27.34
CA ASP C 106 27.93 12.00 -26.18
C ASP C 106 27.42 11.33 -24.90
N TYR C 107 26.60 10.28 -25.01
CA TYR C 107 26.01 9.54 -23.86
C TYR C 107 26.11 8.06 -24.14
N TRP C 108 26.70 7.33 -23.19
CA TRP C 108 26.98 5.88 -23.26
C TRP C 108 26.19 5.19 -22.15
N GLY C 109 25.68 3.98 -22.43
CA GLY C 109 25.11 3.10 -21.39
C GLY C 109 26.19 2.57 -20.48
N GLN C 110 25.78 1.93 -19.37
CA GLN C 110 26.70 1.38 -18.33
C GLN C 110 27.51 0.22 -18.93
N GLY C 111 26.97 -0.45 -19.95
CA GLY C 111 27.63 -1.57 -20.63
C GLY C 111 27.10 -2.89 -20.12
N THR C 112 27.15 -3.92 -20.96
CA THR C 112 26.86 -5.32 -20.56
C THR C 112 28.08 -6.16 -20.95
N LEU C 113 28.66 -6.89 -19.99
CA LEU C 113 29.76 -7.85 -20.23
C LEU C 113 29.16 -9.13 -20.83
N VAL C 114 29.59 -9.49 -22.05
CA VAL C 114 29.23 -10.77 -22.72
C VAL C 114 30.47 -11.69 -22.68
N THR C 115 30.36 -12.83 -22.00
CA THR C 115 31.40 -13.89 -21.97
C THR C 115 30.98 -15.00 -22.94
N VAL C 116 31.81 -15.30 -23.93
CA VAL C 116 31.61 -16.45 -24.87
C VAL C 116 32.33 -17.67 -24.28
N SER C 117 31.58 -18.68 -23.86
CA SER C 117 32.08 -19.86 -23.11
C SER C 117 31.08 -21.02 -23.22
N SER C 118 31.59 -22.26 -23.24
N SER C 118 31.59 -22.26 -23.24
CA SER C 118 30.79 -23.52 -23.19
CA SER C 118 30.80 -23.52 -23.20
C SER C 118 30.46 -23.88 -21.74
C SER C 118 30.46 -23.88 -21.74
N ALA C 119 31.12 -23.24 -20.77
CA ALA C 119 30.93 -23.51 -19.32
C ALA C 119 29.59 -22.98 -18.84
N SER C 120 29.14 -23.46 -17.68
CA SER C 120 27.81 -23.21 -17.09
C SER C 120 27.79 -21.85 -16.38
N THR C 121 26.64 -21.19 -16.40
CA THR C 121 26.30 -20.07 -15.49
C THR C 121 26.23 -20.63 -14.07
N LYS C 122 26.69 -19.87 -13.08
CA LYS C 122 26.63 -20.26 -11.65
C LYS C 122 26.63 -19.00 -10.78
N GLY C 123 25.60 -18.84 -9.95
CA GLY C 123 25.48 -17.69 -9.02
C GLY C 123 26.47 -17.82 -7.88
N PRO C 124 26.87 -16.71 -7.23
CA PRO C 124 27.86 -16.76 -6.15
C PRO C 124 27.33 -17.26 -4.80
N SER C 125 28.24 -17.78 -3.97
CA SER C 125 28.06 -17.95 -2.50
C SER C 125 28.67 -16.73 -1.83
N VAL C 126 27.96 -16.12 -0.88
CA VAL C 126 28.42 -14.90 -0.15
C VAL C 126 28.67 -15.27 1.31
N PHE C 127 29.90 -15.04 1.78
CA PHE C 127 30.36 -15.32 3.15
C PHE C 127 30.77 -14.00 3.80
N PRO C 128 30.52 -13.80 5.11
CA PRO C 128 30.95 -12.58 5.79
C PRO C 128 32.46 -12.58 6.06
N LEU C 129 33.09 -11.43 5.83
CA LEU C 129 34.43 -11.08 6.37
C LEU C 129 34.17 -10.29 7.66
N ALA C 130 34.09 -11.00 8.79
CA ALA C 130 33.53 -10.49 10.05
C ALA C 130 34.50 -9.51 10.71
N PRO C 131 34.03 -8.36 11.25
CA PRO C 131 34.89 -7.47 12.03
C PRO C 131 35.25 -8.15 13.37
N SER C 132 36.51 -8.03 13.77
CA SER C 132 37.13 -8.80 14.88
C SER C 132 38.05 -7.88 15.67
N SER C 133 38.57 -8.32 16.82
CA SER C 133 39.55 -7.59 17.66
C SER C 133 40.97 -7.95 17.22
N SER C 135 39.57 -7.42 11.01
CA SER C 135 40.01 -7.12 12.40
C SER C 135 39.90 -5.61 12.68
N THR C 136 40.25 -5.18 13.91
CA THR C 136 40.15 -3.78 14.41
C THR C 136 41.55 -3.20 14.63
N SER C 137 41.85 -2.06 14.01
CA SER C 137 43.10 -1.27 14.19
C SER C 137 42.78 0.03 14.97
N GLY C 138 42.67 -0.08 16.29
CA GLY C 138 42.39 1.04 17.21
C GLY C 138 41.02 1.65 16.99
N GLY C 139 40.95 2.74 16.21
CA GLY C 139 39.73 3.52 15.91
C GLY C 139 38.95 3.02 14.69
N THR C 140 39.65 2.56 13.64
CA THR C 140 39.07 2.03 12.38
C THR C 140 38.94 0.51 12.47
N ALA C 141 37.77 -0.01 12.08
CA ALA C 141 37.46 -1.46 11.96
C ALA C 141 37.17 -1.75 10.49
N ALA C 142 37.68 -2.88 9.98
CA ALA C 142 37.42 -3.39 8.62
C ALA C 142 36.42 -4.55 8.69
N LEU C 143 35.48 -4.59 7.76
CA LEU C 143 34.59 -5.76 7.51
C LEU C 143 34.33 -5.84 6.01
N GLY C 144 33.71 -6.95 5.57
CA GLY C 144 33.54 -7.22 4.13
C GLY C 144 32.61 -8.37 3.86
N CYS C 145 32.48 -8.71 2.57
CA CYS C 145 31.82 -9.92 2.06
C CYS C 145 32.74 -10.60 1.04
N LEU C 146 32.94 -11.90 1.19
CA LEU C 146 33.62 -12.77 0.20
C LEU C 146 32.56 -13.33 -0.75
N VAL C 147 32.65 -12.99 -2.04
CA VAL C 147 31.70 -13.43 -3.11
C VAL C 147 32.44 -14.46 -3.96
N LYS C 148 32.18 -15.75 -3.72
CA LYS C 148 33.00 -16.90 -4.18
C LYS C 148 32.23 -17.79 -5.15
N ASP C 149 32.94 -18.32 -6.16
CA ASP C 149 32.52 -19.46 -7.03
C ASP C 149 31.32 -19.07 -7.91
N TYR C 150 31.40 -17.95 -8.64
CA TYR C 150 30.41 -17.52 -9.65
C TYR C 150 31.02 -17.59 -11.05
N PHE C 151 30.17 -17.70 -12.06
CA PHE C 151 30.55 -17.63 -13.51
C PHE C 151 29.32 -17.25 -14.33
N PRO C 152 29.44 -16.40 -15.39
CA PRO C 152 30.66 -15.66 -15.71
C PRO C 152 30.75 -14.39 -14.86
N GLU C 153 31.63 -13.47 -15.23
CA GLU C 153 31.63 -12.08 -14.71
C GLU C 153 30.42 -11.35 -15.31
N PRO C 154 29.92 -10.25 -14.71
CA PRO C 154 30.43 -9.70 -13.46
C PRO C 154 29.51 -9.83 -12.24
N VAL C 155 30.07 -9.49 -11.09
CA VAL C 155 29.33 -9.24 -9.82
C VAL C 155 29.48 -7.75 -9.49
N THR C 156 28.43 -7.13 -8.95
CA THR C 156 28.46 -5.80 -8.31
C THR C 156 28.08 -5.96 -6.83
N VAL C 157 28.68 -5.15 -5.96
CA VAL C 157 28.43 -5.15 -4.49
C VAL C 157 28.20 -3.70 -4.06
N SER C 158 27.09 -3.45 -3.38
CA SER C 158 26.82 -2.19 -2.64
C SER C 158 26.70 -2.53 -1.16
N TRP C 159 26.62 -1.51 -0.29
CA TRP C 159 26.56 -1.64 1.18
C TRP C 159 25.39 -0.81 1.72
N ASN C 160 24.51 -1.45 2.49
CA ASN C 160 23.29 -0.82 3.08
C ASN C 160 22.47 -0.17 1.96
N SER C 161 22.26 -0.93 0.88
CA SER C 161 21.42 -0.58 -0.30
C SER C 161 21.92 0.70 -0.98
N GLY C 162 23.24 0.97 -0.92
CA GLY C 162 23.88 2.15 -1.55
C GLY C 162 24.08 3.32 -0.59
N ALA C 163 23.59 3.22 0.65
CA ALA C 163 23.71 4.29 1.69
C ALA C 163 25.16 4.44 2.14
N LEU C 164 25.89 3.33 2.32
CA LEU C 164 27.32 3.29 2.71
C LEU C 164 28.21 3.19 1.46
N THR C 165 28.99 4.23 1.17
CA THR C 165 29.91 4.32 0.00
C THR C 165 31.33 4.73 0.41
N SER C 166 31.50 5.57 1.44
CA SER C 166 32.84 6.01 1.91
C SER C 166 33.57 4.84 2.56
N GLY C 167 34.81 4.57 2.14
CA GLY C 167 35.65 3.48 2.67
C GLY C 167 35.44 2.15 1.95
N VAL C 168 34.47 2.06 1.03
CA VAL C 168 34.16 0.82 0.27
C VAL C 168 35.26 0.58 -0.76
N HIS C 169 35.85 -0.62 -0.75
CA HIS C 169 36.75 -1.15 -1.82
C HIS C 169 36.22 -2.51 -2.29
N THR C 170 35.78 -2.60 -3.55
CA THR C 170 35.40 -3.87 -4.21
C THR C 170 36.53 -4.22 -5.17
N PHE C 171 37.20 -5.33 -4.92
CA PHE C 171 38.44 -5.74 -5.64
C PHE C 171 38.07 -6.35 -6.98
N PRO C 172 38.94 -6.25 -8.00
CA PRO C 172 38.78 -7.02 -9.23
C PRO C 172 38.61 -8.51 -8.90
N ALA C 173 37.76 -9.20 -9.64
CA ALA C 173 37.59 -10.66 -9.58
C ALA C 173 38.91 -11.33 -9.96
N VAL C 174 39.26 -12.42 -9.27
CA VAL C 174 40.33 -13.37 -9.70
C VAL C 174 39.64 -14.64 -10.22
N LEU C 175 40.19 -15.24 -11.28
CA LEU C 175 39.80 -16.58 -11.78
C LEU C 175 40.53 -17.62 -10.94
N GLN C 176 39.78 -18.42 -10.18
CA GLN C 176 40.32 -19.54 -9.37
C GLN C 176 40.68 -20.71 -10.30
N SER C 177 41.45 -21.68 -9.81
CA SER C 177 41.88 -22.89 -10.56
C SER C 177 40.68 -23.74 -10.96
N SER C 178 39.59 -23.67 -10.19
CA SER C 178 38.26 -24.28 -10.45
C SER C 178 37.63 -23.77 -11.76
N GLY C 179 38.06 -22.59 -12.26
CA GLY C 179 37.47 -21.92 -13.45
C GLY C 179 36.28 -21.03 -13.09
N LEU C 180 36.01 -20.85 -11.79
CA LEU C 180 34.96 -19.95 -11.25
C LEU C 180 35.63 -18.70 -10.67
N TYR C 181 34.95 -17.55 -10.75
CA TYR C 181 35.45 -16.25 -10.25
C TYR C 181 35.20 -16.14 -8.75
N SER C 182 36.04 -15.33 -8.10
CA SER C 182 35.92 -14.93 -6.67
C SER C 182 36.32 -13.46 -6.56
N LEU C 183 35.62 -12.70 -5.72
CA LEU C 183 36.07 -11.34 -5.30
C LEU C 183 35.62 -11.06 -3.88
N SER C 184 36.28 -10.10 -3.23
CA SER C 184 35.90 -9.56 -1.91
C SER C 184 35.49 -8.09 -2.08
N SER C 185 34.51 -7.66 -1.30
CA SER C 185 34.19 -6.23 -1.07
C SER C 185 34.43 -5.93 0.40
N VAL C 186 35.17 -4.86 0.70
CA VAL C 186 35.53 -4.46 2.09
C VAL C 186 35.07 -3.02 2.31
N VAL C 187 34.83 -2.67 3.57
CA VAL C 187 34.56 -1.28 4.01
C VAL C 187 35.21 -1.09 5.39
N THR C 188 35.82 0.07 5.60
CA THR C 188 36.36 0.53 6.90
C THR C 188 35.30 1.40 7.57
N VAL C 189 35.04 1.16 8.86
CA VAL C 189 33.99 1.88 9.66
C VAL C 189 34.57 2.23 11.02
N PRO C 190 33.95 3.16 11.78
CA PRO C 190 34.29 3.38 13.19
C PRO C 190 34.19 2.10 14.02
N SER C 191 35.16 1.86 14.92
CA SER C 191 35.18 0.73 15.87
C SER C 191 33.99 0.81 16.84
N SER C 192 33.65 2.03 17.28
CA SER C 192 32.54 2.33 18.21
C SER C 192 31.16 2.03 17.58
N SER C 193 31.06 2.01 16.24
CA SER C 193 29.80 1.78 15.47
C SER C 193 29.44 0.29 15.39
N LEU C 194 30.38 -0.63 15.67
CA LEU C 194 30.20 -2.10 15.48
C LEU C 194 29.05 -2.63 16.34
N GLY C 195 28.87 -2.09 17.55
CA GLY C 195 27.81 -2.47 18.49
C GLY C 195 26.42 -2.05 18.02
N THR C 196 26.28 -0.85 17.48
CA THR C 196 24.98 -0.17 17.18
C THR C 196 24.59 -0.38 15.70
N GLN C 197 25.51 -0.08 14.77
CA GLN C 197 25.21 0.05 13.31
C GLN C 197 25.21 -1.33 12.65
N THR C 198 24.18 -1.62 11.85
CA THR C 198 24.04 -2.82 10.97
C THR C 198 24.77 -2.58 9.65
N TYR C 199 25.42 -3.63 9.11
CA TYR C 199 26.16 -3.61 7.82
C TYR C 199 25.73 -4.83 6.98
N ILE C 200 25.09 -4.57 5.84
CA ILE C 200 24.59 -5.59 4.86
C ILE C 200 25.23 -5.30 3.50
N CYS C 201 25.90 -6.28 2.90
CA CYS C 201 26.44 -6.19 1.53
C CYS C 201 25.37 -6.73 0.56
N ASN C 202 25.11 -5.97 -0.50
CA ASN C 202 24.05 -6.25 -1.51
C ASN C 202 24.76 -6.73 -2.78
N VAL C 203 24.78 -8.04 -2.99
CA VAL C 203 25.55 -8.71 -4.08
C VAL C 203 24.59 -9.03 -5.22
N ASN C 204 24.89 -8.55 -6.43
CA ASN C 204 24.07 -8.75 -7.65
C ASN C 204 24.93 -9.47 -8.69
N HIS C 205 24.43 -10.60 -9.22
CA HIS C 205 25.03 -11.36 -10.33
C HIS C 205 23.98 -11.47 -11.45
N LYS C 206 23.96 -10.51 -12.37
CA LYS C 206 22.93 -10.40 -13.46
C LYS C 206 22.94 -11.64 -14.34
N PRO C 207 24.10 -12.23 -14.73
CA PRO C 207 24.11 -13.44 -15.58
C PRO C 207 23.33 -14.65 -15.05
N SER C 208 23.22 -14.82 -13.73
CA SER C 208 22.44 -15.89 -13.05
C SER C 208 21.12 -15.35 -12.46
N ASN C 209 20.85 -14.04 -12.60
CA ASN C 209 19.68 -13.32 -12.03
C ASN C 209 19.61 -13.60 -10.52
N THR C 210 20.76 -13.54 -9.85
CA THR C 210 20.92 -13.77 -8.40
C THR C 210 21.13 -12.43 -7.69
N LYS C 211 20.40 -12.21 -6.61
CA LYS C 211 20.55 -11.08 -5.67
C LYS C 211 20.68 -11.69 -4.26
N VAL C 212 21.79 -11.45 -3.57
CA VAL C 212 22.06 -11.95 -2.19
C VAL C 212 22.38 -10.75 -1.29
N ASP C 213 21.62 -10.59 -0.21
CA ASP C 213 21.93 -9.66 0.91
C ASP C 213 22.50 -10.51 2.04
N LYS C 214 23.65 -10.10 2.61
CA LYS C 214 24.33 -10.81 3.72
C LYS C 214 24.66 -9.82 4.84
N LYS C 215 24.04 -9.98 6.01
CA LYS C 215 24.37 -9.20 7.22
C LYS C 215 25.76 -9.62 7.69
N VAL C 216 26.63 -8.65 7.99
CA VAL C 216 28.03 -8.86 8.47
C VAL C 216 28.11 -8.27 9.87
N GLU C 217 28.43 -9.11 10.87
CA GLU C 217 28.45 -8.71 12.30
C GLU C 217 29.62 -9.38 13.00
N PRO C 218 30.11 -8.81 14.14
CA PRO C 218 31.24 -9.39 14.86
C PRO C 218 31.01 -10.81 15.39
N LYS C 219 32.09 -11.59 15.55
CA LYS C 219 32.07 -12.95 16.14
C LYS C 219 32.17 -12.83 17.67
N ASP D 1 41.42 2.48 -42.97
CA ASP D 1 40.89 2.96 -41.67
C ASP D 1 41.90 3.94 -41.05
N ILE D 2 41.41 5.00 -40.41
CA ILE D 2 42.27 5.99 -39.71
C ILE D 2 42.76 5.35 -38.41
N VAL D 3 44.08 5.23 -38.26
CA VAL D 3 44.77 4.72 -37.05
C VAL D 3 45.08 5.92 -36.15
N LEU D 4 44.66 5.85 -34.89
CA LEU D 4 44.93 6.89 -33.86
C LEU D 4 45.97 6.34 -32.88
N THR D 5 47.07 7.07 -32.70
CA THR D 5 48.21 6.69 -31.85
C THR D 5 48.33 7.74 -30.75
N GLN D 6 48.16 7.34 -29.49
CA GLN D 6 48.24 8.24 -28.33
C GLN D 6 49.67 8.26 -27.77
N SER D 7 50.02 9.32 -27.06
CA SER D 7 51.33 9.48 -26.38
C SER D 7 51.18 10.47 -25.22
N PRO D 8 51.67 10.17 -23.99
CA PRO D 8 52.28 8.90 -23.63
C PRO D 8 51.27 7.73 -23.54
N ASP D 9 51.75 6.50 -23.37
CA ASP D 9 50.91 5.31 -23.05
C ASP D 9 50.45 5.40 -21.59
N SER D 10 51.31 5.88 -20.69
CA SER D 10 50.93 6.21 -19.29
C SER D 10 51.82 7.32 -18.73
N LEU D 11 51.33 8.00 -17.70
CA LEU D 11 52.07 9.07 -17.01
C LEU D 11 51.60 9.17 -15.56
N ALA D 12 52.53 9.51 -14.65
CA ALA D 12 52.30 9.79 -13.23
C ALA D 12 52.54 11.28 -13.01
N VAL D 13 51.55 11.99 -12.46
CA VAL D 13 51.51 13.47 -12.36
C VAL D 13 51.23 13.83 -10.89
N SER D 14 51.85 14.89 -10.39
CA SER D 14 51.63 15.39 -9.01
C SER D 14 50.31 16.17 -8.95
N LEU D 15 49.62 16.11 -7.81
CA LEU D 15 48.36 16.87 -7.55
C LEU D 15 48.58 18.34 -7.91
N GLY D 16 47.72 18.90 -8.78
CA GLY D 16 47.71 20.32 -9.14
C GLY D 16 48.61 20.66 -10.33
N GLU D 17 49.33 19.69 -10.90
CA GLU D 17 50.28 19.90 -12.03
C GLU D 17 49.61 19.51 -13.34
N ARG D 18 50.30 19.75 -14.46
CA ARG D 18 49.73 19.65 -15.83
C ARG D 18 49.90 18.22 -16.37
N ALA D 19 48.84 17.68 -16.98
CA ALA D 19 48.85 16.42 -17.74
C ALA D 19 48.59 16.74 -19.22
N THR D 20 49.51 16.31 -20.09
CA THR D 20 49.47 16.56 -21.55
C THR D 20 49.37 15.19 -22.25
N ILE D 21 48.35 14.98 -23.08
CA ILE D 21 48.07 13.69 -23.78
C ILE D 21 47.91 14.01 -25.27
N ASN D 22 48.79 13.48 -26.12
CA ASN D 22 48.79 13.68 -27.59
C ASN D 22 48.02 12.53 -28.26
N CYS D 23 47.28 12.82 -29.31
CA CYS D 23 46.70 11.84 -30.28
C CYS D 23 47.16 12.26 -31.68
N ARG D 24 47.81 11.36 -32.42
CA ARG D 24 48.14 11.58 -33.85
C ARG D 24 47.32 10.62 -34.70
N ALA D 25 46.81 11.10 -35.85
CA ALA D 25 46.00 10.35 -36.83
C ALA D 25 46.84 10.04 -38.07
N SER D 26 46.63 8.87 -38.67
CA SER D 26 47.34 8.39 -39.89
C SER D 26 46.90 9.20 -41.12
N GLU D 27 45.70 9.76 -41.10
CA GLU D 27 45.13 10.67 -42.13
C GLU D 27 44.43 11.82 -41.42
N SER D 28 44.22 12.94 -42.13
CA SER D 28 43.49 14.12 -41.62
C SER D 28 42.08 13.72 -41.19
N VAL D 29 41.63 14.24 -40.04
CA VAL D 29 40.25 14.05 -39.50
C VAL D 29 39.45 15.36 -39.64
N ASP D 30 39.91 16.28 -40.50
CA ASP D 30 39.26 17.59 -40.76
C ASP D 30 38.38 17.49 -42.00
N TYR D 31 37.23 18.18 -41.96
CA TYR D 31 36.35 18.42 -43.13
C TYR D 31 35.69 19.78 -42.98
N SER D 32 35.88 20.65 -43.98
CA SER D 32 35.23 21.99 -44.14
C SER D 32 35.48 22.85 -42.89
N GLY D 33 36.76 22.97 -42.47
CA GLY D 33 37.18 23.79 -41.33
C GLY D 33 36.64 23.30 -39.99
N ASN D 34 36.30 22.01 -39.87
CA ASN D 34 35.98 21.33 -38.59
C ASN D 34 36.87 20.11 -38.41
N SER D 35 37.39 19.93 -37.19
N SER D 35 37.38 19.92 -37.20
CA SER D 35 38.19 18.75 -36.75
CA SER D 35 38.19 18.75 -36.75
C SER D 35 37.28 17.75 -36.04
C SER D 35 37.28 17.75 -36.04
N PHE D 36 37.18 16.52 -36.56
CA PHE D 36 36.28 15.46 -36.02
C PHE D 36 37.11 14.53 -35.13
N MET D 37 37.79 15.10 -34.12
CA MET D 37 38.55 14.40 -33.06
C MET D 37 37.92 14.77 -31.71
N HIS D 38 37.61 13.77 -30.88
CA HIS D 38 36.88 13.91 -29.61
C HIS D 38 37.65 13.14 -28.53
N TRP D 39 37.49 13.53 -27.26
CA TRP D 39 38.25 12.99 -26.12
C TRP D 39 37.28 12.40 -25.09
N PHE D 40 37.62 11.21 -24.58
CA PHE D 40 36.84 10.46 -23.56
C PHE D 40 37.70 10.16 -22.33
N GLN D 41 37.05 10.14 -21.17
CA GLN D 41 37.59 9.68 -19.87
C GLN D 41 36.89 8.38 -19.50
N GLN D 42 37.64 7.34 -19.13
CA GLN D 42 37.10 6.04 -18.63
C GLN D 42 37.74 5.70 -17.28
N LYS D 43 36.92 5.60 -16.23
CA LYS D 43 37.29 5.02 -14.91
C LYS D 43 36.91 3.53 -14.91
N PRO D 44 37.51 2.70 -14.02
CA PRO D 44 37.25 1.25 -14.01
C PRO D 44 35.77 0.89 -13.83
N GLY D 45 35.28 -0.06 -14.65
CA GLY D 45 33.88 -0.55 -14.62
C GLY D 45 32.86 0.52 -14.96
N GLN D 46 33.27 1.56 -15.71
CA GLN D 46 32.40 2.68 -16.15
C GLN D 46 32.58 2.83 -17.65
N PRO D 47 31.58 3.42 -18.36
CA PRO D 47 31.74 3.70 -19.78
C PRO D 47 32.67 4.89 -20.02
N PRO D 48 33.13 5.09 -21.27
CA PRO D 48 33.72 6.37 -21.67
C PRO D 48 32.76 7.53 -21.39
N LYS D 49 33.30 8.63 -20.88
CA LYS D 49 32.59 9.90 -20.62
C LYS D 49 33.19 10.97 -21.55
N LEU D 50 32.38 11.55 -22.46
CA LEU D 50 32.81 12.63 -23.40
C LEU D 50 33.30 13.84 -22.60
N LEU D 51 34.53 14.30 -22.88
CA LEU D 51 35.16 15.49 -22.25
C LEU D 51 35.09 16.66 -23.23
N ILE D 52 35.57 16.41 -24.45
CA ILE D 52 35.77 17.44 -25.53
C ILE D 52 35.30 16.83 -26.85
N TYR D 53 34.53 17.61 -27.61
CA TYR D 53 34.06 17.25 -28.98
C TYR D 53 34.62 18.26 -29.98
N ARG D 54 34.83 17.81 -31.20
CA ARG D 54 35.40 18.53 -32.36
C ARG D 54 36.62 19.35 -31.92
N ALA D 55 37.58 18.66 -31.27
CA ALA D 55 38.97 19.08 -30.97
C ALA D 55 39.04 20.00 -29.74
N SER D 56 38.17 21.02 -29.63
CA SER D 56 38.34 22.14 -28.66
C SER D 56 37.07 22.46 -27.86
N ASN D 57 35.91 21.86 -28.16
CA ASN D 57 34.61 22.24 -27.52
C ASN D 57 34.42 21.43 -26.23
N LEU D 58 34.40 22.10 -25.09
CA LEU D 58 34.21 21.50 -23.75
C LEU D 58 32.74 21.10 -23.57
N GLU D 59 32.47 19.80 -23.36
CA GLU D 59 31.11 19.24 -23.13
C GLU D 59 30.57 19.81 -21.81
N SER D 60 29.25 20.01 -21.73
CA SER D 60 28.52 20.50 -20.54
C SER D 60 28.78 19.57 -19.35
N GLY D 61 29.04 20.14 -18.17
CA GLY D 61 29.26 19.40 -16.92
C GLY D 61 30.69 18.95 -16.72
N ILE D 62 31.58 19.17 -17.69
CA ILE D 62 33.05 18.87 -17.57
C ILE D 62 33.72 20.14 -17.02
N PRO D 63 34.57 20.04 -15.97
CA PRO D 63 35.32 21.21 -15.49
C PRO D 63 36.24 21.82 -16.56
N ASP D 64 36.49 23.13 -16.47
CA ASP D 64 37.22 23.91 -17.50
C ASP D 64 38.74 23.63 -17.45
N ARG D 65 39.24 22.90 -16.44
CA ARG D 65 40.67 22.45 -16.38
C ARG D 65 40.96 21.49 -17.54
N PHE D 66 39.95 20.84 -18.10
CA PHE D 66 40.06 20.05 -19.36
C PHE D 66 39.97 21.01 -20.54
N SER D 67 40.93 20.92 -21.47
CA SER D 67 40.93 21.69 -22.73
C SER D 67 41.58 20.86 -23.85
N GLY D 68 41.19 21.14 -25.08
CA GLY D 68 41.67 20.43 -26.28
C GLY D 68 42.11 21.41 -27.35
N SER D 69 43.06 21.00 -28.19
CA SER D 69 43.62 21.81 -29.29
C SER D 69 44.22 20.88 -30.35
N GLY D 70 44.57 21.44 -31.51
CA GLY D 70 45.15 20.71 -32.64
C GLY D 70 44.21 20.66 -33.84
N SER D 71 44.71 20.14 -34.96
CA SER D 71 43.92 19.97 -36.21
C SER D 71 44.62 18.97 -37.13
N ARG D 72 43.90 18.51 -38.14
CA ARG D 72 44.37 17.58 -39.20
C ARG D 72 44.77 16.24 -38.56
N THR D 73 46.04 16.07 -38.16
CA THR D 73 46.60 14.77 -37.73
C THR D 73 47.26 14.85 -36.35
N ASP D 74 47.14 15.98 -35.64
CA ASP D 74 47.91 16.28 -34.41
C ASP D 74 46.98 16.95 -33.41
N PHE D 75 46.63 16.26 -32.32
CA PHE D 75 45.66 16.73 -31.28
C PHE D 75 46.26 16.53 -29.89
N THR D 76 45.89 17.40 -28.95
CA THR D 76 46.39 17.40 -27.55
C THR D 76 45.21 17.67 -26.61
N LEU D 77 44.99 16.77 -25.65
CA LEU D 77 44.15 16.98 -24.45
C LEU D 77 45.06 17.42 -23.32
N THR D 78 44.73 18.53 -22.65
CA THR D 78 45.48 19.10 -21.51
C THR D 78 44.57 19.15 -20.29
N ILE D 79 45.02 18.58 -19.18
CA ILE D 79 44.40 18.77 -17.83
C ILE D 79 45.33 19.72 -17.07
N SER D 80 44.95 21.00 -16.96
CA SER D 80 45.83 22.12 -16.55
C SER D 80 46.29 21.94 -15.10
N SER D 81 45.37 21.52 -14.22
CA SER D 81 45.61 21.29 -12.77
C SER D 81 44.96 19.96 -12.36
N LEU D 82 45.72 18.86 -12.42
CA LEU D 82 45.21 17.48 -12.22
C LEU D 82 44.69 17.32 -10.79
N GLN D 83 43.45 16.85 -10.63
CA GLN D 83 42.82 16.50 -9.34
C GLN D 83 42.83 14.98 -9.16
N ALA D 84 42.65 14.52 -7.92
CA ALA D 84 42.63 13.11 -7.50
C ALA D 84 41.63 12.32 -8.37
N GLU D 85 40.46 12.89 -8.63
CA GLU D 85 39.34 12.24 -9.38
C GLU D 85 39.64 12.17 -10.88
N ASP D 86 40.74 12.76 -11.38
CA ASP D 86 41.11 12.73 -12.82
C ASP D 86 41.90 11.46 -13.19
N VAL D 87 42.19 10.58 -12.23
N VAL D 87 42.20 10.57 -12.22
CA VAL D 87 42.88 9.28 -12.47
CA VAL D 87 42.89 9.27 -12.49
C VAL D 87 41.93 8.39 -13.30
C VAL D 87 41.93 8.39 -13.30
N ALA D 88 42.37 7.98 -14.49
CA ALA D 88 41.53 7.31 -15.51
C ALA D 88 42.38 6.94 -16.71
N VAL D 89 41.79 6.22 -17.68
CA VAL D 89 42.31 6.04 -19.05
C VAL D 89 41.58 7.04 -19.95
N TYR D 90 42.34 7.80 -20.75
CA TYR D 90 41.83 8.82 -21.68
C TYR D 90 41.98 8.28 -23.09
N TYR D 91 40.93 8.41 -23.90
CA TYR D 91 40.86 7.98 -25.33
C TYR D 91 40.54 9.16 -26.23
N CYS D 92 41.25 9.25 -27.37
CA CYS D 92 40.84 10.06 -28.54
C CYS D 92 39.93 9.20 -29.42
N HIS D 93 39.07 9.86 -30.19
CA HIS D 93 38.03 9.25 -31.09
C HIS D 93 37.90 10.12 -32.35
N GLN D 94 38.06 9.54 -33.54
CA GLN D 94 37.82 10.23 -34.84
C GLN D 94 36.48 9.75 -35.39
N SER D 95 35.67 10.69 -35.90
CA SER D 95 34.36 10.43 -36.57
C SER D 95 34.35 11.08 -37.97
N ASN D 96 35.52 11.34 -38.56
CA ASN D 96 35.64 11.94 -39.92
C ASN D 96 35.30 10.88 -40.96
N GLU D 97 35.86 9.67 -40.81
CA GLU D 97 35.80 8.57 -41.80
C GLU D 97 35.27 7.31 -41.13
N ASP D 98 34.42 6.55 -41.83
CA ASP D 98 33.94 5.20 -41.46
C ASP D 98 35.09 4.21 -41.71
N PRO D 99 35.37 3.24 -40.82
CA PRO D 99 34.73 3.14 -39.51
C PRO D 99 35.28 4.17 -38.52
N PRO D 100 34.45 4.76 -37.63
CA PRO D 100 34.98 5.55 -36.52
C PRO D 100 35.94 4.66 -35.71
N THR D 101 37.05 5.24 -35.23
CA THR D 101 38.16 4.53 -34.56
C THR D 101 38.60 5.30 -33.32
N PHE D 102 39.25 4.61 -32.39
CA PHE D 102 39.71 5.14 -31.07
C PHE D 102 41.22 4.92 -30.96
N GLY D 103 41.88 5.79 -30.19
CA GLY D 103 43.29 5.61 -29.80
C GLY D 103 43.45 4.44 -28.85
N GLY D 104 44.69 4.00 -28.63
CA GLY D 104 45.06 2.88 -27.73
C GLY D 104 44.87 3.22 -26.25
N GLY D 105 44.64 4.48 -25.91
CA GLY D 105 44.37 4.92 -24.52
C GLY D 105 45.62 5.43 -23.82
N THR D 106 45.46 6.32 -22.83
CA THR D 106 46.55 6.88 -21.99
C THR D 106 46.11 6.81 -20.52
N LYS D 107 46.83 6.05 -19.70
CA LYS D 107 46.57 5.91 -18.25
C LYS D 107 47.21 7.08 -17.50
N VAL D 108 46.43 7.86 -16.76
CA VAL D 108 46.92 8.93 -15.85
C VAL D 108 46.83 8.39 -14.42
N GLU D 109 47.96 8.35 -13.71
CA GLU D 109 48.06 8.08 -12.25
C GLU D 109 48.50 9.36 -11.52
N ILE D 110 48.16 9.48 -10.24
CA ILE D 110 48.71 10.53 -9.32
C ILE D 110 50.00 9.96 -8.71
N LYS D 111 51.08 10.75 -8.72
CA LYS D 111 52.25 10.56 -7.79
C LYS D 111 51.95 11.34 -6.51
N ARG D 112 51.90 10.66 -5.37
CA ARG D 112 51.59 11.24 -4.04
C ARG D 112 52.65 10.77 -3.04
N THR D 113 52.51 11.17 -1.77
CA THR D 113 53.42 10.77 -0.66
C THR D 113 53.27 9.26 -0.39
N VAL D 114 54.31 8.64 0.17
CA VAL D 114 54.30 7.23 0.63
C VAL D 114 53.24 7.10 1.74
N ALA D 115 52.43 6.04 1.69
CA ALA D 115 51.42 5.69 2.71
C ALA D 115 51.53 4.19 3.01
N ALA D 116 51.71 3.83 4.29
CA ALA D 116 51.77 2.43 4.76
C ALA D 116 50.38 1.81 4.68
N PRO D 117 50.25 0.50 4.34
CA PRO D 117 48.96 -0.18 4.45
C PRO D 117 48.58 -0.40 5.91
N SER D 118 47.32 -0.11 6.25
CA SER D 118 46.62 -0.68 7.43
C SER D 118 46.26 -2.14 7.09
N VAL D 119 46.73 -3.09 7.90
CA VAL D 119 46.61 -4.55 7.61
C VAL D 119 45.53 -5.14 8.52
N PHE D 120 44.62 -5.92 7.92
CA PHE D 120 43.51 -6.62 8.62
C PHE D 120 43.48 -8.08 8.15
N ILE D 121 43.21 -9.00 9.08
CA ILE D 121 43.11 -10.46 8.80
C ILE D 121 41.70 -10.92 9.14
N PHE D 122 41.15 -11.82 8.32
CA PHE D 122 39.78 -12.37 8.44
C PHE D 122 39.84 -13.90 8.41
N PRO D 123 39.51 -14.61 9.53
CA PRO D 123 39.35 -16.06 9.49
C PRO D 123 38.16 -16.45 8.61
N PRO D 124 38.10 -17.70 8.10
CA PRO D 124 36.95 -18.15 7.33
C PRO D 124 35.68 -18.18 8.20
N SER D 125 34.53 -17.90 7.59
CA SER D 125 33.19 -17.97 8.21
C SER D 125 32.85 -19.43 8.54
N ASP D 126 32.08 -19.64 9.60
CA ASP D 126 31.49 -20.97 9.97
C ASP D 126 30.67 -21.48 8.78
N GLU D 127 29.84 -20.59 8.18
CA GLU D 127 29.05 -20.86 6.96
C GLU D 127 29.89 -21.58 5.90
N GLN D 128 31.07 -21.04 5.56
CA GLN D 128 31.94 -21.57 4.48
C GLN D 128 32.52 -22.93 4.88
N LEU D 129 32.95 -23.08 6.14
CA LEU D 129 33.62 -24.31 6.65
C LEU D 129 32.73 -25.54 6.47
N LYS D 130 31.40 -25.40 6.62
CA LYS D 130 30.42 -26.50 6.39
C LYS D 130 30.48 -26.98 4.93
N SER D 131 30.84 -26.09 3.99
CA SER D 131 30.97 -26.39 2.53
C SER D 131 32.24 -27.22 2.25
N GLY D 132 33.21 -27.26 3.17
CA GLY D 132 34.43 -28.08 3.08
C GLY D 132 35.66 -27.34 2.55
N THR D 133 35.62 -26.00 2.53
CA THR D 133 36.72 -25.09 2.10
C THR D 133 36.87 -23.97 3.12
N ALA D 134 38.09 -23.46 3.29
CA ALA D 134 38.45 -22.33 4.17
C ALA D 134 39.14 -21.25 3.35
N SER D 135 38.55 -20.05 3.29
CA SER D 135 39.15 -18.83 2.72
C SER D 135 39.58 -17.93 3.88
N VAL D 136 40.88 -17.65 3.98
CA VAL D 136 41.48 -16.66 4.92
C VAL D 136 41.87 -15.45 4.08
N VAL D 137 41.44 -14.25 4.50
CA VAL D 137 41.60 -12.98 3.73
C VAL D 137 42.51 -12.04 4.53
N CYS D 138 43.57 -11.54 3.89
CA CYS D 138 44.45 -10.46 4.38
C CYS D 138 44.18 -9.21 3.53
N LEU D 139 43.75 -8.12 4.17
CA LEU D 139 43.46 -6.82 3.53
C LEU D 139 44.60 -5.84 3.83
N LEU D 140 45.25 -5.34 2.76
CA LEU D 140 46.21 -4.20 2.79
C LEU D 140 45.45 -2.95 2.31
N ASN D 141 45.19 -1.99 3.20
CA ASN D 141 44.21 -0.90 2.93
C ASN D 141 44.93 0.46 2.83
N ASN D 142 44.72 1.18 1.72
CA ASN D 142 45.05 2.62 1.53
C ASN D 142 46.55 2.85 1.64
N PHE D 143 47.32 2.23 0.73
CA PHE D 143 48.80 2.35 0.66
C PHE D 143 49.22 2.94 -0.69
N TYR D 144 50.38 3.62 -0.68
CA TYR D 144 51.09 4.14 -1.88
C TYR D 144 52.60 4.02 -1.64
N PRO D 145 53.43 3.56 -2.61
CA PRO D 145 53.00 3.18 -3.96
C PRO D 145 52.42 1.77 -4.08
N ARG D 146 52.13 1.34 -5.32
CA ARG D 146 51.41 0.08 -5.64
C ARG D 146 52.16 -1.14 -5.11
N GLU D 147 53.49 -1.13 -5.14
CA GLU D 147 54.34 -2.32 -4.87
C GLU D 147 54.20 -2.71 -3.39
N ALA D 148 53.78 -3.96 -3.13
CA ALA D 148 53.67 -4.55 -1.78
C ALA D 148 53.90 -6.06 -1.86
N LYS D 149 54.37 -6.68 -0.77
CA LYS D 149 54.57 -8.16 -0.65
C LYS D 149 53.70 -8.67 0.50
N VAL D 150 52.92 -9.72 0.25
CA VAL D 150 52.13 -10.46 1.26
C VAL D 150 52.67 -11.90 1.32
N GLN D 151 53.07 -12.35 2.50
CA GLN D 151 53.46 -13.77 2.80
C GLN D 151 52.49 -14.36 3.82
N TRP D 152 51.96 -15.56 3.54
CA TRP D 152 51.08 -16.35 4.45
C TRP D 152 51.95 -17.33 5.26
N LYS D 153 51.73 -17.40 6.57
CA LYS D 153 52.30 -18.43 7.48
C LYS D 153 51.18 -19.16 8.21
N VAL D 154 51.20 -20.50 8.19
CA VAL D 154 50.31 -21.40 8.97
C VAL D 154 51.18 -22.16 9.98
N ASP D 155 51.03 -21.88 11.28
CA ASP D 155 51.89 -22.41 12.37
C ASP D 155 53.37 -22.15 12.03
N ASN D 156 53.68 -20.93 11.58
CA ASN D 156 55.05 -20.46 11.18
C ASN D 156 55.62 -21.21 9.95
N ALA D 157 54.85 -22.09 9.30
CA ALA D 157 55.22 -22.74 8.02
C ALA D 157 54.83 -21.81 6.87
N LEU D 158 55.80 -21.41 6.05
CA LEU D 158 55.61 -20.45 4.93
C LEU D 158 54.74 -21.12 3.85
N GLN D 159 53.71 -20.42 3.35
CA GLN D 159 52.73 -20.98 2.37
C GLN D 159 53.15 -20.63 0.96
N SER D 160 52.78 -21.49 0.00
CA SER D 160 53.15 -21.37 -1.44
C SER D 160 52.10 -22.07 -2.31
N GLY D 161 51.68 -21.42 -3.40
CA GLY D 161 50.83 -21.98 -4.46
C GLY D 161 49.34 -21.97 -4.14
N ASN D 162 48.93 -21.47 -2.96
CA ASN D 162 47.55 -21.62 -2.41
C ASN D 162 46.97 -20.25 -2.04
N SER D 163 47.49 -19.15 -2.62
CA SER D 163 46.98 -17.78 -2.39
C SER D 163 46.87 -17.02 -3.71
N GLN D 164 45.94 -16.06 -3.79
CA GLN D 164 45.71 -15.19 -4.97
C GLN D 164 45.53 -13.75 -4.49
N GLU D 165 46.08 -12.82 -5.26
CA GLU D 165 46.12 -11.36 -4.96
C GLU D 165 45.21 -10.61 -5.93
N SER D 166 44.57 -9.57 -5.42
CA SER D 166 43.78 -8.59 -6.22
C SER D 166 44.02 -7.18 -5.68
N VAL D 167 44.22 -6.22 -6.59
CA VAL D 167 44.55 -4.80 -6.28
C VAL D 167 43.48 -3.90 -6.95
N THR D 168 42.95 -2.92 -6.21
CA THR D 168 42.11 -1.83 -6.77
C THR D 168 42.98 -0.90 -7.62
N GLU D 169 42.37 -0.16 -8.55
CA GLU D 169 42.98 1.03 -9.18
C GLU D 169 43.03 2.16 -8.14
N GLN D 170 43.73 3.24 -8.49
CA GLN D 170 44.03 4.38 -7.58
C GLN D 170 42.70 5.03 -7.13
N ASP D 171 42.50 5.18 -5.82
CA ASP D 171 41.28 5.77 -5.21
C ASP D 171 41.10 7.22 -5.71
N SER D 172 39.86 7.62 -6.01
CA SER D 172 39.51 8.91 -6.64
C SER D 172 39.63 10.09 -5.65
N LYS D 173 39.80 9.82 -4.35
CA LYS D 173 39.89 10.88 -3.28
C LYS D 173 41.33 11.01 -2.75
N ASP D 174 41.92 9.90 -2.27
CA ASP D 174 43.23 9.92 -1.55
C ASP D 174 44.35 9.29 -2.40
N SER D 175 44.07 8.82 -3.62
CA SER D 175 45.07 8.36 -4.62
C SER D 175 45.87 7.15 -4.12
N THR D 176 45.30 6.36 -3.19
CA THR D 176 45.94 5.14 -2.62
C THR D 176 45.43 3.90 -3.35
N TYR D 177 46.13 2.78 -3.14
CA TYR D 177 45.75 1.42 -3.59
C TYR D 177 45.36 0.61 -2.35
N SER D 178 44.46 -0.34 -2.54
CA SER D 178 44.16 -1.42 -1.56
C SER D 178 44.40 -2.76 -2.24
N LEU D 179 44.75 -3.79 -1.46
CA LEU D 179 45.03 -5.15 -1.95
C LEU D 179 44.38 -6.16 -0.98
N SER D 180 43.78 -7.22 -1.54
CA SER D 180 43.30 -8.42 -0.82
C SER D 180 44.18 -9.60 -1.22
N SER D 181 44.67 -10.35 -0.24
CA SER D 181 45.28 -11.70 -0.43
C SER D 181 44.34 -12.73 0.22
N THR D 182 43.98 -13.75 -0.56
CA THR D 182 43.07 -14.85 -0.13
C THR D 182 43.89 -16.15 -0.10
N LEU D 183 43.99 -16.76 1.09
CA LEU D 183 44.56 -18.12 1.31
C LEU D 183 43.41 -19.13 1.29
N THR D 184 43.51 -20.13 0.42
CA THR D 184 42.48 -21.19 0.19
C THR D 184 43.03 -22.54 0.70
N LEU D 185 42.41 -23.07 1.75
CA LEU D 185 42.71 -24.40 2.37
C LEU D 185 41.44 -25.27 2.31
N SER D 186 41.58 -26.59 2.39
CA SER D 186 40.47 -27.53 2.74
C SER D 186 40.09 -27.31 4.21
N LYS D 187 38.86 -27.66 4.59
CA LYS D 187 38.36 -27.61 6.00
C LYS D 187 39.28 -28.47 6.89
N ALA D 188 39.68 -29.65 6.39
CA ALA D 188 40.59 -30.61 7.04
C ALA D 188 41.89 -29.90 7.42
N ASP D 189 42.60 -29.35 6.43
CA ASP D 189 43.90 -28.63 6.59
C ASP D 189 43.71 -27.43 7.51
N TYR D 190 42.60 -26.69 7.39
CA TYR D 190 42.31 -25.51 8.25
C TYR D 190 42.27 -25.93 9.73
N GLU D 191 41.61 -27.04 10.05
CA GLU D 191 41.38 -27.50 11.46
C GLU D 191 42.65 -28.15 12.04
N LYS D 192 43.60 -28.59 11.21
CA LYS D 192 44.88 -29.23 11.65
C LYS D 192 45.81 -28.23 12.34
N HIS D 193 45.64 -26.91 12.11
CA HIS D 193 46.61 -25.84 12.48
C HIS D 193 45.90 -24.78 13.32
N LYS D 194 46.65 -24.02 14.12
CA LYS D 194 46.10 -23.03 15.09
C LYS D 194 46.36 -21.60 14.62
N VAL D 195 47.63 -21.26 14.35
CA VAL D 195 48.14 -19.87 14.10
C VAL D 195 48.10 -19.58 12.61
N TYR D 196 47.32 -18.58 12.20
CA TYR D 196 47.23 -18.05 10.81
C TYR D 196 47.71 -16.61 10.82
N ALA D 197 48.71 -16.32 9.99
CA ALA D 197 49.41 -15.02 9.92
C ALA D 197 49.63 -14.62 8.47
N CYS D 198 49.39 -13.35 8.14
CA CYS D 198 49.88 -12.71 6.90
C CYS D 198 50.92 -11.64 7.26
N GLU D 199 52.09 -11.72 6.63
CA GLU D 199 53.25 -10.80 6.81
C GLU D 199 53.28 -9.85 5.62
N VAL D 200 53.21 -8.53 5.89
CA VAL D 200 53.10 -7.45 4.86
C VAL D 200 54.41 -6.66 4.86
N THR D 201 55.04 -6.55 3.69
CA THR D 201 56.25 -5.71 3.44
C THR D 201 55.85 -4.56 2.50
N HIS D 202 56.24 -3.34 2.87
CA HIS D 202 55.94 -2.10 2.11
C HIS D 202 56.90 -0.98 2.53
N GLN D 203 57.31 -0.15 1.57
CA GLN D 203 58.17 1.06 1.72
C GLN D 203 57.77 1.91 2.93
N GLY D 204 56.46 2.09 3.15
CA GLY D 204 55.90 2.95 4.20
C GLY D 204 56.05 2.34 5.59
N LEU D 205 56.32 1.04 5.68
CA LEU D 205 56.57 0.32 6.97
C LEU D 205 58.06 0.24 7.24
N SER D 206 58.50 0.61 8.46
CA SER D 206 59.93 0.57 8.90
C SER D 206 60.43 -0.88 8.90
N SER D 207 59.59 -1.83 9.33
CA SER D 207 59.83 -3.30 9.23
C SER D 207 58.53 -4.01 8.84
N PRO D 208 58.59 -5.24 8.25
CA PRO D 208 57.38 -5.98 7.88
C PRO D 208 56.41 -6.16 9.06
N VAL D 209 55.12 -5.85 8.85
CA VAL D 209 54.05 -5.98 9.88
C VAL D 209 53.33 -7.31 9.66
N THR D 210 52.97 -7.99 10.75
CA THR D 210 52.30 -9.31 10.76
C THR D 210 50.98 -9.17 11.52
N LYS D 211 49.87 -9.55 10.87
CA LYS D 211 48.54 -9.72 11.51
C LYS D 211 48.24 -11.22 11.54
N SER D 212 47.79 -11.71 12.69
CA SER D 212 47.54 -13.15 12.94
C SER D 212 46.32 -13.34 13.85
N PHE D 213 45.74 -14.53 13.79
CA PHE D 213 44.69 -15.01 14.72
C PHE D 213 45.00 -16.47 15.09
N ASN D 214 44.45 -16.89 16.23
CA ASN D 214 44.41 -18.31 16.68
C ASN D 214 43.02 -18.86 16.37
N ARG D 215 42.94 -19.98 15.63
CA ARG D 215 41.67 -20.63 15.22
C ARG D 215 40.75 -20.87 16.42
N GLY D 216 41.33 -21.14 17.60
CA GLY D 216 40.58 -21.31 18.88
C GLY D 216 39.76 -20.07 19.21
N GLU D 217 40.42 -18.91 19.32
CA GLU D 217 39.82 -17.60 19.73
C GLU D 217 39.29 -17.72 21.17
N GLU E 1 -59.95 -23.17 1.38
CA GLU E 1 -58.62 -22.49 1.52
C GLU E 1 -58.63 -21.61 2.77
N VAL E 2 -57.49 -21.52 3.48
CA VAL E 2 -57.25 -20.47 4.51
C VAL E 2 -57.04 -19.14 3.79
N GLN E 3 -57.77 -18.08 4.18
CA GLN E 3 -57.67 -16.72 3.59
C GLN E 3 -57.78 -15.66 4.69
N LEU E 4 -57.04 -14.57 4.55
CA LEU E 4 -57.19 -13.31 5.31
C LEU E 4 -57.18 -12.16 4.31
N GLN E 5 -57.92 -11.09 4.60
CA GLN E 5 -58.05 -9.88 3.74
C GLN E 5 -58.23 -8.67 4.67
N GLU E 6 -57.29 -7.72 4.64
CA GLU E 6 -57.33 -6.51 5.51
C GLU E 6 -58.00 -5.39 4.71
N SER E 7 -58.74 -4.52 5.42
CA SER E 7 -59.55 -3.39 4.90
C SER E 7 -59.18 -2.14 5.70
N GLY E 8 -59.10 -1.00 5.01
CA GLY E 8 -58.61 0.27 5.56
C GLY E 8 -58.84 1.42 4.58
N PRO E 9 -58.60 2.68 5.02
CA PRO E 9 -59.06 3.85 4.28
C PRO E 9 -58.17 4.23 3.08
N GLY E 10 -56.92 3.72 3.04
CA GLY E 10 -55.88 4.22 2.13
C GLY E 10 -55.19 5.45 2.70
N LEU E 11 -55.93 6.51 3.04
CA LEU E 11 -55.39 7.82 3.47
C LEU E 11 -55.90 8.14 4.88
N VAL E 12 -55.02 8.60 5.76
CA VAL E 12 -55.33 9.04 7.15
C VAL E 12 -54.57 10.34 7.44
N LYS E 13 -55.25 11.35 7.98
CA LYS E 13 -54.66 12.68 8.26
C LYS E 13 -53.76 12.58 9.48
N PRO E 14 -52.65 13.35 9.55
CA PRO E 14 -51.81 13.39 10.75
C PRO E 14 -52.61 13.67 12.03
N SER E 15 -52.22 13.01 13.13
N SER E 15 -52.22 13.03 13.14
CA SER E 15 -52.77 13.15 14.51
CA SER E 15 -52.79 13.17 14.52
C SER E 15 -54.12 12.43 14.67
C SER E 15 -54.12 12.42 14.67
N GLU E 16 -54.71 11.89 13.59
CA GLU E 16 -56.00 11.13 13.63
C GLU E 16 -55.72 9.65 13.94
N THR E 17 -56.79 8.85 14.05
CA THR E 17 -56.74 7.40 14.41
C THR E 17 -56.83 6.58 13.13
N LEU E 18 -55.84 5.71 12.89
CA LEU E 18 -55.89 4.67 11.83
C LEU E 18 -56.71 3.50 12.36
N SER E 19 -57.74 3.10 11.60
CA SER E 19 -58.64 1.95 11.90
C SER E 19 -58.53 0.94 10.75
N LEU E 20 -58.15 -0.30 11.04
CA LEU E 20 -58.12 -1.41 10.06
C LEU E 20 -58.91 -2.59 10.60
N THR E 21 -59.48 -3.40 9.70
N THR E 21 -59.46 -3.41 9.69
CA THR E 21 -60.21 -4.65 9.99
CA THR E 21 -60.20 -4.66 9.99
C THR E 21 -59.62 -5.78 9.13
C THR E 21 -59.61 -5.78 9.13
N CYS E 22 -59.39 -6.95 9.72
CA CYS E 22 -58.88 -8.18 9.06
C CYS E 22 -60.01 -9.22 9.06
N THR E 23 -60.56 -9.54 7.88
CA THR E 23 -61.63 -10.53 7.63
C THR E 23 -60.97 -11.87 7.24
N VAL E 24 -61.38 -12.97 7.88
CA VAL E 24 -60.73 -14.31 7.74
C VAL E 24 -61.76 -15.33 7.25
N SER E 25 -61.31 -16.39 6.56
CA SER E 25 -62.13 -17.56 6.16
C SER E 25 -61.26 -18.83 6.08
N GLY E 26 -61.89 -20.01 6.19
CA GLY E 26 -61.23 -21.33 6.13
C GLY E 26 -60.60 -21.74 7.45
N PHE E 27 -60.80 -20.96 8.52
CA PHE E 27 -60.34 -21.29 9.90
C PHE E 27 -61.13 -20.45 10.91
N SER E 28 -61.00 -20.77 12.19
CA SER E 28 -61.74 -20.13 13.30
C SER E 28 -60.77 -19.30 14.15
N LEU E 29 -61.19 -18.11 14.56
CA LEU E 29 -60.42 -17.20 15.47
C LEU E 29 -60.42 -17.76 16.90
N THR E 30 -61.30 -18.72 17.21
CA THR E 30 -61.30 -19.47 18.51
C THR E 30 -60.07 -20.38 18.60
N ASN E 31 -59.52 -20.87 17.46
CA ASN E 31 -58.39 -21.84 17.41
C ASN E 31 -57.04 -21.12 17.24
N TYR E 32 -56.99 -20.05 16.43
CA TYR E 32 -55.74 -19.41 15.98
C TYR E 32 -55.67 -17.98 16.48
N ALA E 33 -54.45 -17.54 16.81
CA ALA E 33 -54.09 -16.12 17.04
C ALA E 33 -54.02 -15.40 15.68
N VAL E 34 -54.14 -14.08 15.71
CA VAL E 34 -53.91 -13.18 14.54
C VAL E 34 -52.96 -12.07 14.98
N SER E 35 -51.89 -11.85 14.21
CA SER E 35 -50.91 -10.75 14.42
C SER E 35 -51.11 -9.66 13.36
N TRP E 36 -50.79 -8.42 13.72
CA TRP E 36 -50.67 -7.26 12.79
C TRP E 36 -49.19 -6.95 12.59
N VAL E 37 -48.74 -6.94 11.33
CA VAL E 37 -47.33 -6.61 10.94
C VAL E 37 -47.40 -5.55 9.84
N ARG E 38 -46.56 -4.50 9.92
CA ARG E 38 -46.49 -3.44 8.89
C ARG E 38 -45.12 -3.43 8.21
N GLN E 39 -45.09 -2.89 6.99
CA GLN E 39 -43.89 -2.77 6.13
C GLN E 39 -43.91 -1.39 5.48
N PRO E 40 -43.17 -0.39 6.02
CA PRO E 40 -43.00 0.89 5.33
C PRO E 40 -42.39 0.67 3.95
N PRO E 41 -42.74 1.48 2.92
CA PRO E 41 -42.33 1.18 1.54
C PRO E 41 -40.81 1.02 1.42
N GLY E 42 -40.36 -0.08 0.82
CA GLY E 42 -38.93 -0.41 0.60
C GLY E 42 -38.15 -0.68 1.87
N LYS E 43 -38.83 -0.98 3.00
CA LYS E 43 -38.19 -1.19 4.32
C LYS E 43 -38.58 -2.58 4.86
N GLY E 44 -38.10 -2.91 6.07
CA GLY E 44 -38.31 -4.22 6.72
C GLY E 44 -39.66 -4.34 7.41
N LEU E 45 -39.93 -5.52 7.97
CA LEU E 45 -41.20 -5.88 8.67
C LEU E 45 -41.11 -5.52 10.15
N GLU E 46 -42.17 -4.89 10.69
CA GLU E 46 -42.31 -4.51 12.11
C GLU E 46 -43.62 -5.08 12.64
N TRP E 47 -43.54 -5.90 13.68
CA TRP E 47 -44.70 -6.46 14.42
C TRP E 47 -45.34 -5.35 15.29
N LEU E 48 -46.66 -5.20 15.19
CA LEU E 48 -47.45 -4.24 16.01
C LEU E 48 -47.96 -4.95 17.26
N GLY E 49 -48.63 -6.09 17.09
CA GLY E 49 -49.24 -6.83 18.21
C GLY E 49 -50.00 -8.04 17.76
N VAL E 50 -50.51 -8.82 18.73
CA VAL E 50 -51.22 -10.11 18.49
C VAL E 50 -52.53 -10.12 19.29
N MET E 51 -53.58 -10.65 18.65
CA MET E 51 -54.83 -11.10 19.30
C MET E 51 -54.74 -12.62 19.48
N TRP E 52 -54.56 -13.09 20.72
CA TRP E 52 -54.51 -14.54 21.07
C TRP E 52 -55.89 -15.16 20.88
N ALA E 53 -55.95 -16.48 20.71
CA ALA E 53 -57.18 -17.28 20.46
C ALA E 53 -58.24 -16.97 21.52
N GLY E 54 -57.85 -16.93 22.80
CA GLY E 54 -58.76 -16.71 23.93
C GLY E 54 -59.23 -15.27 24.08
N GLY E 55 -58.53 -14.31 23.46
CA GLY E 55 -58.94 -12.89 23.43
C GLY E 55 -58.03 -11.97 24.25
N GLY E 56 -56.92 -12.47 24.78
CA GLY E 56 -55.84 -11.63 25.35
C GLY E 56 -55.00 -10.99 24.25
N THR E 57 -54.36 -9.86 24.55
CA THR E 57 -53.50 -9.10 23.61
C THR E 57 -52.06 -9.01 24.13
N ASN E 58 -51.09 -8.97 23.21
CA ASN E 58 -49.71 -8.47 23.45
C ASN E 58 -49.38 -7.43 22.38
N TYR E 59 -48.78 -6.29 22.78
CA TYR E 59 -48.38 -5.18 21.88
C TYR E 59 -46.86 -4.96 21.94
N ASN E 60 -46.29 -4.52 20.82
CA ASN E 60 -44.90 -4.03 20.71
C ASN E 60 -44.80 -2.75 21.57
N SER E 61 -43.83 -2.69 22.48
CA SER E 61 -43.70 -1.60 23.49
C SER E 61 -43.54 -0.23 22.82
N VAL E 62 -42.98 -0.19 21.60
CA VAL E 62 -42.82 1.05 20.77
C VAL E 62 -44.21 1.64 20.43
N PHE E 63 -45.27 0.83 20.40
CA PHE E 63 -46.67 1.22 20.05
C PHE E 63 -47.63 1.22 21.26
N LYS E 64 -47.17 0.79 22.44
CA LYS E 64 -48.05 0.44 23.61
C LYS E 64 -49.10 1.53 23.86
N SER E 65 -48.69 2.80 23.86
CA SER E 65 -49.53 3.95 24.27
C SER E 65 -50.56 4.31 23.19
N ARG E 66 -50.33 3.90 21.92
CA ARG E 66 -51.13 4.33 20.74
C ARG E 66 -51.99 3.18 20.17
N LEU E 67 -51.72 1.92 20.51
CA LEU E 67 -52.25 0.74 19.77
C LEU E 67 -53.34 0.02 20.58
N THR E 68 -54.42 -0.38 19.91
CA THR E 68 -55.52 -1.25 20.43
C THR E 68 -55.85 -2.31 19.37
N ILE E 69 -55.95 -3.58 19.76
CA ILE E 69 -56.34 -4.72 18.89
C ILE E 69 -57.49 -5.47 19.58
N SER E 70 -58.59 -5.74 18.85
CA SER E 70 -59.80 -6.47 19.32
C SER E 70 -60.32 -7.37 18.19
N LYS E 71 -61.34 -8.19 18.45
CA LYS E 71 -61.95 -9.09 17.43
C LYS E 71 -63.42 -9.40 17.76
N ASP E 72 -64.13 -9.97 16.77
CA ASP E 72 -65.51 -10.49 16.86
C ASP E 72 -65.50 -11.86 16.17
N ASN E 73 -65.44 -12.95 16.95
CA ASN E 73 -65.41 -14.35 16.46
C ASN E 73 -66.55 -14.58 15.47
N SER E 74 -67.76 -14.08 15.80
CA SER E 74 -69.02 -14.31 15.05
C SER E 74 -69.01 -13.64 13.68
N LYS E 75 -68.20 -12.59 13.48
CA LYS E 75 -68.07 -11.88 12.17
C LYS E 75 -66.74 -12.24 11.48
N ASN E 76 -65.93 -13.12 12.07
CA ASN E 76 -64.64 -13.60 11.49
C ASN E 76 -63.73 -12.40 11.20
N GLN E 77 -63.63 -11.49 12.16
CA GLN E 77 -62.93 -10.19 11.99
C GLN E 77 -62.08 -9.87 13.22
N VAL E 78 -60.83 -9.44 12.98
CA VAL E 78 -59.90 -8.84 13.99
C VAL E 78 -59.68 -7.38 13.58
N SER E 79 -59.54 -6.46 14.51
CA SER E 79 -59.50 -4.99 14.27
C SER E 79 -58.26 -4.38 14.93
N LEU E 80 -57.73 -3.32 14.32
CA LEU E 80 -56.55 -2.55 14.80
C LEU E 80 -56.93 -1.07 14.87
N LYS E 81 -56.51 -0.38 15.92
CA LYS E 81 -56.65 1.09 16.10
C LYS E 81 -55.28 1.64 16.52
N LEU E 82 -54.73 2.56 15.73
CA LEU E 82 -53.46 3.26 16.02
C LEU E 82 -53.75 4.75 16.06
N SER E 83 -53.70 5.35 17.26
CA SER E 83 -54.03 6.77 17.51
C SER E 83 -52.81 7.66 17.25
N SER E 84 -53.02 8.96 17.13
CA SER E 84 -51.97 10.03 16.99
C SER E 84 -50.96 9.67 15.90
N VAL E 85 -51.45 9.33 14.71
N VAL E 85 -51.46 9.32 14.71
CA VAL E 85 -50.64 8.82 13.59
CA VAL E 85 -50.63 8.82 13.58
C VAL E 85 -49.76 9.96 13.04
C VAL E 85 -49.76 9.96 13.04
N THR E 86 -48.54 9.63 12.59
CA THR E 86 -47.56 10.54 11.94
C THR E 86 -47.10 9.89 10.63
N ALA E 87 -46.25 10.58 9.86
CA ALA E 87 -45.68 10.11 8.58
C ALA E 87 -44.96 8.77 8.76
N ALA E 88 -44.39 8.54 9.95
CA ALA E 88 -43.69 7.29 10.36
C ALA E 88 -44.61 6.07 10.32
N ASP E 89 -45.94 6.24 10.33
CA ASP E 89 -46.92 5.12 10.33
C ASP E 89 -47.36 4.76 8.91
N THR E 90 -46.88 5.47 7.88
CA THR E 90 -47.11 5.13 6.46
C THR E 90 -46.49 3.76 6.18
N ALA E 91 -47.28 2.78 5.77
CA ALA E 91 -46.84 1.38 5.56
C ALA E 91 -47.95 0.54 4.91
N VAL E 92 -47.57 -0.59 4.31
CA VAL E 92 -48.49 -1.74 4.04
C VAL E 92 -48.73 -2.43 5.38
N TYR E 93 -50.00 -2.53 5.81
CA TYR E 93 -50.42 -3.24 7.04
C TYR E 93 -50.91 -4.64 6.64
N TYR E 94 -50.37 -5.65 7.33
CA TYR E 94 -50.74 -7.08 7.15
C TYR E 94 -51.37 -7.61 8.44
N CYS E 95 -52.37 -8.47 8.29
CA CYS E 95 -52.80 -9.41 9.35
C CYS E 95 -52.34 -10.82 8.95
N ALA E 96 -51.91 -11.62 9.93
CA ALA E 96 -51.36 -12.98 9.70
C ALA E 96 -51.90 -13.96 10.74
N ARG E 97 -52.37 -15.12 10.28
CA ARG E 97 -52.77 -16.23 11.17
C ARG E 97 -51.51 -16.77 11.86
N GLU E 98 -51.52 -16.83 13.20
CA GLU E 98 -50.36 -17.24 14.02
C GLU E 98 -50.74 -18.54 14.75
N ARG E 99 -49.89 -19.57 14.68
CA ARG E 99 -50.04 -20.85 15.42
C ARG E 99 -49.79 -20.54 16.90
N PRO E 100 -50.79 -20.73 17.80
CA PRO E 100 -50.72 -20.15 19.15
C PRO E 100 -49.56 -20.64 20.05
N LEU E 101 -49.05 -21.85 19.83
CA LEU E 101 -48.00 -22.50 20.67
C LEU E 101 -46.59 -22.06 20.23
N THR E 102 -46.39 -21.78 18.94
CA THR E 102 -45.06 -21.62 18.28
C THR E 102 -44.83 -20.20 17.73
N GLY E 103 -45.88 -19.40 17.54
CA GLY E 103 -45.77 -18.02 17.00
C GLY E 103 -45.51 -18.00 15.50
N VAL E 104 -45.64 -19.14 14.80
CA VAL E 104 -45.42 -19.25 13.34
C VAL E 104 -46.58 -18.54 12.64
N MET E 105 -46.30 -17.55 11.81
CA MET E 105 -47.30 -16.79 11.02
C MET E 105 -47.38 -17.44 9.63
N ASP E 106 -48.32 -18.36 9.42
CA ASP E 106 -48.29 -19.33 8.28
C ASP E 106 -49.14 -18.84 7.10
N TYR E 107 -50.11 -17.95 7.33
CA TYR E 107 -50.95 -17.33 6.28
C TYR E 107 -51.04 -15.83 6.52
N TRP E 108 -50.76 -15.04 5.46
CA TRP E 108 -50.77 -13.56 5.46
C TRP E 108 -51.84 -13.06 4.49
N GLY E 109 -52.52 -11.98 4.85
CA GLY E 109 -53.40 -11.24 3.92
C GLY E 109 -52.60 -10.56 2.83
N GLN E 110 -53.26 -10.09 1.76
CA GLN E 110 -52.61 -9.42 0.60
C GLN E 110 -52.05 -8.06 1.03
N GLY E 111 -52.60 -7.47 2.10
CA GLY E 111 -52.09 -6.24 2.73
C GLY E 111 -52.86 -5.02 2.26
N THR E 112 -52.85 -3.95 3.05
CA THR E 112 -53.51 -2.66 2.75
C THR E 112 -52.49 -1.54 2.98
N LEU E 113 -52.26 -0.69 1.97
CA LEU E 113 -51.33 0.46 2.07
C LEU E 113 -52.06 1.60 2.77
N VAL E 114 -51.48 2.14 3.84
CA VAL E 114 -51.98 3.34 4.55
C VAL E 114 -50.94 4.45 4.38
N THR E 115 -51.34 5.57 3.77
CA THR E 115 -50.53 6.79 3.62
C THR E 115 -51.04 7.81 4.64
N VAL E 116 -50.13 8.35 5.44
CA VAL E 116 -50.42 9.44 6.41
C VAL E 116 -50.08 10.77 5.73
N SER E 117 -51.08 11.60 5.45
CA SER E 117 -50.93 12.84 4.65
C SER E 117 -52.17 13.74 4.85
N SER E 118 -51.96 15.05 4.87
CA SER E 118 -53.03 16.08 4.92
C SER E 118 -53.55 16.37 3.50
N ALA E 119 -52.90 15.84 2.45
CA ALA E 119 -53.28 16.05 1.02
C ALA E 119 -54.58 15.29 0.72
N SER E 120 -55.31 15.76 -0.30
CA SER E 120 -56.66 15.28 -0.66
C SER E 120 -56.56 14.01 -1.51
N THR E 121 -57.57 13.14 -1.41
CA THR E 121 -57.78 12.00 -2.34
C THR E 121 -58.05 12.57 -3.73
N LYS E 122 -57.46 11.95 -4.75
CA LYS E 122 -57.65 12.38 -6.16
C LYS E 122 -57.54 11.15 -7.06
N GLY E 123 -58.58 10.89 -7.85
CA GLY E 123 -58.65 9.77 -8.79
C GLY E 123 -57.75 10.02 -10.00
N PRO E 124 -57.32 8.96 -10.71
CA PRO E 124 -56.45 9.13 -11.87
C PRO E 124 -57.17 9.62 -13.14
N SER E 125 -56.40 10.25 -14.03
CA SER E 125 -56.69 10.38 -15.49
C SER E 125 -55.96 9.23 -16.19
N VAL E 126 -56.65 8.50 -17.07
CA VAL E 126 -56.06 7.32 -17.79
C VAL E 126 -55.98 7.68 -19.28
N PHE E 127 -54.76 7.68 -19.83
CA PHE E 127 -54.46 8.04 -21.25
C PHE E 127 -53.89 6.80 -21.93
N PRO E 128 -54.22 6.56 -23.22
CA PRO E 128 -53.66 5.43 -23.95
C PRO E 128 -52.21 5.69 -24.36
N LEU E 129 -51.36 4.66 -24.27
CA LEU E 129 -50.04 4.57 -24.96
C LEU E 129 -50.27 3.73 -26.20
N ALA E 130 -50.59 4.39 -27.33
CA ALA E 130 -51.07 3.76 -28.58
C ALA E 130 -49.92 3.04 -29.28
N PRO E 131 -50.15 1.83 -29.84
CA PRO E 131 -49.09 1.08 -30.50
C PRO E 131 -48.71 1.72 -31.85
N SER E 132 -47.44 1.60 -32.21
CA SER E 132 -46.80 2.31 -33.37
C SER E 132 -46.80 1.40 -34.60
N SER E 133 -46.43 1.98 -35.74
CA SER E 133 -46.24 1.33 -37.06
C SER E 133 -45.82 2.38 -38.09
N GLY E 138 -43.50 -4.85 -37.48
CA GLY E 138 -42.85 -6.10 -37.90
C GLY E 138 -43.58 -7.33 -37.39
N GLY E 139 -43.15 -7.87 -36.24
CA GLY E 139 -43.76 -9.02 -35.54
C GLY E 139 -44.42 -8.58 -34.24
N THR E 140 -43.66 -7.96 -33.34
CA THR E 140 -44.07 -7.55 -31.97
C THR E 140 -44.48 -6.08 -31.96
N ALA E 141 -45.58 -5.76 -31.26
CA ALA E 141 -46.07 -4.37 -31.02
C ALA E 141 -46.29 -4.16 -29.53
N ALA E 142 -45.88 -3.01 -29.00
CA ALA E 142 -46.06 -2.61 -27.59
C ALA E 142 -47.17 -1.56 -27.51
N LEU E 143 -48.05 -1.69 -26.52
CA LEU E 143 -49.08 -0.67 -26.17
C LEU E 143 -49.22 -0.64 -24.64
N GLY E 144 -49.97 0.33 -24.12
CA GLY E 144 -50.16 0.47 -22.66
C GLY E 144 -51.16 1.53 -22.28
N CYS E 145 -51.18 1.88 -20.99
CA CYS E 145 -52.01 2.95 -20.38
C CYS E 145 -51.16 3.76 -19.41
N LEU E 146 -51.22 5.09 -19.52
CA LEU E 146 -50.61 6.04 -18.56
C LEU E 146 -51.68 6.43 -17.53
N VAL E 147 -51.47 6.10 -16.26
CA VAL E 147 -52.37 6.43 -15.12
C VAL E 147 -51.74 7.60 -14.35
N LYS E 148 -52.24 8.81 -14.57
CA LYS E 148 -51.57 10.08 -14.16
C LYS E 148 -52.39 10.81 -13.09
N ASP E 149 -51.69 11.40 -12.11
CA ASP E 149 -52.17 12.45 -11.20
C ASP E 149 -53.21 11.89 -10.24
N TYR E 150 -52.85 10.82 -9.50
CA TYR E 150 -53.69 10.21 -8.45
C TYR E 150 -52.97 10.28 -7.10
N PHE E 151 -53.76 10.22 -6.02
CA PHE E 151 -53.28 10.21 -4.62
C PHE E 151 -54.40 9.66 -3.73
N PRO E 152 -54.08 8.84 -2.69
CA PRO E 152 -52.76 8.25 -2.48
C PRO E 152 -52.57 7.02 -3.37
N GLU E 153 -51.49 6.27 -3.14
CA GLU E 153 -51.31 4.91 -3.68
C GLU E 153 -52.29 3.96 -2.97
N PRO E 154 -52.67 2.81 -3.56
CA PRO E 154 -52.23 2.37 -4.88
C PRO E 154 -53.27 2.43 -6.00
N VAL E 155 -52.81 2.18 -7.23
CA VAL E 155 -53.64 1.80 -8.41
C VAL E 155 -53.34 0.34 -8.73
N THR E 156 -54.36 -0.43 -9.14
CA THR E 156 -54.22 -1.76 -9.81
C THR E 156 -54.67 -1.62 -11.26
N VAL E 157 -54.01 -2.35 -12.16
CA VAL E 157 -54.31 -2.38 -13.62
C VAL E 157 -54.39 -3.84 -14.03
N SER E 158 -55.48 -4.23 -14.72
CA SER E 158 -55.58 -5.51 -15.45
C SER E 158 -55.75 -5.18 -16.94
N TRP E 159 -55.67 -6.21 -17.79
CA TRP E 159 -55.84 -6.08 -19.26
C TRP E 159 -56.90 -7.07 -19.74
N ASN E 160 -57.95 -6.56 -20.40
CA ASN E 160 -59.11 -7.36 -20.90
C ASN E 160 -59.70 -8.15 -19.73
N SER E 161 -59.92 -7.49 -18.59
CA SER E 161 -60.55 -8.01 -17.35
C SER E 161 -59.83 -9.26 -16.82
N GLY E 162 -58.49 -9.34 -17.01
CA GLY E 162 -57.64 -10.45 -16.53
C GLY E 162 -57.41 -11.53 -17.58
N ALA E 163 -57.97 -11.41 -18.79
CA ALA E 163 -57.79 -12.35 -19.91
C ALA E 163 -56.35 -12.28 -20.44
N LEU E 164 -55.79 -11.07 -20.56
CA LEU E 164 -54.42 -10.78 -21.06
C LEU E 164 -53.48 -10.57 -19.86
N THR E 165 -52.50 -11.47 -19.68
CA THR E 165 -51.50 -11.40 -18.57
C THR E 165 -50.05 -11.60 -19.08
N SER E 166 -49.81 -12.46 -20.08
CA SER E 166 -48.46 -12.76 -20.59
C SER E 166 -47.91 -11.53 -21.32
N GLY E 167 -46.69 -11.10 -20.99
CA GLY E 167 -46.03 -9.93 -21.59
C GLY E 167 -46.37 -8.61 -20.91
N VAL E 168 -47.32 -8.59 -19.96
CA VAL E 168 -47.76 -7.37 -19.23
C VAL E 168 -46.66 -6.95 -18.25
N HIS E 169 -46.28 -5.66 -18.25
CA HIS E 169 -45.42 -5.02 -17.23
C HIS E 169 -46.14 -3.80 -16.67
N THR E 170 -46.50 -3.82 -15.38
CA THR E 170 -47.02 -2.67 -14.60
C THR E 170 -45.86 -2.14 -13.75
N PHE E 171 -45.44 -0.91 -13.99
CA PHE E 171 -44.24 -0.29 -13.39
C PHE E 171 -44.58 0.21 -11.99
N PRO E 172 -43.60 0.30 -11.07
CA PRO E 172 -43.79 1.04 -9.82
C PRO E 172 -44.25 2.47 -10.13
N ALA E 173 -45.16 2.99 -9.32
CA ALA E 173 -45.60 4.42 -9.36
C ALA E 173 -44.39 5.30 -9.02
N VAL E 174 -44.31 6.49 -9.62
CA VAL E 174 -43.34 7.56 -9.26
C VAL E 174 -44.14 8.72 -8.69
N LEU E 175 -43.58 9.41 -7.67
CA LEU E 175 -44.17 10.63 -7.08
C LEU E 175 -43.65 11.82 -7.87
N GLN E 176 -44.54 12.56 -8.55
CA GLN E 176 -44.21 13.77 -9.35
C GLN E 176 -43.96 14.93 -8.39
N SER E 177 -43.39 16.03 -8.90
CA SER E 177 -43.08 17.27 -8.14
C SER E 177 -44.39 17.92 -7.66
N SER E 178 -45.49 17.68 -8.39
CA SER E 178 -46.88 18.10 -8.04
C SER E 178 -47.35 17.47 -6.71
N GLY E 179 -46.73 16.37 -6.26
CA GLY E 179 -47.16 15.60 -5.08
C GLY E 179 -48.22 14.56 -5.40
N LEU E 180 -48.51 14.34 -6.69
CA LEU E 180 -49.45 13.30 -7.20
C LEU E 180 -48.63 12.18 -7.85
N TYR E 181 -49.12 10.93 -7.74
CA TYR E 181 -48.48 9.74 -8.31
C TYR E 181 -48.82 9.63 -9.79
N SER E 182 -47.92 9.02 -10.54
CA SER E 182 -48.11 8.56 -11.94
C SER E 182 -47.56 7.14 -12.06
N LEU E 183 -48.25 6.30 -12.82
CA LEU E 183 -47.89 4.90 -13.11
C LEU E 183 -48.19 4.66 -14.58
N SER E 184 -47.45 3.73 -15.20
N SER E 184 -47.44 3.74 -15.21
CA SER E 184 -47.69 3.22 -16.57
CA SER E 184 -47.67 3.22 -16.58
C SER E 184 -47.78 1.69 -16.52
C SER E 184 -47.80 1.70 -16.51
N SER E 185 -48.64 1.11 -17.37
CA SER E 185 -48.75 -0.35 -17.57
C SER E 185 -48.64 -0.61 -19.06
N VAL E 186 -47.78 -1.54 -19.46
CA VAL E 186 -47.52 -1.88 -20.90
C VAL E 186 -47.77 -3.38 -21.10
N VAL E 187 -48.02 -3.77 -22.35
CA VAL E 187 -48.03 -5.19 -22.81
C VAL E 187 -47.49 -5.23 -24.25
N THR E 188 -46.70 -6.26 -24.58
CA THR E 188 -46.29 -6.57 -25.98
C THR E 188 -47.25 -7.62 -26.54
N VAL E 189 -47.71 -7.42 -27.78
CA VAL E 189 -48.69 -8.32 -28.47
C VAL E 189 -48.24 -8.53 -29.92
N PRO E 190 -48.73 -9.58 -30.61
CA PRO E 190 -48.56 -9.70 -32.06
C PRO E 190 -49.08 -8.46 -32.82
N SER E 191 -48.31 -7.99 -33.81
CA SER E 191 -48.61 -6.81 -34.67
C SER E 191 -49.87 -7.07 -35.49
N SER E 192 -50.04 -8.30 -35.98
CA SER E 192 -51.19 -8.74 -36.83
C SER E 192 -52.51 -8.74 -36.04
N SER E 193 -52.45 -8.84 -34.71
CA SER E 193 -53.63 -8.91 -33.80
C SER E 193 -54.25 -7.53 -33.55
N LEU E 194 -53.54 -6.42 -33.83
CA LEU E 194 -53.98 -5.03 -33.51
C LEU E 194 -55.29 -4.69 -34.22
N GLY E 195 -55.48 -5.17 -35.45
CA GLY E 195 -56.69 -4.93 -36.28
C GLY E 195 -57.91 -5.62 -35.72
N THR E 196 -57.79 -6.89 -35.30
CA THR E 196 -58.91 -7.79 -34.90
C THR E 196 -59.16 -7.72 -33.40
N GLN E 197 -58.12 -7.91 -32.58
CA GLN E 197 -58.22 -8.05 -31.09
C GLN E 197 -58.37 -6.66 -30.45
N THR E 198 -59.34 -6.51 -29.55
CA THR E 198 -59.56 -5.31 -28.69
C THR E 198 -58.64 -5.40 -27.46
N TYR E 199 -58.05 -4.26 -27.07
CA TYR E 199 -57.13 -4.14 -25.91
C TYR E 199 -57.63 -3.02 -24.99
N ILE E 200 -58.06 -3.39 -23.77
CA ILE E 200 -58.61 -2.47 -22.75
C ILE E 200 -57.82 -2.67 -21.46
N CYS E 201 -57.31 -1.58 -20.88
CA CYS E 201 -56.73 -1.58 -19.50
C CYS E 201 -57.84 -1.24 -18.50
N ASN E 202 -57.96 -2.03 -17.43
CA ASN E 202 -58.96 -1.86 -16.36
C ASN E 202 -58.25 -1.27 -15.14
N VAL E 203 -58.34 0.05 -14.95
CA VAL E 203 -57.60 0.79 -13.90
C VAL E 203 -58.54 1.02 -12.71
N ASN E 204 -58.18 0.53 -11.53
N ASN E 204 -58.17 0.53 -11.53
CA ASN E 204 -58.95 0.70 -10.27
CA ASN E 204 -58.94 0.71 -10.28
C ASN E 204 -58.11 1.53 -9.29
C ASN E 204 -58.10 1.53 -9.29
N HIS E 205 -58.69 2.58 -8.71
CA HIS E 205 -58.11 3.41 -7.62
C HIS E 205 -59.10 3.39 -6.45
N LYS E 206 -58.93 2.41 -5.54
N LYS E 206 -58.93 2.41 -5.54
CA LYS E 206 -59.86 2.14 -4.42
CA LYS E 206 -59.86 2.14 -4.40
C LYS E 206 -59.98 3.37 -3.51
C LYS E 206 -59.99 3.37 -3.50
N PRO E 207 -58.90 4.10 -3.16
CA PRO E 207 -59.03 5.28 -2.28
C PRO E 207 -60.00 6.38 -2.73
N SER E 208 -60.19 6.57 -4.04
CA SER E 208 -61.13 7.55 -4.66
C SER E 208 -62.39 6.86 -5.21
N ASN E 209 -62.48 5.53 -5.09
CA ASN E 209 -63.58 4.68 -5.62
C ASN E 209 -63.76 4.97 -7.12
N THR E 210 -62.64 5.07 -7.84
CA THR E 210 -62.59 5.34 -9.30
C THR E 210 -62.23 4.05 -10.04
N LYS E 211 -63.00 3.72 -11.07
CA LYS E 211 -62.74 2.60 -12.00
C LYS E 211 -62.84 3.15 -13.43
N VAL E 212 -61.77 3.02 -14.21
CA VAL E 212 -61.68 3.49 -15.63
C VAL E 212 -61.28 2.29 -16.50
N ASP E 213 -62.11 1.98 -17.49
CA ASP E 213 -61.77 1.07 -18.62
C ASP E 213 -61.41 1.97 -19.82
N LYS E 214 -60.26 1.75 -20.43
CA LYS E 214 -59.72 2.61 -21.53
C LYS E 214 -59.28 1.71 -22.69
N LYS E 215 -59.98 1.81 -23.83
CA LYS E 215 -59.62 1.10 -25.08
C LYS E 215 -58.32 1.71 -25.61
N VAL E 216 -57.38 0.85 -26.01
CA VAL E 216 -56.06 1.25 -26.62
C VAL E 216 -56.04 0.68 -28.04
N GLU E 217 -55.95 1.55 -29.05
CA GLU E 217 -55.95 1.20 -30.49
C GLU E 217 -55.07 2.19 -31.25
N PRO E 218 -54.57 1.84 -32.47
CA PRO E 218 -53.64 2.70 -33.21
C PRO E 218 -54.20 4.08 -33.58
N LYS E 219 -53.31 5.07 -33.69
CA LYS E 219 -53.64 6.49 -34.02
C LYS E 219 -53.71 6.65 -35.54
N ASP F 1 -34.71 -6.48 22.82
CA ASP F 1 -35.32 -7.13 21.61
C ASP F 1 -34.26 -8.01 20.93
N ILE F 2 -34.65 -9.17 20.40
CA ILE F 2 -33.72 -10.04 19.60
C ILE F 2 -33.57 -9.38 18.22
N VAL F 3 -32.34 -9.00 17.87
CA VAL F 3 -31.95 -8.43 16.55
C VAL F 3 -31.49 -9.58 15.67
N LEU F 4 -32.08 -9.70 14.48
CA LEU F 4 -31.71 -10.72 13.45
C LEU F 4 -30.92 -10.03 12.34
N THR F 5 -29.71 -10.54 12.05
CA THR F 5 -28.79 -10.02 11.01
C THR F 5 -28.63 -11.11 9.95
N GLN F 6 -29.04 -10.83 8.72
CA GLN F 6 -28.99 -11.80 7.59
C GLN F 6 -27.67 -11.63 6.83
N SER F 7 -27.27 -12.65 6.07
CA SER F 7 -26.06 -12.64 5.22
C SER F 7 -26.21 -13.67 4.09
N PRO F 8 -25.95 -13.34 2.81
CA PRO F 8 -25.62 -11.98 2.38
C PRO F 8 -26.82 -11.00 2.42
N ASP F 9 -26.58 -9.71 2.18
CA ASP F 9 -27.65 -8.69 2.00
C ASP F 9 -28.30 -8.88 0.62
N SER F 10 -27.49 -9.24 -0.39
CA SER F 10 -27.99 -9.65 -1.73
C SER F 10 -27.00 -10.59 -2.39
N LEU F 11 -27.48 -11.38 -3.34
CA LEU F 11 -26.65 -12.34 -4.09
C LEU F 11 -27.25 -12.57 -5.48
N ALA F 12 -26.36 -12.74 -6.46
CA ALA F 12 -26.67 -13.09 -7.86
C ALA F 12 -26.19 -14.53 -8.10
N VAL F 13 -27.10 -15.41 -8.53
CA VAL F 13 -26.89 -16.88 -8.63
C VAL F 13 -27.32 -17.32 -10.03
N SER F 14 -26.57 -18.23 -10.65
CA SER F 14 -26.89 -18.81 -11.98
C SER F 14 -28.01 -19.85 -11.84
N LEU F 15 -28.85 -19.97 -12.86
CA LEU F 15 -29.97 -20.96 -12.91
C LEU F 15 -29.42 -22.35 -12.56
N GLY F 16 -30.02 -23.02 -11.57
CA GLY F 16 -29.72 -24.41 -11.19
C GLY F 16 -28.64 -24.53 -10.12
N GLU F 17 -28.06 -23.42 -9.66
CA GLU F 17 -26.94 -23.40 -8.68
C GLU F 17 -27.48 -23.13 -7.27
N ARG F 18 -26.61 -23.22 -6.27
CA ARG F 18 -26.99 -23.21 -4.83
C ARG F 18 -27.02 -21.76 -4.32
N ALA F 19 -28.09 -21.42 -3.58
CA ALA F 19 -28.24 -20.17 -2.82
C ALA F 19 -28.26 -20.52 -1.32
N THR F 20 -27.35 -19.93 -0.56
CA THR F 20 -27.18 -20.11 0.91
C THR F 20 -27.43 -18.75 1.55
N ILE F 21 -28.35 -18.67 2.51
CA ILE F 21 -28.74 -17.43 3.23
C ILE F 21 -28.66 -17.72 4.73
N ASN F 22 -27.80 -17.00 5.46
N ASN F 22 -27.82 -16.98 5.46
CA ASN F 22 -27.56 -17.14 6.92
CA ASN F 22 -27.57 -17.18 6.91
C ASN F 22 -28.43 -16.12 7.66
C ASN F 22 -28.35 -16.13 7.70
N CYS F 23 -28.97 -16.53 8.82
CA CYS F 23 -29.59 -15.63 9.83
C CYS F 23 -28.83 -15.82 11.14
N ARG F 24 -28.28 -14.73 11.69
CA ARG F 24 -27.62 -14.69 13.02
C ARG F 24 -28.53 -13.91 13.98
N ALA F 25 -28.70 -14.41 15.21
CA ALA F 25 -29.53 -13.80 16.28
C ALA F 25 -28.62 -13.25 17.36
N SER F 26 -28.97 -12.09 17.92
CA SER F 26 -28.23 -11.39 19.01
C SER F 26 -28.30 -12.20 20.32
N GLU F 27 -29.36 -12.99 20.51
CA GLU F 27 -29.57 -13.93 21.64
C GLU F 27 -30.19 -15.23 21.09
N SER F 28 -30.13 -16.31 21.86
CA SER F 28 -30.67 -17.64 21.48
C SER F 28 -32.18 -17.52 21.19
N VAL F 29 -32.66 -18.21 20.14
CA VAL F 29 -34.12 -18.32 19.80
C VAL F 29 -34.61 -19.74 20.10
N ASP F 30 -33.90 -20.47 20.97
CA ASP F 30 -34.22 -21.85 21.37
C ASP F 30 -34.95 -21.84 22.72
N TYR F 31 -35.90 -22.77 22.90
CA TYR F 31 -36.55 -23.09 24.19
C TYR F 31 -36.95 -24.58 24.18
N SER F 32 -36.47 -25.33 25.18
CA SER F 32 -36.85 -26.74 25.47
C SER F 32 -36.63 -27.62 24.23
N GLY F 33 -35.42 -27.55 23.65
CA GLY F 33 -35.00 -28.35 22.48
C GLY F 33 -35.80 -28.03 21.23
N ASN F 34 -36.32 -26.80 21.12
CA ASN F 34 -37.02 -26.28 19.91
C ASN F 34 -36.40 -24.93 19.52
N SER F 35 -36.12 -24.75 18.22
CA SER F 35 -35.63 -23.47 17.63
C SER F 35 -36.83 -22.74 17.00
N PHE F 36 -37.14 -21.54 17.49
CA PHE F 36 -38.25 -20.68 16.99
C PHE F 36 -37.67 -19.64 16.02
N MET F 37 -37.09 -20.16 14.94
CA MET F 37 -36.61 -19.42 13.76
C MET F 37 -37.33 -19.94 12.53
N HIS F 38 -37.92 -19.05 11.74
CA HIS F 38 -38.78 -19.36 10.56
C HIS F 38 -38.29 -18.53 9.37
N TRP F 39 -38.52 -19.00 8.14
CA TRP F 39 -38.05 -18.36 6.88
C TRP F 39 -39.23 -18.03 5.99
N PHE F 40 -39.21 -16.83 5.40
CA PHE F 40 -40.23 -16.30 4.45
C PHE F 40 -39.61 -15.92 3.11
N GLN F 41 -40.40 -16.05 2.04
CA GLN F 41 -40.17 -15.47 0.69
C GLN F 41 -41.16 -14.33 0.49
N GLN F 42 -40.71 -13.15 0.02
CA GLN F 42 -41.58 -12.02 -0.40
C GLN F 42 -41.21 -11.59 -1.82
N LYS F 43 -42.17 -11.71 -2.75
CA LYS F 43 -42.09 -11.16 -4.13
C LYS F 43 -42.76 -9.78 -4.15
N PRO F 44 -42.46 -8.90 -5.15
CA PRO F 44 -43.00 -7.53 -5.18
C PRO F 44 -44.53 -7.45 -5.15
N GLY F 45 -45.07 -6.57 -4.31
CA GLY F 45 -46.52 -6.34 -4.13
C GLY F 45 -47.26 -7.56 -3.59
N GLN F 46 -46.57 -8.44 -2.86
CA GLN F 46 -47.14 -9.67 -2.25
C GLN F 46 -46.72 -9.73 -0.79
N PRO F 47 -47.47 -10.46 0.08
CA PRO F 47 -47.05 -10.67 1.47
C PRO F 47 -45.92 -11.68 1.57
N PRO F 48 -45.22 -11.75 2.72
CA PRO F 48 -44.36 -12.88 3.04
C PRO F 48 -45.09 -14.23 2.90
N LYS F 49 -44.41 -15.22 2.35
CA LYS F 49 -44.90 -16.62 2.19
C LYS F 49 -43.98 -17.53 3.02
N LEU F 50 -44.52 -18.26 4.00
CA LEU F 50 -43.76 -19.16 4.90
C LEU F 50 -43.13 -20.28 4.06
N LEU F 51 -41.81 -20.48 4.20
CA LEU F 51 -41.03 -21.56 3.54
C LEU F 51 -40.74 -22.67 4.54
N ILE F 52 -40.20 -22.29 5.70
CA ILE F 52 -39.63 -23.20 6.73
C ILE F 52 -40.07 -22.67 8.11
N TYR F 53 -40.56 -23.55 8.98
CA TYR F 53 -40.93 -23.22 10.39
C TYR F 53 -40.08 -24.07 11.34
N ARG F 54 -39.80 -23.50 12.51
CA ARG F 54 -38.97 -24.06 13.61
C ARG F 54 -37.68 -24.66 13.01
N ALA F 55 -36.96 -23.84 12.23
CA ALA F 55 -35.56 -24.01 11.74
C ALA F 55 -35.49 -24.95 10.53
N SER F 56 -36.15 -26.11 10.55
CA SER F 56 -35.88 -27.22 9.58
C SER F 56 -37.14 -27.82 8.96
N ASN F 57 -38.35 -27.42 9.37
CA ASN F 57 -39.62 -28.06 8.91
C ASN F 57 -40.12 -27.35 7.66
N LEU F 58 -40.17 -28.07 6.54
CA LEU F 58 -40.67 -27.58 5.22
C LEU F 58 -42.19 -27.44 5.28
N GLU F 59 -42.71 -26.24 5.04
CA GLU F 59 -44.18 -25.96 4.99
C GLU F 59 -44.79 -26.68 3.79
N SER F 60 -46.06 -27.10 3.92
CA SER F 60 -46.86 -27.77 2.85
C SER F 60 -46.93 -26.87 1.62
N GLY F 61 -46.76 -27.46 0.43
CA GLY F 61 -46.85 -26.76 -0.87
C GLY F 61 -45.53 -26.14 -1.32
N ILE F 62 -44.51 -26.09 -0.45
CA ILE F 62 -43.18 -25.49 -0.74
C ILE F 62 -42.30 -26.59 -1.35
N PRO F 63 -41.69 -26.40 -2.54
CA PRO F 63 -40.83 -27.42 -3.14
C PRO F 63 -39.62 -27.80 -2.26
N ASP F 64 -39.16 -29.03 -2.39
CA ASP F 64 -38.15 -29.66 -1.48
C ASP F 64 -36.73 -29.11 -1.75
N ARG F 65 -36.52 -28.33 -2.83
CA ARG F 65 -35.24 -27.62 -3.07
C ARG F 65 -34.98 -26.59 -1.96
N PHE F 66 -36.02 -26.11 -1.29
CA PHE F 66 -35.91 -25.28 -0.06
C PHE F 66 -35.68 -26.19 1.14
N SER F 67 -34.69 -25.86 1.98
CA SER F 67 -34.39 -26.58 3.25
C SER F 67 -33.76 -25.62 4.26
N GLY F 68 -33.92 -25.93 5.54
CA GLY F 68 -33.43 -25.12 6.66
C GLY F 68 -32.66 -25.97 7.66
N SER F 69 -31.71 -25.35 8.35
CA SER F 69 -30.99 -25.96 9.50
C SER F 69 -30.53 -24.86 10.46
N GLY F 70 -30.06 -25.25 11.64
CA GLY F 70 -29.42 -24.34 12.61
C GLY F 70 -29.97 -24.50 14.01
N SER F 71 -29.37 -23.81 14.98
CA SER F 71 -29.85 -23.76 16.38
C SER F 71 -29.19 -22.58 17.11
N ARG F 72 -29.77 -22.21 18.24
CA ARG F 72 -29.28 -21.15 19.17
C ARG F 72 -29.31 -19.81 18.43
N THR F 73 -28.20 -19.40 17.80
CA THR F 73 -28.05 -18.05 17.19
C THR F 73 -27.60 -18.10 15.72
N ASP F 74 -27.58 -19.28 15.10
N ASP F 74 -27.58 -19.28 15.10
CA ASP F 74 -26.96 -19.51 13.77
CA ASP F 74 -26.96 -19.51 13.77
C ASP F 74 -27.90 -20.41 12.95
C ASP F 74 -27.90 -20.41 12.95
N PHE F 75 -28.54 -19.85 11.92
CA PHE F 75 -29.54 -20.55 11.06
C PHE F 75 -29.19 -20.31 9.59
N THR F 76 -29.57 -21.25 8.72
CA THR F 76 -29.27 -21.24 7.26
C THR F 76 -30.52 -21.71 6.50
N LEU F 77 -30.98 -20.90 5.53
CA LEU F 77 -31.90 -21.32 4.45
C LEU F 77 -31.07 -21.64 3.21
N THR F 78 -31.28 -22.82 2.60
CA THR F 78 -30.60 -23.29 1.38
C THR F 78 -31.64 -23.53 0.28
N ILE F 79 -31.41 -22.96 -0.90
CA ILE F 79 -32.11 -23.33 -2.16
C ILE F 79 -31.07 -24.12 -2.98
N SER F 80 -31.26 -25.43 -3.07
N SER F 80 -31.27 -25.43 -3.08
CA SER F 80 -30.27 -26.39 -3.63
CA SER F 80 -30.28 -26.39 -3.63
C SER F 80 -30.04 -26.11 -5.12
C SER F 80 -30.04 -26.13 -5.12
N SER F 81 -31.11 -25.85 -5.87
CA SER F 81 -31.11 -25.63 -7.34
C SER F 81 -32.04 -24.46 -7.68
N LEU F 82 -31.51 -23.23 -7.69
CA LEU F 82 -32.32 -21.98 -7.83
C LEU F 82 -33.01 -21.96 -9.20
N GLN F 83 -34.32 -21.73 -9.20
CA GLN F 83 -35.17 -21.57 -10.41
C GLN F 83 -35.50 -20.08 -10.60
N ALA F 84 -35.89 -19.70 -11.81
CA ALA F 84 -36.23 -18.31 -12.22
C ALA F 84 -37.26 -17.71 -11.25
N GLU F 85 -38.28 -18.51 -10.87
CA GLU F 85 -39.41 -18.10 -10.00
C GLU F 85 -38.97 -17.84 -8.55
N ASP F 86 -37.75 -18.23 -8.16
CA ASP F 86 -37.25 -18.07 -6.75
C ASP F 86 -36.65 -16.68 -6.48
N VAL F 87 -36.63 -15.80 -7.48
N VAL F 87 -36.62 -15.79 -7.48
CA VAL F 87 -36.14 -14.39 -7.33
CA VAL F 87 -36.12 -14.39 -7.32
C VAL F 87 -37.12 -13.64 -6.41
C VAL F 87 -37.11 -13.64 -6.42
N ALA F 88 -36.62 -13.14 -5.28
CA ALA F 88 -37.45 -12.54 -4.20
C ALA F 88 -36.53 -11.99 -3.10
N VAL F 89 -37.13 -11.37 -2.07
CA VAL F 89 -36.45 -11.02 -0.80
C VAL F 89 -36.82 -12.09 0.24
N TYR F 90 -35.83 -12.69 0.89
CA TYR F 90 -36.01 -13.76 1.90
C TYR F 90 -35.78 -13.16 3.29
N TYR F 91 -36.68 -13.47 4.23
CA TYR F 91 -36.64 -12.98 5.64
C TYR F 91 -36.62 -14.16 6.61
N CYS F 92 -35.73 -14.09 7.60
CA CYS F 92 -35.78 -14.92 8.81
C CYS F 92 -36.68 -14.22 9.84
N HIS F 93 -37.29 -14.99 10.74
CA HIS F 93 -38.31 -14.54 11.73
C HIS F 93 -38.11 -15.34 13.01
N GLN F 94 -37.89 -14.66 14.14
CA GLN F 94 -37.82 -15.29 15.49
C GLN F 94 -39.15 -15.05 16.22
N SER F 95 -39.67 -16.10 16.86
CA SER F 95 -40.90 -16.07 17.71
C SER F 95 -40.60 -16.59 19.12
N ASN F 96 -39.34 -16.54 19.54
CA ASN F 96 -38.89 -17.03 20.86
C ASN F 96 -39.27 -15.98 21.92
N GLU F 97 -38.98 -14.72 21.63
CA GLU F 97 -39.06 -13.57 22.58
C GLU F 97 -39.91 -12.46 21.94
N ASP F 98 -40.75 -11.81 22.75
CA ASP F 98 -41.52 -10.61 22.38
C ASP F 98 -40.58 -9.41 22.44
N PRO F 99 -40.64 -8.44 21.48
CA PRO F 99 -41.49 -8.54 20.29
C PRO F 99 -40.90 -9.51 19.27
N PRO F 100 -41.72 -10.31 18.55
CA PRO F 100 -41.22 -11.09 17.43
C PRO F 100 -40.59 -10.12 16.42
N THR F 101 -39.47 -10.52 15.83
CA THR F 101 -38.64 -9.66 14.94
C THR F 101 -38.28 -10.43 13.67
N PHE F 102 -37.96 -9.68 12.62
CA PHE F 102 -37.53 -10.19 11.30
C PHE F 102 -36.10 -9.71 11.03
N GLY F 103 -35.38 -10.42 10.18
CA GLY F 103 -34.10 -9.96 9.62
C GLY F 103 -34.30 -8.80 8.66
N GLY F 104 -33.21 -8.17 8.23
CA GLY F 104 -33.18 -7.05 7.27
C GLY F 104 -33.53 -7.48 5.86
N GLY F 105 -33.56 -8.78 5.57
CA GLY F 105 -33.92 -9.34 4.25
C GLY F 105 -32.69 -9.61 3.39
N THR F 106 -32.80 -10.60 2.50
CA THR F 106 -31.75 -11.01 1.52
C THR F 106 -32.38 -11.06 0.13
N LYS F 107 -31.90 -10.21 -0.78
CA LYS F 107 -32.40 -10.14 -2.18
C LYS F 107 -31.67 -11.20 -3.01
N VAL F 108 -32.41 -12.14 -3.61
CA VAL F 108 -31.86 -13.14 -4.56
C VAL F 108 -32.22 -12.68 -5.97
N GLU F 109 -31.21 -12.51 -6.83
CA GLU F 109 -31.37 -12.29 -8.29
C GLU F 109 -30.76 -13.47 -9.04
N ILE F 110 -31.30 -13.75 -10.23
CA ILE F 110 -30.71 -14.72 -11.19
C ILE F 110 -29.69 -13.95 -12.03
N LYS F 111 -28.47 -14.51 -12.16
CA LYS F 111 -27.49 -14.09 -13.20
C LYS F 111 -27.77 -14.91 -14.46
N ARG F 112 -28.11 -14.23 -15.53
CA ARG F 112 -28.43 -14.84 -16.85
C ARG F 112 -27.56 -14.15 -17.91
N THR F 113 -27.73 -14.52 -19.18
CA THR F 113 -27.00 -13.93 -20.34
C THR F 113 -27.46 -12.48 -20.52
N VAL F 114 -26.58 -11.63 -21.07
N VAL F 114 -26.58 -11.63 -21.06
CA VAL F 114 -26.90 -10.21 -21.38
CA VAL F 114 -26.89 -10.21 -21.39
C VAL F 114 -27.99 -10.21 -22.45
C VAL F 114 -27.99 -10.20 -22.46
N ALA F 115 -29.01 -9.36 -22.28
CA ALA F 115 -30.13 -9.17 -23.23
C ALA F 115 -30.35 -7.67 -23.44
N ALA F 116 -30.33 -7.22 -24.70
CA ALA F 116 -30.56 -5.82 -25.10
C ALA F 116 -32.03 -5.46 -24.86
N PRO F 117 -32.35 -4.21 -24.46
CA PRO F 117 -33.74 -3.75 -24.41
C PRO F 117 -34.31 -3.56 -25.81
N SER F 118 -35.55 -4.01 -26.04
CA SER F 118 -36.42 -3.54 -27.14
C SER F 118 -36.97 -2.18 -26.72
N VAL F 119 -36.74 -1.14 -27.53
CA VAL F 119 -37.05 0.27 -27.21
C VAL F 119 -38.29 0.68 -28.01
N PHE F 120 -39.25 1.32 -27.34
CA PHE F 120 -40.51 1.88 -27.90
C PHE F 120 -40.67 3.30 -27.36
N ILE F 121 -41.14 4.21 -28.21
CA ILE F 121 -41.53 5.60 -27.82
C ILE F 121 -43.05 5.77 -28.07
N PHE F 122 -43.73 6.52 -27.21
CA PHE F 122 -45.19 6.77 -27.23
C PHE F 122 -45.45 8.27 -27.14
N PRO F 123 -46.03 8.90 -28.20
CA PRO F 123 -46.39 10.31 -28.13
C PRO F 123 -47.53 10.52 -27.14
N PRO F 124 -47.73 11.75 -26.61
CA PRO F 124 -48.88 12.03 -25.76
C PRO F 124 -50.19 11.88 -26.55
N SER F 125 -51.26 11.44 -25.88
CA SER F 125 -52.63 11.32 -26.46
C SER F 125 -53.19 12.72 -26.74
N ASP F 126 -54.06 12.82 -27.76
CA ASP F 126 -54.85 14.04 -28.07
C ASP F 126 -55.65 14.45 -26.84
N GLU F 127 -56.29 13.46 -26.19
CA GLU F 127 -57.06 13.60 -24.92
C GLU F 127 -56.26 14.43 -23.91
N GLN F 128 -55.00 14.04 -23.65
CA GLN F 128 -54.13 14.68 -22.63
C GLN F 128 -53.79 16.12 -23.03
N LEU F 129 -53.45 16.34 -24.30
CA LEU F 129 -52.98 17.65 -24.83
C LEU F 129 -54.03 18.75 -24.56
N LYS F 130 -55.33 18.42 -24.66
CA LYS F 130 -56.44 19.38 -24.38
C LYS F 130 -56.39 19.83 -22.91
N SER F 131 -55.89 18.98 -22.00
CA SER F 131 -55.75 19.26 -20.54
C SER F 131 -54.62 20.26 -20.26
N GLY F 132 -53.69 20.47 -21.21
CA GLY F 132 -52.60 21.47 -21.11
C GLY F 132 -51.27 20.89 -20.63
N THR F 133 -51.09 19.57 -20.69
CA THR F 133 -49.83 18.84 -20.36
C THR F 133 -49.57 17.76 -21.42
N ALA F 134 -48.29 17.45 -21.69
CA ALA F 134 -47.82 16.43 -22.66
C ALA F 134 -46.91 15.44 -21.93
N SER F 135 -47.31 14.16 -21.87
CA SER F 135 -46.49 13.03 -21.34
C SER F 135 -45.96 12.21 -22.51
N VAL F 136 -44.63 12.13 -22.66
CA VAL F 136 -43.93 11.29 -23.68
C VAL F 136 -43.29 10.12 -22.91
N VAL F 137 -43.57 8.88 -23.33
CA VAL F 137 -43.15 7.66 -22.59
C VAL F 137 -42.20 6.83 -23.47
N CYS F 138 -41.01 6.52 -22.93
CA CYS F 138 -40.00 5.61 -23.53
C CYS F 138 -40.01 4.30 -22.72
N LEU F 139 -40.30 3.17 -23.39
CA LEU F 139 -40.30 1.81 -22.80
C LEU F 139 -39.04 1.06 -23.25
N LEU F 140 -38.25 0.57 -22.28
CA LEU F 140 -37.13 -0.40 -22.47
C LEU F 140 -37.62 -1.75 -21.95
N ASN F 141 -37.78 -2.75 -22.81
CA ASN F 141 -38.50 -4.01 -22.50
C ASN F 141 -37.55 -5.23 -22.54
N ASN F 142 -37.53 -6.01 -21.45
CA ASN F 142 -36.95 -7.37 -21.35
C ASN F 142 -35.43 -7.34 -21.61
N PHE F 143 -34.69 -6.62 -20.76
CA PHE F 143 -33.20 -6.47 -20.85
C PHE F 143 -32.57 -7.00 -19.55
N TYR F 144 -31.30 -7.43 -19.66
CA TYR F 144 -30.42 -7.83 -18.52
C TYR F 144 -28.98 -7.43 -18.86
N PRO F 145 -28.19 -6.86 -17.93
CA PRO F 145 -28.58 -6.57 -16.55
C PRO F 145 -29.37 -5.27 -16.36
N ARG F 146 -29.73 -4.95 -15.11
CA ARG F 146 -30.61 -3.81 -14.71
C ARG F 146 -30.04 -2.47 -15.20
N GLU F 147 -28.72 -2.30 -15.21
CA GLU F 147 -28.03 -1.01 -15.47
C GLU F 147 -28.31 -0.59 -16.93
N ALA F 148 -28.92 0.59 -17.11
CA ALA F 148 -29.32 1.17 -18.42
C ALA F 148 -29.37 2.68 -18.27
N LYS F 149 -29.08 3.42 -19.35
CA LYS F 149 -29.10 4.90 -19.39
C LYS F 149 -30.15 5.32 -20.42
N VAL F 150 -31.13 6.12 -19.99
CA VAL F 150 -32.19 6.71 -20.86
C VAL F 150 -31.98 8.22 -20.89
N GLN F 151 -31.79 8.78 -22.08
CA GLN F 151 -31.59 10.24 -22.31
C GLN F 151 -32.70 10.73 -23.25
N TRP F 152 -33.41 11.77 -22.83
CA TRP F 152 -34.46 12.46 -23.64
C TRP F 152 -33.82 13.57 -24.49
N LYS F 153 -34.19 13.64 -25.77
CA LYS F 153 -33.74 14.70 -26.70
C LYS F 153 -34.97 15.30 -27.39
N VAL F 154 -35.15 16.62 -27.26
CA VAL F 154 -36.23 17.42 -27.89
C VAL F 154 -35.56 18.40 -28.87
N ASP F 155 -35.83 18.22 -30.16
N ASP F 155 -35.89 18.30 -30.16
CA ASP F 155 -35.10 18.89 -31.28
CA ASP F 155 -35.11 18.83 -31.33
C ASP F 155 -33.59 18.75 -31.08
C ASP F 155 -33.60 18.74 -31.07
N ASN F 156 -33.13 17.53 -30.77
CA ASN F 156 -31.68 17.19 -30.59
C ASN F 156 -31.08 17.84 -29.32
N ALA F 157 -31.86 18.59 -28.52
CA ALA F 157 -31.39 19.21 -27.26
C ALA F 157 -31.65 18.23 -26.11
N LEU F 158 -30.61 17.84 -25.40
CA LEU F 158 -30.66 16.85 -24.29
C LEU F 158 -31.45 17.47 -23.13
N GLN F 159 -32.43 16.73 -22.59
CA GLN F 159 -33.36 17.19 -21.51
C GLN F 159 -32.79 16.85 -20.14
N SER F 160 -33.17 17.63 -19.12
CA SER F 160 -32.78 17.45 -17.70
C SER F 160 -33.87 18.02 -16.79
N GLY F 161 -34.21 17.28 -15.73
CA GLY F 161 -35.10 17.72 -14.63
C GLY F 161 -36.58 17.57 -14.93
N ASN F 162 -36.95 17.06 -16.12
CA ASN F 162 -38.35 16.95 -16.60
C ASN F 162 -38.67 15.50 -17.02
N SER F 163 -37.93 14.51 -16.52
CA SER F 163 -38.24 13.07 -16.71
C SER F 163 -38.16 12.31 -15.38
N GLN F 164 -38.92 11.23 -15.27
CA GLN F 164 -38.87 10.29 -14.12
C GLN F 164 -38.83 8.86 -14.67
N GLU F 165 -38.04 8.02 -14.00
CA GLU F 165 -37.76 6.60 -14.39
C GLU F 165 -38.43 5.66 -13.38
N SER F 166 -38.88 4.51 -13.87
CA SER F 166 -39.39 3.37 -13.07
C SER F 166 -38.93 2.04 -13.67
N VAL F 167 -38.50 1.10 -12.83
CA VAL F 167 -37.98 -0.25 -13.23
C VAL F 167 -38.81 -1.31 -12.52
N THR F 168 -39.25 -2.34 -13.27
CA THR F 168 -39.81 -3.59 -12.69
C THR F 168 -38.68 -4.36 -12.00
N GLU F 169 -39.03 -5.21 -11.04
CA GLU F 169 -38.10 -6.25 -10.51
C GLU F 169 -37.97 -7.35 -11.57
N GLN F 170 -37.02 -8.26 -11.35
CA GLN F 170 -36.62 -9.32 -12.31
C GLN F 170 -37.83 -10.23 -12.57
N ASP F 171 -38.17 -10.44 -13.85
CA ASP F 171 -39.32 -11.28 -14.28
C ASP F 171 -39.10 -12.72 -13.81
N SER F 172 -40.16 -13.39 -13.33
CA SER F 172 -40.11 -14.72 -12.68
C SER F 172 -39.92 -15.84 -13.72
N LYS F 173 -39.97 -15.57 -15.03
CA LYS F 173 -39.80 -16.58 -16.12
C LYS F 173 -38.49 -16.36 -16.87
N ASP F 174 -38.23 -15.17 -17.42
CA ASP F 174 -37.08 -14.88 -18.32
C ASP F 174 -35.99 -14.05 -17.61
N SER F 175 -36.19 -13.69 -16.34
CA SER F 175 -35.16 -13.07 -15.44
C SER F 175 -34.68 -11.73 -16.00
N THR F 176 -35.51 -11.03 -16.80
CA THR F 176 -35.18 -9.71 -17.40
C THR F 176 -35.81 -8.60 -16.56
N TYR F 177 -35.36 -7.37 -16.82
CA TYR F 177 -35.93 -6.11 -16.28
C TYR F 177 -36.61 -5.37 -17.44
N SER F 178 -37.63 -4.58 -17.12
CA SER F 178 -38.21 -3.56 -18.03
C SER F 178 -38.17 -2.21 -17.32
N LEU F 179 -38.11 -1.12 -18.09
CA LEU F 179 -37.98 0.27 -17.58
C LEU F 179 -38.87 1.19 -18.42
N SER F 180 -39.56 2.12 -17.76
CA SER F 180 -40.34 3.22 -18.39
C SER F 180 -39.71 4.55 -17.99
N SER F 181 -39.47 5.43 -18.96
CA SER F 181 -39.08 6.84 -18.74
C SER F 181 -40.19 7.74 -19.28
N THR F 182 -40.67 8.69 -18.47
CA THR F 182 -41.77 9.63 -18.83
C THR F 182 -41.21 11.05 -18.83
N LEU F 183 -41.32 11.74 -19.98
CA LEU F 183 -40.99 13.17 -20.16
C LEU F 183 -42.29 13.98 -20.03
N THR F 184 -42.30 15.01 -19.19
CA THR F 184 -43.47 15.88 -18.90
C THR F 184 -43.20 17.31 -19.36
N LEU F 185 -43.96 17.78 -20.34
CA LEU F 185 -43.92 19.16 -20.89
C LEU F 185 -45.31 19.80 -20.72
N SER F 186 -45.34 21.13 -20.62
CA SER F 186 -46.56 21.96 -20.86
C SER F 186 -46.94 21.86 -22.34
N LYS F 187 -48.22 22.10 -22.67
CA LYS F 187 -48.75 22.09 -24.06
C LYS F 187 -47.98 23.12 -24.89
N ALA F 188 -47.74 24.31 -24.31
CA ALA F 188 -46.95 25.42 -24.90
C ALA F 188 -45.58 24.90 -25.35
N ASP F 189 -44.79 24.38 -24.39
CA ASP F 189 -43.41 23.88 -24.62
C ASP F 189 -43.44 22.72 -25.62
N TYR F 190 -44.43 21.83 -25.52
CA TYR F 190 -44.56 20.66 -26.44
C TYR F 190 -44.70 21.14 -27.88
N GLU F 191 -45.52 22.18 -28.13
CA GLU F 191 -45.85 22.68 -29.49
C GLU F 191 -44.71 23.53 -30.08
N LYS F 192 -43.78 24.03 -29.25
CA LYS F 192 -42.59 24.81 -29.69
C LYS F 192 -41.56 23.92 -30.42
N HIS F 193 -41.64 22.59 -30.27
CA HIS F 193 -40.61 21.62 -30.75
C HIS F 193 -41.26 20.55 -31.64
N LYS F 194 -40.47 19.87 -32.48
CA LYS F 194 -40.95 18.92 -33.53
C LYS F 194 -40.50 17.49 -33.25
N VAL F 195 -39.19 17.27 -33.04
CA VAL F 195 -38.57 15.92 -32.96
C VAL F 195 -38.42 15.53 -31.49
N TYR F 196 -39.04 14.41 -31.10
CA TYR F 196 -39.00 13.82 -29.74
C TYR F 196 -38.30 12.47 -29.82
N ALA F 197 -37.21 12.29 -29.07
CA ALA F 197 -36.32 11.11 -29.11
C ALA F 197 -35.92 10.69 -27.69
N CYS F 198 -35.91 9.39 -27.41
CA CYS F 198 -35.22 8.79 -26.23
C CYS F 198 -34.04 7.95 -26.73
N GLU F 199 -32.85 8.23 -26.18
CA GLU F 199 -31.57 7.54 -26.47
C GLU F 199 -31.26 6.57 -25.35
N VAL F 200 -31.09 5.29 -25.70
CA VAL F 200 -30.93 4.14 -24.76
C VAL F 200 -29.50 3.60 -24.90
N THR F 201 -28.76 3.56 -23.79
CA THR F 201 -27.42 2.93 -23.67
C THR F 201 -27.55 1.67 -22.80
N HIS F 202 -26.98 0.56 -23.24
CA HIS F 202 -26.98 -0.75 -22.53
C HIS F 202 -25.88 -1.67 -23.08
N GLN F 203 -25.28 -2.48 -22.20
CA GLN F 203 -24.26 -3.54 -22.52
C GLN F 203 -24.62 -4.37 -23.75
N GLY F 204 -25.90 -4.71 -23.91
CA GLY F 204 -26.42 -5.54 -25.01
C GLY F 204 -26.43 -4.82 -26.36
N LEU F 205 -26.28 -3.50 -26.36
CA LEU F 205 -26.24 -2.65 -27.59
C LEU F 205 -24.79 -2.23 -27.86
N SER F 206 -24.30 -2.44 -29.09
CA SER F 206 -22.94 -2.04 -29.53
C SER F 206 -22.80 -0.51 -29.49
N SER F 207 -23.85 0.22 -29.88
CA SER F 207 -23.95 1.69 -29.82
C SER F 207 -25.33 2.10 -29.31
N PRO F 208 -25.49 3.30 -28.69
CA PRO F 208 -26.80 3.75 -28.22
C PRO F 208 -27.88 3.73 -29.31
N VAL F 209 -29.05 3.16 -28.99
CA VAL F 209 -30.23 3.14 -29.90
C VAL F 209 -31.11 4.35 -29.55
N THR F 210 -31.62 5.01 -30.59
CA THR F 210 -32.55 6.18 -30.51
C THR F 210 -33.86 5.76 -31.15
N LYS F 211 -34.97 5.88 -30.41
CA LYS F 211 -36.35 5.85 -30.93
C LYS F 211 -36.93 7.26 -30.84
N SER F 212 -37.54 7.72 -31.93
CA SER F 212 -38.06 9.11 -32.08
C SER F 212 -39.35 9.13 -32.89
N PHE F 213 -40.10 10.23 -32.76
CA PHE F 213 -41.26 10.59 -33.61
C PHE F 213 -41.20 12.10 -33.92
N ASN F 214 -41.95 12.51 -34.93
CA ASN F 214 -42.15 13.93 -35.33
C ASN F 214 -43.58 14.32 -34.94
N ARG F 215 -43.74 15.40 -34.18
CA ARG F 215 -45.03 15.86 -33.58
C ARG F 215 -46.13 15.95 -34.65
N GLY F 216 -45.78 16.32 -35.88
CA GLY F 216 -46.70 16.38 -37.03
C GLY F 216 -47.33 15.02 -37.32
N GLU F 217 -46.49 14.02 -37.61
CA GLU F 217 -46.90 12.65 -38.03
C GLU F 217 -47.59 11.96 -36.85
N GLU G 1 -8.49 18.92 30.75
CA GLU G 1 -7.09 19.01 30.23
C GLU G 1 -6.87 17.95 29.14
N VAL G 2 -6.10 18.29 28.10
CA VAL G 2 -5.65 17.34 27.04
C VAL G 2 -4.60 16.40 27.66
N GLN G 3 -4.78 15.09 27.47
CA GLN G 3 -3.79 14.05 27.86
C GLN G 3 -3.67 12.99 26.77
N LEU G 4 -2.46 12.47 26.58
CA LEU G 4 -2.17 11.27 25.78
C LEU G 4 -1.30 10.36 26.64
N GLN G 5 -1.41 9.05 26.45
CA GLN G 5 -0.61 8.03 27.18
C GLN G 5 -0.30 6.88 26.23
N GLU G 6 0.99 6.57 26.07
CA GLU G 6 1.48 5.43 25.27
C GLU G 6 1.50 4.18 26.17
N SER G 7 1.13 3.02 25.60
CA SER G 7 1.26 1.68 26.21
C SER G 7 1.94 0.74 25.21
N GLY G 8 2.80 -0.17 25.68
CA GLY G 8 3.58 -1.10 24.84
C GLY G 8 4.17 -2.24 25.66
N PRO G 9 4.78 -3.25 24.99
CA PRO G 9 5.23 -4.47 25.67
C PRO G 9 6.56 -4.30 26.44
N GLY G 10 7.32 -3.23 26.17
CA GLY G 10 8.64 -2.99 26.78
C GLY G 10 9.74 -3.71 26.01
N LEU G 11 9.68 -5.04 25.97
CA LEU G 11 10.66 -5.90 25.23
C LEU G 11 9.95 -6.48 23.99
N VAL G 12 10.63 -6.48 22.84
CA VAL G 12 10.17 -7.14 21.57
C VAL G 12 11.37 -7.88 20.95
N LYS G 13 11.18 -9.12 20.52
CA LYS G 13 12.25 -9.96 19.92
C LYS G 13 12.55 -9.45 18.51
N PRO G 14 13.81 -9.52 18.03
CA PRO G 14 14.13 -9.17 16.63
C PRO G 14 13.24 -9.93 15.63
N SER G 15 12.84 -9.25 14.55
CA SER G 15 12.03 -9.77 13.41
C SER G 15 10.53 -9.90 13.77
N GLU G 16 10.13 -9.67 15.03
CA GLU G 16 8.70 -9.66 15.46
C GLU G 16 8.09 -8.26 15.21
N THR G 17 6.79 -8.11 15.47
CA THR G 17 6.01 -6.86 15.28
C THR G 17 5.88 -6.14 16.62
N LEU G 18 6.28 -4.87 16.67
CA LEU G 18 6.05 -3.95 17.81
C LEU G 18 4.63 -3.40 17.68
N SER G 19 3.82 -3.53 18.74
CA SER G 19 2.42 -3.02 18.84
C SER G 19 2.33 -2.01 19.99
N LEU G 20 1.94 -0.76 19.69
CA LEU G 20 1.73 0.31 20.69
C LEU G 20 0.31 0.87 20.54
N THR G 21 -0.24 1.34 21.65
CA THR G 21 -1.52 2.07 21.72
C THR G 21 -1.28 3.44 22.37
N CYS G 22 -1.90 4.46 21.80
CA CYS G 22 -1.98 5.84 22.34
C CYS G 22 -3.43 6.11 22.76
N THR G 23 -3.69 6.19 24.06
CA THR G 23 -5.01 6.48 24.67
C THR G 23 -5.06 7.97 24.98
N VAL G 24 -6.12 8.64 24.51
CA VAL G 24 -6.30 10.12 24.61
C VAL G 24 -7.48 10.43 25.54
N SER G 25 -7.43 11.59 26.19
CA SER G 25 -8.58 12.19 26.92
C SER G 25 -8.52 13.72 26.85
N GLY G 26 -9.67 14.40 27.05
CA GLY G 26 -9.81 15.86 26.97
C GLY G 26 -9.96 16.36 25.55
N PHE G 27 -10.06 15.47 24.55
CA PHE G 27 -10.37 15.81 23.14
C PHE G 27 -10.84 14.57 22.39
N SER G 28 -11.38 14.77 21.19
CA SER G 28 -11.88 13.70 20.28
C SER G 28 -10.91 13.51 19.11
N LEU G 29 -10.67 12.25 18.73
CA LEU G 29 -9.83 11.88 17.56
C LEU G 29 -10.56 12.19 16.26
N THR G 30 -11.88 12.44 16.29
CA THR G 30 -12.69 12.93 15.15
C THR G 30 -12.30 14.37 14.77
N ASN G 31 -11.79 15.16 15.73
CA ASN G 31 -11.45 16.60 15.58
C ASN G 31 -9.96 16.81 15.30
N TYR G 32 -9.06 16.01 15.92
CA TYR G 32 -7.60 16.26 15.95
C TYR G 32 -6.82 15.08 15.36
N ALA G 33 -5.77 15.39 14.60
CA ALA G 33 -4.77 14.38 14.14
C ALA G 33 -3.83 14.06 15.30
N VAL G 34 -3.29 12.84 15.27
CA VAL G 34 -2.27 12.34 16.24
C VAL G 34 -1.08 11.80 15.43
N SER G 35 0.13 12.23 15.79
CA SER G 35 1.41 11.77 15.18
C SER G 35 2.14 10.84 16.15
N TRP G 36 2.91 9.90 15.59
CA TRP G 36 3.89 9.06 16.32
C TRP G 36 5.31 9.59 16.03
N VAL G 37 6.06 9.88 17.10
CA VAL G 37 7.48 10.33 17.04
C VAL G 37 8.29 9.43 17.98
N ARG G 38 9.48 9.00 17.58
CA ARG G 38 10.38 8.17 18.44
C ARG G 38 11.72 8.88 18.67
N GLN G 39 12.42 8.46 19.71
CA GLN G 39 13.73 9.01 20.16
C GLN G 39 14.62 7.84 20.57
N PRO G 40 15.54 7.34 19.70
CA PRO G 40 16.54 6.36 20.11
C PRO G 40 17.37 6.89 21.28
N PRO G 41 17.90 6.03 22.19
CA PRO G 41 18.54 6.54 23.42
C PRO G 41 19.71 7.47 23.08
N GLY G 42 19.70 8.68 23.68
CA GLY G 42 20.73 9.73 23.50
C GLY G 42 20.78 10.31 22.09
N LYS G 43 19.71 10.17 21.30
CA LYS G 43 19.63 10.68 19.89
C LYS G 43 18.48 11.67 19.76
N GLY G 44 18.28 12.22 18.56
CA GLY G 44 17.23 13.21 18.24
C GLY G 44 15.87 12.59 17.96
N LEU G 45 14.88 13.43 17.63
CA LEU G 45 13.46 13.06 17.40
C LEU G 45 13.25 12.68 15.93
N GLU G 46 12.55 11.58 15.66
CA GLU G 46 12.23 11.06 14.31
C GLU G 46 10.72 10.81 14.20
N TRP G 47 10.05 11.51 13.30
CA TRP G 47 8.60 11.36 12.98
C TRP G 47 8.37 10.04 12.21
N LEU G 48 7.41 9.24 12.66
CA LEU G 48 7.05 7.93 12.05
C LEU G 48 5.88 8.11 11.07
N GLY G 49 4.80 8.75 11.52
CA GLY G 49 3.58 8.96 10.72
C GLY G 49 2.46 9.62 11.51
N VAL G 50 1.34 9.92 10.84
CA VAL G 50 0.20 10.68 11.42
C VAL G 50 -1.12 9.98 11.06
N MET G 51 -2.04 9.91 12.02
CA MET G 51 -3.47 9.55 11.82
C MET G 51 -4.28 10.84 11.81
N TRP G 52 -4.76 11.26 10.62
N TRP G 52 -4.74 11.27 10.62
CA TRP G 52 -5.55 12.51 10.43
CA TRP G 52 -5.54 12.51 10.41
C TRP G 52 -6.93 12.34 11.07
C TRP G 52 -6.92 12.34 11.05
N ALA G 53 -7.58 13.45 11.39
CA ALA G 53 -8.94 13.49 12.01
C ALA G 53 -9.94 12.69 11.15
N GLY G 54 -9.87 12.84 9.83
CA GLY G 54 -10.75 12.19 8.85
C GLY G 54 -10.49 10.70 8.66
N GLY G 55 -9.40 10.16 9.21
CA GLY G 55 -9.13 8.70 9.26
C GLY G 55 -8.05 8.27 8.29
N GLY G 56 -7.60 9.15 7.39
CA GLY G 56 -6.47 8.90 6.48
C GLY G 56 -5.14 8.96 7.21
N THR G 57 -4.13 8.27 6.67
CA THR G 57 -2.76 8.17 7.23
C THR G 57 -1.74 8.80 6.27
N ASN G 58 -0.64 9.33 6.82
CA ASN G 58 0.60 9.69 6.08
C ASN G 58 1.80 9.18 6.88
N TYR G 59 2.75 8.49 6.22
CA TYR G 59 3.91 7.81 6.84
C TYR G 59 5.22 8.46 6.37
N ASN G 60 6.23 8.44 7.23
CA ASN G 60 7.65 8.68 6.85
C ASN G 60 8.06 7.54 5.92
N SER G 61 8.54 7.85 4.70
CA SER G 61 8.71 6.87 3.60
C SER G 61 9.73 5.79 3.99
N VAL G 62 10.70 6.12 4.87
CA VAL G 62 11.73 5.18 5.40
C VAL G 62 11.06 4.05 6.20
N PHE G 63 9.86 4.28 6.77
CA PHE G 63 9.12 3.28 7.58
C PHE G 63 7.90 2.70 6.86
N LYS G 64 7.49 3.27 5.72
CA LYS G 64 6.20 3.00 5.03
C LYS G 64 5.93 1.49 4.93
N SER G 65 6.92 0.71 4.54
CA SER G 65 6.78 -0.75 4.22
C SER G 65 6.62 -1.59 5.50
N ARG G 66 7.01 -1.07 6.68
CA ARG G 66 6.96 -1.79 7.99
C ARG G 66 5.89 -1.22 8.93
N LEU G 67 5.37 -0.01 8.67
CA LEU G 67 4.57 0.77 9.65
C LEU G 67 3.10 0.79 9.24
N THR G 68 2.21 0.54 10.20
CA THR G 68 0.74 0.72 10.08
C THR G 68 0.26 1.49 11.30
N ILE G 69 -0.43 2.60 11.07
CA ILE G 69 -1.13 3.40 12.10
C ILE G 69 -2.63 3.26 11.83
N SER G 70 -3.40 2.89 12.85
CA SER G 70 -4.89 2.83 12.81
C SER G 70 -5.46 3.53 14.06
N LYS G 71 -6.78 3.72 14.10
CA LYS G 71 -7.44 4.28 15.30
C LYS G 71 -8.87 3.74 15.42
N ASP G 72 -9.39 3.87 16.63
CA ASP G 72 -10.83 3.65 16.96
C ASP G 72 -11.29 4.90 17.73
N ASN G 73 -11.98 5.81 17.04
CA ASN G 73 -12.50 7.08 17.60
C ASN G 73 -13.30 6.78 18.89
N SER G 74 -14.13 5.74 18.85
CA SER G 74 -15.08 5.36 19.93
C SER G 74 -14.35 4.83 21.18
N LYS G 75 -13.12 4.31 21.02
CA LYS G 75 -12.27 3.82 22.16
C LYS G 75 -11.21 4.85 22.57
N ASN G 76 -11.14 6.00 21.89
CA ASN G 76 -10.18 7.10 22.19
C ASN G 76 -8.73 6.58 22.08
N GLN G 77 -8.45 5.76 21.06
CA GLN G 77 -7.16 5.07 20.89
C GLN G 77 -6.68 5.22 19.44
N VAL G 78 -5.38 5.51 19.31
CA VAL G 78 -4.59 5.38 18.04
C VAL G 78 -3.59 4.25 18.28
N SER G 79 -3.41 3.40 17.28
CA SER G 79 -2.53 2.22 17.35
C SER G 79 -1.38 2.37 16.36
N LEU G 80 -0.23 1.79 16.70
CA LEU G 80 0.97 1.68 15.84
C LEU G 80 1.39 0.22 15.79
N LYS G 81 1.71 -0.26 14.59
CA LYS G 81 2.29 -1.60 14.35
C LYS G 81 3.54 -1.41 13.49
N LEU G 82 4.71 -1.82 13.99
CA LEU G 82 6.01 -1.75 13.28
C LEU G 82 6.55 -3.18 13.17
N SER G 83 6.51 -3.76 11.97
CA SER G 83 6.90 -5.16 11.69
C SER G 83 8.42 -5.26 11.46
N SER G 84 8.95 -6.48 11.51
CA SER G 84 10.36 -6.86 11.21
C SER G 84 11.33 -5.95 11.98
N VAL G 85 11.15 -5.81 13.29
CA VAL G 85 11.95 -4.87 14.15
C VAL G 85 13.39 -5.39 14.25
N THR G 86 14.35 -4.45 14.25
CA THR G 86 15.79 -4.67 14.51
C THR G 86 16.19 -3.82 15.72
N ALA G 87 17.46 -3.93 16.15
CA ALA G 87 18.05 -3.17 17.29
C ALA G 87 17.89 -1.66 17.06
N ALA G 88 17.90 -1.22 15.79
CA ALA G 88 17.72 0.17 15.35
C ALA G 88 16.36 0.75 15.77
N ASP G 89 15.36 -0.09 16.08
CA ASP G 89 14.00 0.35 16.48
C ASP G 89 13.88 0.52 18.00
N THR G 90 14.93 0.21 18.77
CA THR G 90 15.03 0.53 20.23
C THR G 90 14.92 2.05 20.39
N ALA G 91 13.91 2.53 21.10
CA ALA G 91 13.59 3.97 21.24
C ALA G 91 12.46 4.19 22.25
N VAL G 92 12.38 5.41 22.79
CA VAL G 92 11.16 5.94 23.44
C VAL G 92 10.20 6.33 22.30
N TYR G 93 9.00 5.74 22.27
CA TYR G 93 7.94 6.05 21.28
C TYR G 93 6.93 7.02 21.93
N TYR G 94 6.62 8.12 21.24
CA TYR G 94 5.67 9.17 21.67
C TYR G 94 4.50 9.25 20.69
N CYS G 95 3.29 9.47 21.19
CA CYS G 95 2.15 10.01 20.42
C CYS G 95 1.95 11.48 20.82
N ALA G 96 1.59 12.34 19.85
CA ALA G 96 1.42 13.79 20.05
C ALA G 96 0.20 14.28 19.26
N ARG G 97 -0.61 15.13 19.90
CA ARG G 97 -1.77 15.76 19.24
C ARG G 97 -1.24 16.84 18.30
N GLU G 98 -1.67 16.81 17.04
CA GLU G 98 -1.45 17.91 16.05
C GLU G 98 -2.69 18.81 16.08
N ARG G 99 -2.50 20.11 16.33
CA ARG G 99 -3.60 21.11 16.16
C ARG G 99 -3.87 21.30 14.67
N PRO G 100 -5.12 21.70 14.27
CA PRO G 100 -5.49 21.76 12.85
C PRO G 100 -4.73 22.78 12.00
N LEU G 101 -4.48 22.43 10.75
CA LEU G 101 -4.04 23.31 9.63
C LEU G 101 -2.53 23.58 9.67
N THR G 102 -1.92 23.66 10.85
CA THR G 102 -0.55 24.20 11.09
C THR G 102 0.46 23.08 11.34
N GLY G 103 0.03 21.88 11.75
CA GLY G 103 0.92 20.73 12.02
C GLY G 103 1.69 20.86 13.33
N VAL G 104 1.32 21.81 14.19
CA VAL G 104 1.96 22.03 15.52
C VAL G 104 1.57 20.87 16.42
N MET G 105 2.55 20.16 16.97
CA MET G 105 2.37 19.07 17.97
C MET G 105 2.45 19.71 19.37
N ASP G 106 1.29 20.01 19.96
CA ASP G 106 1.20 20.90 21.16
C ASP G 106 1.08 20.09 22.46
N TYR G 107 0.61 18.84 22.40
CA TYR G 107 0.48 17.95 23.57
C TYR G 107 1.09 16.59 23.23
N TRP G 108 1.99 16.09 24.10
CA TRP G 108 2.74 14.82 23.94
C TRP G 108 2.43 13.89 25.12
N GLY G 109 2.36 12.58 24.90
CA GLY G 109 2.34 11.58 25.98
C GLY G 109 3.70 11.49 26.65
N GLN G 110 3.77 10.79 27.79
N GLN G 110 3.77 10.81 27.79
CA GLN G 110 4.99 10.63 28.61
CA GLN G 110 5.02 10.67 28.60
C GLN G 110 6.04 9.81 27.84
C GLN G 110 6.05 9.78 27.87
N GLY G 111 5.60 8.96 26.91
CA GLY G 111 6.47 8.10 26.09
C GLY G 111 6.55 6.70 26.67
N THR G 112 6.82 5.70 25.82
CA THR G 112 7.02 4.29 26.21
C THR G 112 8.34 3.82 25.60
N LEU G 113 9.25 3.30 26.43
CA LEU G 113 10.56 2.76 25.99
C LEU G 113 10.35 1.34 25.45
N VAL G 114 10.73 1.10 24.21
CA VAL G 114 10.73 -0.26 23.58
C VAL G 114 12.20 -0.66 23.36
N THR G 115 12.64 -1.77 23.98
CA THR G 115 13.95 -2.42 23.74
C THR G 115 13.72 -3.61 22.80
N VAL G 116 14.42 -3.63 21.66
CA VAL G 116 14.47 -4.80 20.74
C VAL G 116 15.67 -5.66 21.14
N SER G 117 15.41 -6.87 21.65
CA SER G 117 16.42 -7.83 22.12
C SER G 117 15.81 -9.23 22.19
N SER G 118 16.61 -10.25 21.86
CA SER G 118 16.24 -11.69 21.94
C SER G 118 16.45 -12.22 23.36
N ALA G 119 17.02 -11.42 24.28
CA ALA G 119 17.26 -11.79 25.70
C ALA G 119 15.92 -11.85 26.46
N SER G 120 15.92 -12.55 27.60
CA SER G 120 14.74 -12.80 28.46
C SER G 120 14.47 -11.59 29.36
N THR G 121 13.20 -11.37 29.71
CA THR G 121 12.77 -10.42 30.78
C THR G 121 13.28 -10.93 32.12
N LYS G 122 13.68 -10.02 33.03
CA LYS G 122 14.12 -10.39 34.40
C LYS G 122 13.84 -9.21 35.36
N GLY G 123 13.10 -9.47 36.44
CA GLY G 123 12.73 -8.44 37.44
C GLY G 123 13.92 -8.07 38.32
N PRO G 124 13.92 -6.89 38.97
CA PRO G 124 15.06 -6.47 39.79
C PRO G 124 15.11 -7.12 41.18
N SER G 125 16.32 -7.15 41.78
CA SER G 125 16.55 -7.31 43.23
C SER G 125 16.76 -5.92 43.82
N VAL G 126 16.14 -5.62 44.97
CA VAL G 126 16.25 -4.29 45.64
C VAL G 126 16.97 -4.50 46.97
N PHE G 127 18.14 -3.84 47.15
CA PHE G 127 19.00 -3.91 48.35
C PHE G 127 19.07 -2.53 48.99
N PRO G 128 19.14 -2.42 50.34
CA PRO G 128 19.25 -1.13 50.99
C PRO G 128 20.67 -0.55 50.88
N LEU G 129 20.78 0.78 50.68
CA LEU G 129 22.00 1.56 50.94
C LEU G 129 21.78 2.27 52.28
N ALA G 130 22.18 1.62 53.38
CA ALA G 130 21.82 1.98 54.76
C ALA G 130 22.61 3.22 55.20
N PRO G 131 22.00 4.18 55.92
CA PRO G 131 22.74 5.30 56.51
C PRO G 131 23.61 4.82 57.68
N SER G 132 24.72 5.52 57.93
CA SER G 132 25.72 5.24 59.01
C SER G 132 25.93 6.52 59.83
N SER G 133 27.07 7.20 59.67
CA SER G 133 27.36 8.58 60.17
C SER G 133 27.04 9.56 59.04
N LYS G 134 27.70 9.38 57.89
CA LYS G 134 27.51 10.11 56.61
C LYS G 134 28.13 11.51 56.73
N SER G 135 27.54 12.40 57.54
CA SER G 135 28.09 13.74 57.91
C SER G 135 27.68 14.09 59.36
N GLY G 139 24.83 16.92 60.46
CA GLY G 139 23.51 17.50 60.18
C GLY G 139 22.75 16.71 59.13
N THR G 140 23.36 16.51 57.96
CA THR G 140 22.80 15.77 56.78
C THR G 140 23.26 14.31 56.80
N ALA G 141 22.36 13.37 56.51
CA ALA G 141 22.64 11.93 56.31
C ALA G 141 22.10 11.51 54.94
N ALA G 142 22.85 10.67 54.22
CA ALA G 142 22.47 10.07 52.91
C ALA G 142 22.08 8.61 53.10
N LEU G 143 21.06 8.15 52.37
CA LEU G 143 20.64 6.72 52.28
C LEU G 143 20.06 6.49 50.87
N GLY G 144 19.78 5.24 50.51
CA GLY G 144 19.26 4.91 49.17
C GLY G 144 18.81 3.47 49.04
N CYS G 145 18.55 3.05 47.79
CA CYS G 145 18.23 1.67 47.37
C CYS G 145 19.06 1.31 46.13
N LEU G 146 19.69 0.13 46.14
CA LEU G 146 20.37 -0.47 44.96
C LEU G 146 19.36 -1.36 44.23
N VAL G 147 19.03 -1.03 42.96
CA VAL G 147 18.09 -1.80 42.11
C VAL G 147 18.92 -2.53 41.05
N LYS G 148 19.13 -3.83 41.22
CA LYS G 148 20.19 -4.61 40.51
C LYS G 148 19.61 -5.74 39.65
N ASP G 149 20.20 -5.98 38.47
CA ASP G 149 20.07 -7.22 37.66
C ASP G 149 18.66 -7.35 37.10
N TYR G 150 18.20 -6.34 36.36
CA TYR G 150 16.88 -6.35 35.65
C TYR G 150 17.09 -6.17 34.14
N PHE G 151 16.11 -6.63 33.36
CA PHE G 151 16.02 -6.42 31.88
C PHE G 151 14.56 -6.52 31.46
N PRO G 152 14.07 -5.70 30.49
CA PRO G 152 14.81 -4.56 29.96
C PRO G 152 14.66 -3.35 30.88
N GLU G 153 15.17 -2.20 30.44
CA GLU G 153 14.85 -0.86 30.98
C GLU G 153 13.40 -0.56 30.60
N PRO G 154 12.64 0.26 31.37
CA PRO G 154 13.10 0.91 32.60
C PRO G 154 12.55 0.37 33.92
N VAL G 155 13.14 0.86 35.01
CA VAL G 155 12.61 0.81 36.39
C VAL G 155 12.24 2.25 36.78
N THR G 156 11.14 2.44 37.53
CA THR G 156 10.80 3.70 38.23
C THR G 156 10.95 3.51 39.74
N VAL G 157 11.36 4.55 40.45
CA VAL G 157 11.58 4.55 41.93
C VAL G 157 10.88 5.79 42.50
N SER G 158 10.07 5.62 43.55
CA SER G 158 9.59 6.71 44.44
C SER G 158 10.05 6.44 45.87
N TRP G 159 9.89 7.41 46.75
CA TRP G 159 10.24 7.32 48.19
C TRP G 159 9.03 7.68 49.05
N ASN G 160 8.62 6.77 49.93
CA ASN G 160 7.42 6.90 50.81
C ASN G 160 6.20 7.21 49.92
N SER G 161 6.05 6.43 48.83
CA SER G 161 4.92 6.47 47.86
C SER G 161 4.72 7.87 47.27
N GLY G 162 5.82 8.61 47.08
CA GLY G 162 5.81 9.96 46.45
C GLY G 162 5.79 11.10 47.46
N ALA G 163 5.72 10.80 48.77
CA ALA G 163 5.69 11.80 49.86
C ALA G 163 7.05 12.52 49.98
N LEU G 164 8.15 11.77 49.85
CA LEU G 164 9.55 12.30 49.92
C LEU G 164 10.10 12.47 48.51
N THR G 165 10.39 13.72 48.10
CA THR G 165 10.89 14.09 46.74
C THR G 165 12.12 15.01 46.80
N SER G 166 12.20 15.94 47.77
CA SER G 166 13.30 16.94 47.86
C SER G 166 14.60 16.22 48.25
N GLY G 167 15.68 16.46 47.51
CA GLY G 167 17.01 15.87 47.73
C GLY G 167 17.18 14.49 47.11
N VAL G 168 16.13 13.93 46.46
CA VAL G 168 16.18 12.59 45.82
C VAL G 168 17.00 12.69 44.52
N HIS G 169 17.98 11.80 44.35
CA HIS G 169 18.68 11.55 43.05
C HIS G 169 18.50 10.10 42.66
N THR G 170 17.82 9.83 41.53
CA THR G 170 17.77 8.51 40.87
C THR G 170 18.70 8.59 39.66
N PHE G 171 19.76 7.78 39.66
CA PHE G 171 20.83 7.82 38.63
C PHE G 171 20.37 7.09 37.38
N PRO G 172 20.86 7.47 36.17
CA PRO G 172 20.66 6.66 34.98
C PRO G 172 21.14 5.24 35.22
N ALA G 173 20.41 4.26 34.68
CA ALA G 173 20.78 2.83 34.70
C ALA G 173 22.08 2.65 33.93
N VAL G 174 22.94 1.74 34.41
CA VAL G 174 24.18 1.28 33.73
C VAL G 174 23.96 -0.19 33.32
N LEU G 175 24.44 -0.55 32.13
CA LEU G 175 24.40 -1.94 31.62
C LEU G 175 25.66 -2.66 32.13
N GLN G 176 25.47 -3.70 32.95
CA GLN G 176 26.56 -4.55 33.50
C GLN G 176 27.06 -5.49 32.41
N SER G 177 28.22 -6.13 32.61
CA SER G 177 28.85 -7.09 31.66
C SER G 177 27.95 -8.33 31.50
N SER G 178 27.14 -8.64 32.52
CA SER G 178 26.11 -9.71 32.53
C SER G 178 25.03 -9.48 31.45
N GLY G 179 24.86 -8.24 30.97
CA GLY G 179 23.79 -7.86 30.03
C GLY G 179 22.50 -7.45 30.75
N LEU G 180 22.55 -7.31 32.09
CA LEU G 180 21.41 -6.86 32.94
C LEU G 180 21.70 -5.44 33.43
N TYR G 181 20.65 -4.62 33.58
CA TYR G 181 20.74 -3.21 34.03
C TYR G 181 20.84 -3.18 35.56
N SER G 182 21.41 -2.09 36.09
CA SER G 182 21.48 -1.74 37.52
C SER G 182 21.38 -0.21 37.67
N LEU G 183 20.68 0.27 38.70
CA LEU G 183 20.71 1.70 39.10
C LEU G 183 20.58 1.83 40.62
N SER G 184 21.05 2.95 41.15
CA SER G 184 20.86 3.38 42.57
C SER G 184 19.92 4.58 42.58
N SER G 185 19.09 4.67 43.62
CA SER G 185 18.33 5.88 44.00
C SER G 185 18.77 6.29 45.40
N VAL G 186 19.08 7.56 45.62
CA VAL G 186 19.60 8.10 46.91
C VAL G 186 18.76 9.31 47.33
N VAL G 187 18.78 9.63 48.64
CA VAL G 187 18.16 10.85 49.22
C VAL G 187 19.02 11.30 50.41
N THR G 188 19.21 12.61 50.56
CA THR G 188 19.83 13.25 51.75
C THR G 188 18.70 13.74 52.67
N VAL G 189 18.80 13.46 53.98
CA VAL G 189 17.76 13.73 55.01
C VAL G 189 18.43 14.27 56.27
N PRO G 190 17.67 14.91 57.20
CA PRO G 190 18.21 15.24 58.52
C PRO G 190 18.71 14.01 59.28
N SER G 191 19.86 14.15 59.95
CA SER G 191 20.52 13.09 60.77
C SER G 191 19.63 12.72 61.96
N SER G 192 18.97 13.72 62.57
CA SER G 192 18.08 13.58 63.75
C SER G 192 16.79 12.81 63.39
N SER G 193 16.40 12.80 62.10
CA SER G 193 15.15 12.17 61.60
C SER G 193 15.29 10.64 61.44
N LEU G 194 16.52 10.10 61.44
CA LEU G 194 16.79 8.65 61.22
C LEU G 194 16.10 7.78 62.27
N GLY G 195 16.05 8.25 63.52
CA GLY G 195 15.42 7.55 64.66
C GLY G 195 13.90 7.46 64.53
N THR G 196 13.24 8.55 64.11
CA THR G 196 11.75 8.71 64.11
C THR G 196 11.18 8.32 62.74
N GLN G 197 11.70 8.91 61.66
CA GLN G 197 11.10 8.85 60.28
C GLN G 197 11.46 7.51 59.61
N THR G 198 10.46 6.85 59.02
CA THR G 198 10.60 5.63 58.17
C THR G 198 10.90 6.06 56.73
N TYR G 199 11.76 5.30 56.03
CA TYR G 199 12.18 5.54 54.62
C TYR G 199 12.06 4.24 53.83
N ILE G 200 11.14 4.22 52.85
CA ILE G 200 10.83 3.03 51.99
C ILE G 200 10.92 3.46 50.53
N CYS G 201 11.72 2.78 49.71
CA CYS G 201 11.79 3.03 48.24
C CYS G 201 10.82 2.09 47.53
N ASN G 202 10.01 2.64 46.60
CA ASN G 202 8.94 1.90 45.87
C ASN G 202 9.43 1.68 44.45
N VAL G 203 9.90 0.47 44.15
CA VAL G 203 10.56 0.12 42.85
C VAL G 203 9.54 -0.60 41.98
N ASN G 204 9.25 -0.09 40.78
CA ASN G 204 8.30 -0.70 39.81
C ASN G 204 9.06 -1.10 38.53
N HIS G 205 8.83 -2.33 38.03
CA HIS G 205 9.41 -2.86 36.76
C HIS G 205 8.27 -3.44 35.92
N LYS G 206 7.63 -2.61 35.10
N LYS G 206 7.62 -2.59 35.11
CA LYS G 206 6.43 -2.95 34.30
CA LYS G 206 6.43 -2.92 34.26
C LYS G 206 6.73 -4.10 33.33
C LYS G 206 6.72 -4.09 33.32
N PRO G 207 7.89 -4.15 32.64
CA PRO G 207 8.19 -5.27 31.72
C PRO G 207 8.13 -6.69 32.30
N SER G 208 8.43 -6.86 33.60
CA SER G 208 8.37 -8.16 34.33
C SER G 208 7.13 -8.22 35.25
N ASN G 209 6.30 -7.16 35.29
CA ASN G 209 5.12 -7.03 36.19
C ASN G 209 5.56 -7.26 37.64
N THR G 210 6.73 -6.72 38.02
CA THR G 210 7.31 -6.81 39.39
C THR G 210 7.18 -5.44 40.07
N LYS G 211 6.77 -5.42 41.35
CA LYS G 211 6.83 -4.23 42.24
C LYS G 211 7.39 -4.65 43.60
N VAL G 212 8.33 -3.85 44.15
CA VAL G 212 9.04 -4.14 45.42
C VAL G 212 9.09 -2.84 46.25
N ASP G 213 8.61 -2.90 47.49
CA ASP G 213 8.86 -1.89 48.54
C ASP G 213 10.00 -2.43 49.43
N LYS G 214 11.01 -1.61 49.73
CA LYS G 214 12.17 -1.99 50.58
C LYS G 214 12.38 -0.92 51.65
N LYS G 215 12.20 -1.28 52.93
CA LYS G 215 12.50 -0.40 54.09
C LYS G 215 14.02 -0.22 54.16
N VAL G 216 14.48 1.02 54.38
CA VAL G 216 15.93 1.37 54.52
C VAL G 216 16.11 1.98 55.91
N GLU G 217 16.92 1.35 56.77
CA GLU G 217 17.13 1.73 58.19
C GLU G 217 18.58 1.45 58.58
N PRO G 218 19.11 2.13 59.62
CA PRO G 218 20.52 1.96 60.00
C PRO G 218 20.80 0.56 60.58
N ASP H 1 13.43 16.02 1.65
CA ASP H 1 13.04 16.33 3.06
C ASP H 1 13.81 17.56 3.55
N ILE H 2 13.16 18.43 4.31
CA ILE H 2 13.78 19.65 4.88
C ILE H 2 14.70 19.21 6.03
N VAL H 3 16.00 19.52 5.92
CA VAL H 3 17.02 19.25 6.97
C VAL H 3 17.11 20.52 7.84
N LEU H 4 16.96 20.35 9.15
CA LEU H 4 17.12 21.44 10.16
C LEU H 4 18.45 21.23 10.89
N THR H 5 19.32 22.24 10.86
CA THR H 5 20.65 22.22 11.52
C THR H 5 20.67 23.33 12.56
N GLN H 6 20.88 22.95 13.82
CA GLN H 6 20.90 23.88 14.98
C GLN H 6 22.32 24.36 15.22
N SER H 7 22.46 25.50 15.90
CA SER H 7 23.76 26.07 16.33
C SER H 7 23.56 27.00 17.53
N PRO H 8 24.36 26.92 18.62
CA PRO H 8 25.38 25.88 18.80
C PRO H 8 24.81 24.49 19.07
N ASP H 9 25.67 23.46 19.09
CA ASP H 9 25.32 22.08 19.50
C ASP H 9 25.13 22.02 21.03
N SER H 10 25.93 22.78 21.77
CA SER H 10 25.79 22.97 23.24
C SER H 10 26.40 24.32 23.65
N LEU H 11 25.95 24.86 24.78
CA LEU H 11 26.45 26.13 25.33
C LEU H 11 26.29 26.15 26.85
N ALA H 12 27.24 26.80 27.53
CA ALA H 12 27.25 27.03 28.99
C ALA H 12 27.04 28.52 29.22
N VAL H 13 25.99 28.88 29.97
CA VAL H 13 25.51 30.28 30.16
C VAL H 13 25.41 30.55 31.66
N SER H 14 25.81 31.73 32.10
CA SER H 14 25.71 32.17 33.52
C SER H 14 24.26 32.56 33.83
N LEU H 15 23.83 32.34 35.08
CA LEU H 15 22.46 32.67 35.56
C LEU H 15 22.14 34.14 35.22
N GLY H 16 21.03 34.39 34.52
CA GLY H 16 20.51 35.73 34.21
C GLY H 16 21.05 36.32 32.92
N GLU H 17 21.87 35.57 32.18
CA GLU H 17 22.50 36.04 30.91
C GLU H 17 21.73 35.43 29.73
N ARG H 18 22.08 35.84 28.51
CA ARG H 18 21.30 35.54 27.28
C ARG H 18 21.78 34.23 26.66
N ALA H 19 20.83 33.38 26.27
CA ALA H 19 21.07 32.16 25.47
C ALA H 19 20.41 32.34 24.11
N THR H 20 21.20 32.23 23.04
CA THR H 20 20.76 32.38 21.62
C THR H 20 20.97 31.03 20.93
N ILE H 21 19.91 30.45 20.37
CA ILE H 21 19.93 29.14 19.66
C ILE H 21 19.39 29.39 18.26
N ASN H 22 20.20 29.10 17.24
N ASN H 22 20.19 29.09 17.24
CA ASN H 22 19.85 29.26 15.80
CA ASN H 22 19.86 29.28 15.81
C ASN H 22 19.37 27.91 15.25
C ASN H 22 19.40 27.92 15.23
N CYS H 23 18.34 27.94 14.40
CA CYS H 23 17.92 26.81 13.53
C CYS H 23 17.97 27.30 12.09
N ARG H 24 18.73 26.62 11.22
CA ARG H 24 18.71 26.89 9.77
C ARG H 24 18.07 25.70 9.05
N ALA H 25 17.25 25.98 8.02
CA ALA H 25 16.55 24.98 7.19
C ALA H 25 17.21 24.92 5.80
N SER H 26 17.25 23.74 5.19
CA SER H 26 17.78 23.48 3.82
C SER H 26 16.87 24.13 2.77
N GLU H 27 15.57 24.30 3.07
CA GLU H 27 14.56 24.95 2.20
C GLU H 27 13.67 25.85 3.07
N SER H 28 13.01 26.82 2.44
CA SER H 28 12.06 27.75 3.12
C SER H 28 10.96 26.95 3.81
N VAL H 29 10.61 27.35 5.04
CA VAL H 29 9.48 26.77 5.83
C VAL H 29 8.34 27.80 5.92
N ASP H 30 8.32 28.78 5.00
CA ASP H 30 7.28 29.83 4.92
C ASP H 30 6.25 29.46 3.85
N TYR H 31 4.98 29.82 4.09
CA TYR H 31 3.89 29.88 3.08
C TYR H 31 2.89 30.98 3.46
N SER H 32 2.61 31.90 2.52
CA SER H 32 1.63 33.01 2.63
C SER H 32 1.93 33.87 3.87
N GLY H 33 3.19 34.29 4.02
CA GLY H 33 3.68 35.15 5.13
C GLY H 33 3.54 34.48 6.50
N ASN H 34 3.56 33.15 6.56
CA ASN H 34 3.52 32.36 7.81
C ASN H 34 4.70 31.39 7.81
N SER H 35 5.44 31.37 8.92
CA SER H 35 6.66 30.54 9.12
C SER H 35 6.25 29.32 9.97
N PHE H 36 6.44 28.11 9.46
CA PHE H 36 6.06 26.83 10.13
C PHE H 36 7.29 26.23 10.81
N MET H 37 7.92 27.03 11.68
CA MET H 37 9.06 26.63 12.55
C MET H 37 8.63 26.82 14.00
N HIS H 38 8.82 25.77 14.81
CA HIS H 38 8.37 25.69 16.22
C HIS H 38 9.58 25.30 17.07
N TRP H 39 9.57 25.67 18.36
CA TRP H 39 10.66 25.37 19.32
C TRP H 39 10.11 24.53 20.47
N PHE H 40 10.87 23.49 20.85
CA PHE H 40 10.59 22.56 21.96
C PHE H 40 11.73 22.59 23.00
N GLN H 41 11.36 22.36 24.26
CA GLN H 41 12.26 22.08 25.41
C GLN H 41 12.09 20.61 25.79
N GLN H 42 13.19 19.86 25.98
CA GLN H 42 13.16 18.47 26.50
C GLN H 42 14.11 18.33 27.69
N LYS H 43 13.57 18.01 28.87
CA LYS H 43 14.34 17.61 30.09
C LYS H 43 14.44 16.09 30.13
N PRO H 44 15.42 15.52 30.89
CA PRO H 44 15.68 14.08 30.88
C PRO H 44 14.46 13.23 31.29
N GLY H 45 14.17 12.16 30.53
CA GLY H 45 13.06 11.22 30.76
C GLY H 45 11.68 11.88 30.69
N GLN H 46 11.58 12.97 29.92
CA GLN H 46 10.31 13.73 29.70
C GLN H 46 10.13 13.93 28.20
N PRO H 47 8.88 14.12 27.72
CA PRO H 47 8.65 14.43 26.31
C PRO H 47 9.05 15.86 25.96
N PRO H 48 9.21 16.19 24.65
CA PRO H 48 9.34 17.58 24.22
C PRO H 48 8.14 18.42 24.70
N LYS H 49 8.39 19.67 25.10
CA LYS H 49 7.40 20.64 25.59
C LYS H 49 7.43 21.86 24.66
N LEU H 50 6.30 22.18 24.00
CA LEU H 50 6.19 23.30 23.04
C LEU H 50 6.45 24.63 23.78
N LEU H 51 7.37 25.45 23.26
CA LEU H 51 7.73 26.79 23.80
C LEU H 51 7.12 27.87 22.90
N ILE H 52 7.38 27.75 21.59
CA ILE H 52 7.04 28.76 20.54
C ILE H 52 6.50 28.02 19.31
N TYR H 53 5.40 28.52 18.74
CA TYR H 53 4.80 28.02 17.49
C TYR H 53 4.80 29.14 16.45
N ARG H 54 4.90 28.74 15.18
CA ARG H 54 4.98 29.60 13.97
C ARG H 54 5.93 30.78 14.22
N ALA H 55 7.17 30.44 14.61
CA ALA H 55 8.39 31.28 14.65
C ALA H 55 8.43 32.19 15.89
N SER H 56 7.34 32.89 16.23
CA SER H 56 7.36 34.02 17.20
C SER H 56 6.26 33.94 18.27
N ASN H 57 5.32 32.99 18.21
CA ASN H 57 4.13 32.96 19.10
C ASN H 57 4.46 32.14 20.36
N LEU H 58 4.46 32.80 21.52
CA LEU H 58 4.74 32.17 22.84
C LEU H 58 3.53 31.33 23.28
N GLU H 59 3.73 30.03 23.51
CA GLU H 59 2.70 29.09 24.01
C GLU H 59 2.28 29.49 25.43
N SER H 60 1.00 29.27 25.77
CA SER H 60 0.42 29.53 27.11
C SER H 60 1.20 28.77 28.19
N GLY H 61 1.50 29.43 29.31
CA GLY H 61 2.20 28.83 30.47
C GLY H 61 3.71 28.94 30.38
N ILE H 62 4.26 29.28 29.21
CA ILE H 62 5.73 29.47 28.98
C ILE H 62 6.08 30.90 29.36
N PRO H 63 7.08 31.15 30.24
CA PRO H 63 7.49 32.52 30.59
C PRO H 63 7.94 33.35 29.38
N ASP H 64 7.78 34.68 29.47
CA ASP H 64 8.03 35.63 28.35
C ASP H 64 9.54 35.85 28.15
N ARG H 65 10.43 35.33 29.01
CA ARG H 65 11.91 35.35 28.79
C ARG H 65 12.25 34.50 27.54
N PHE H 66 11.39 33.53 27.19
CA PHE H 66 11.46 32.79 25.90
C PHE H 66 10.85 33.64 24.80
N SER H 67 11.55 33.79 23.68
CA SER H 67 11.10 34.56 22.49
C SER H 67 11.68 33.92 21.24
N GLY H 68 10.99 34.11 20.11
CA GLY H 68 11.36 33.55 18.81
C GLY H 68 11.27 34.58 17.71
N SER H 69 12.11 34.47 16.70
CA SER H 69 12.06 35.30 15.47
C SER H 69 12.64 34.51 14.30
N GLY H 70 12.44 35.04 13.10
CA GLY H 70 13.06 34.53 11.86
C GLY H 70 12.05 34.38 10.75
N SER H 71 12.53 33.90 9.61
CA SER H 71 11.74 33.70 8.39
C SER H 71 12.53 32.85 7.41
N ARG H 72 11.84 32.24 6.45
CA ARG H 72 12.40 31.45 5.33
C ARG H 72 13.23 30.28 5.88
N THR H 73 14.54 30.45 6.07
CA THR H 73 15.51 29.37 6.40
C THR H 73 16.36 29.70 7.63
N ASP H 74 16.04 30.74 8.39
CA ASP H 74 16.89 31.30 9.47
C ASP H 74 16.00 31.70 10.65
N PHE H 75 16.08 30.94 11.76
CA PHE H 75 15.24 31.13 12.96
C PHE H 75 16.11 31.13 14.21
N THR H 76 15.67 31.86 15.23
CA THR H 76 16.41 32.08 16.50
C THR H 76 15.43 31.95 17.66
N LEU H 77 15.73 31.05 18.60
CA LEU H 77 15.14 31.02 19.96
C LEU H 77 16.08 31.79 20.89
N THR H 78 15.55 32.76 21.63
CA THR H 78 16.31 33.59 22.61
C THR H 78 15.70 33.37 23.99
N ILE H 79 16.53 32.99 24.96
CA ILE H 79 16.20 33.04 26.41
C ILE H 79 16.94 34.26 26.97
N SER H 80 16.21 35.35 27.23
CA SER H 80 16.75 36.70 27.52
C SER H 80 17.55 36.69 28.83
N SER H 81 17.04 35.98 29.85
CA SER H 81 17.60 35.90 31.22
C SER H 81 17.50 34.44 31.70
N LEU H 82 18.53 33.62 31.43
CA LEU H 82 18.48 32.15 31.64
C LEU H 82 18.37 31.85 33.13
N GLN H 83 17.39 31.03 33.52
CA GLN H 83 17.13 30.57 34.90
C GLN H 83 17.62 29.12 35.04
N ALA H 84 17.84 28.67 36.28
CA ALA H 84 18.33 27.31 36.63
C ALA H 84 17.45 26.25 35.97
N GLU H 85 16.12 26.44 35.99
CA GLU H 85 15.10 25.48 35.47
C GLU H 85 15.12 25.39 33.94
N ASP H 86 15.83 26.30 33.23
CA ASP H 86 15.90 26.32 31.74
C ASP H 86 16.94 25.34 31.17
N VAL H 87 17.67 24.63 32.02
N VAL H 87 17.68 24.62 32.02
CA VAL H 87 18.65 23.58 31.60
CA VAL H 87 18.67 23.59 31.59
C VAL H 87 17.88 22.42 30.94
C VAL H 87 17.89 22.43 30.94
N ALA H 88 18.19 22.14 29.67
CA ALA H 88 17.46 21.15 28.84
C ALA H 88 18.15 21.03 27.47
N VAL H 89 17.65 20.13 26.62
CA VAL H 89 17.95 20.09 25.16
C VAL H 89 16.79 20.79 24.44
N TYR H 90 17.10 21.76 23.58
CA TYR H 90 16.10 22.55 22.80
C TYR H 90 16.12 22.06 21.36
N TYR H 91 14.93 21.83 20.78
CA TYR H 91 14.74 21.35 19.39
C TYR H 91 13.87 22.34 18.61
N CYS H 92 14.31 22.68 17.39
CA CYS H 92 13.48 23.33 16.36
C CYS H 92 12.72 22.22 15.60
N HIS H 93 11.55 22.57 15.09
CA HIS H 93 10.62 21.64 14.40
C HIS H 93 9.95 22.38 13.24
N GLN H 94 10.06 21.85 12.02
CA GLN H 94 9.37 22.38 10.82
C GLN H 94 8.17 21.48 10.53
N SER H 95 7.01 22.09 10.27
CA SER H 95 5.78 21.41 9.81
C SER H 95 5.27 22.09 8.52
N ASN H 96 6.17 22.72 7.75
CA ASN H 96 5.87 23.37 6.46
C ASN H 96 5.64 22.29 5.40
N GLU H 97 6.52 21.29 5.35
CA GLU H 97 6.53 20.19 4.34
C GLU H 97 6.59 18.84 5.06
N ASP H 98 5.85 17.85 4.54
CA ASP H 98 5.94 16.43 4.96
C ASP H 98 7.22 15.82 4.35
N PRO H 99 8.00 14.99 5.07
CA PRO H 99 7.76 14.67 6.48
C PRO H 99 8.16 15.83 7.40
N PRO H 100 7.42 16.09 8.51
CA PRO H 100 7.91 16.99 9.54
C PRO H 100 9.27 16.48 10.03
N THR H 101 10.20 17.41 10.30
CA THR H 101 11.59 17.10 10.73
C THR H 101 11.98 18.01 11.90
N PHE H 102 12.94 17.55 12.70
CA PHE H 102 13.49 18.25 13.89
C PHE H 102 14.98 18.52 13.68
N GLY H 103 15.49 19.57 14.34
CA GLY H 103 16.94 19.82 14.46
C GLY H 103 17.63 18.76 15.30
N GLY H 104 18.97 18.73 15.30
CA GLY H 104 19.80 17.79 16.06
C GLY H 104 19.79 18.07 17.56
N GLY H 105 19.28 19.23 17.98
CA GLY H 105 19.15 19.61 19.40
C GLY H 105 20.31 20.49 19.86
N THR H 106 20.06 21.34 20.85
CA THR H 106 21.06 22.24 21.49
C THR H 106 20.98 22.05 23.01
N LYS H 107 22.06 21.56 23.64
CA LYS H 107 22.13 21.35 25.11
C LYS H 107 22.49 22.69 25.78
N VAL H 108 21.61 23.19 26.65
CA VAL H 108 21.87 24.41 27.48
C VAL H 108 22.26 23.92 28.89
N GLU H 109 23.48 24.25 29.34
CA GLU H 109 23.97 24.04 30.72
C GLU H 109 24.14 25.41 31.40
N ILE H 110 23.99 25.47 32.71
CA ILE H 110 24.31 26.66 33.56
C ILE H 110 25.80 26.58 33.91
N LYS H 111 26.54 27.68 33.75
CA LYS H 111 27.88 27.87 34.37
C LYS H 111 27.64 28.57 35.71
N ARG H 112 28.00 27.91 36.81
CA ARG H 112 27.81 28.44 38.19
C ARG H 112 29.15 28.35 38.92
N THR H 113 29.18 28.74 40.20
CA THR H 113 30.38 28.69 41.06
C THR H 113 30.76 27.22 41.32
N VAL H 114 32.04 26.97 41.59
CA VAL H 114 32.58 25.62 41.92
C VAL H 114 31.92 25.18 43.24
N ALA H 115 31.47 23.92 43.31
CA ALA H 115 30.91 23.29 44.52
C ALA H 115 31.56 21.92 44.69
N ALA H 116 32.18 21.67 45.85
CA ALA H 116 32.83 20.39 46.20
C ALA H 116 31.77 19.33 46.44
N PRO H 117 32.00 18.06 46.04
CA PRO H 117 31.05 16.98 46.34
C PRO H 117 31.05 16.62 47.84
N SER H 118 29.87 16.41 48.42
CA SER H 118 29.67 15.62 49.67
C SER H 118 29.83 14.14 49.30
N VAL H 119 30.81 13.44 49.89
CA VAL H 119 31.13 12.02 49.54
C VAL H 119 30.60 11.12 50.66
N PHE H 120 29.90 10.06 50.26
CA PHE H 120 29.33 9.01 51.15
C PHE H 120 29.68 7.64 50.56
N ILE H 121 29.99 6.67 51.43
CA ILE H 121 30.27 5.26 51.05
C ILE H 121 29.23 4.37 51.72
N PHE H 122 28.78 3.34 51.02
CA PHE H 122 27.71 2.40 51.42
C PHE H 122 28.25 0.97 51.33
N PRO H 123 28.47 0.27 52.47
CA PRO H 123 28.89 -1.13 52.43
C PRO H 123 27.78 -2.01 51.88
N PRO H 124 28.09 -3.20 51.31
CA PRO H 124 27.05 -4.08 50.78
C PRO H 124 26.14 -4.59 51.92
N SER H 125 24.86 -4.80 51.62
CA SER H 125 23.83 -5.30 52.58
C SER H 125 24.14 -6.77 52.93
N ASP H 126 23.77 -7.18 54.16
CA ASP H 126 23.83 -8.59 54.62
C ASP H 126 23.00 -9.45 53.65
N GLU H 127 21.80 -8.97 53.30
CA GLU H 127 20.87 -9.59 52.31
C GLU H 127 21.63 -10.01 51.06
N GLN H 128 22.40 -9.09 50.46
CA GLN H 128 23.11 -9.32 49.17
C GLN H 128 24.24 -10.34 49.36
N LEU H 129 24.99 -10.25 50.46
CA LEU H 129 26.17 -11.12 50.74
C LEU H 129 25.75 -12.60 50.74
N LYS H 130 24.56 -12.93 51.25
CA LYS H 130 24.00 -14.32 51.26
C LYS H 130 23.81 -14.80 49.81
N SER H 131 23.52 -13.89 48.87
CA SER H 131 23.34 -14.18 47.42
C SER H 131 24.68 -14.49 46.73
N GLY H 132 25.81 -14.10 47.35
CA GLY H 132 27.18 -14.43 46.89
C GLY H 132 27.85 -13.30 46.12
N THR H 133 27.38 -12.04 46.26
CA THR H 133 27.93 -10.83 45.59
C THR H 133 28.03 -9.69 46.62
N ALA H 134 29.02 -8.80 46.45
CA ALA H 134 29.21 -7.57 47.24
C ALA H 134 29.21 -6.36 46.30
N SER H 135 28.20 -5.48 46.41
CA SER H 135 28.12 -4.16 45.73
C SER H 135 28.47 -3.07 46.75
N VAL H 136 29.58 -2.35 46.51
CA VAL H 136 30.01 -1.19 47.34
C VAL H 136 29.70 0.08 46.51
N VAL H 137 28.96 1.03 47.10
CA VAL H 137 28.46 2.25 46.39
C VAL H 137 29.13 3.47 47.02
N CYS H 138 29.77 4.29 46.18
CA CYS H 138 30.26 5.66 46.49
C CYS H 138 29.31 6.69 45.87
N LEU H 139 28.76 7.60 46.68
CA LEU H 139 27.88 8.71 46.25
C LEU H 139 28.66 10.03 46.36
N LEU H 140 28.82 10.74 45.23
CA LEU H 140 29.33 12.14 45.15
C LEU H 140 28.12 13.05 44.90
N ASN H 141 27.78 13.91 45.85
CA ASN H 141 26.46 14.62 45.86
C ASN H 141 26.63 16.14 45.73
N ASN H 142 25.95 16.73 44.74
CA ASN H 142 25.72 18.20 44.60
C ASN H 142 27.05 18.93 44.39
N PHE H 143 27.76 18.61 43.30
CA PHE H 143 29.06 19.22 42.92
C PHE H 143 28.97 19.91 41.56
N TYR H 144 29.83 20.90 41.33
CA TYR H 144 30.06 21.58 40.03
C TYR H 144 31.54 21.98 39.91
N PRO H 145 32.22 21.80 38.75
CA PRO H 145 31.66 21.25 37.52
C PRO H 145 31.56 19.72 37.47
N ARG H 146 31.06 19.18 36.35
CA ARG H 146 30.76 17.74 36.13
C ARG H 146 32.02 16.88 36.32
N GLU H 147 33.19 17.38 35.90
CA GLU H 147 34.46 16.59 35.84
C GLU H 147 34.89 16.23 37.27
N ALA H 148 35.02 14.93 37.54
CA ALA H 148 35.46 14.37 38.85
C ALA H 148 36.11 13.00 38.60
N LYS H 149 37.09 12.64 39.41
CA LYS H 149 37.79 11.32 39.38
C LYS H 149 37.41 10.57 40.65
N VAL H 150 36.89 9.35 40.48
CA VAL H 150 36.54 8.41 41.60
C VAL H 150 37.44 7.18 41.44
N GLN H 151 38.22 6.87 42.48
CA GLN H 151 39.17 5.73 42.49
C GLN H 151 38.84 4.83 43.68
N TRP H 152 38.65 3.53 43.41
CA TRP H 152 38.39 2.49 44.43
C TRP H 152 39.72 1.93 44.94
N LYS H 153 39.87 1.90 46.27
CA LYS H 153 41.05 1.31 46.96
C LYS H 153 40.54 0.24 47.91
N VAL H 154 40.97 -1.01 47.70
CA VAL H 154 40.67 -2.20 48.56
C VAL H 154 42.01 -2.64 49.19
N ASP H 155 42.12 -2.50 50.52
CA ASP H 155 43.40 -2.66 51.29
C ASP H 155 44.49 -1.83 50.63
N ASN H 156 44.18 -0.56 50.31
CA ASN H 156 45.12 0.45 49.72
C ASN H 156 45.52 0.08 48.27
N ALA H 157 45.01 -1.00 47.69
CA ALA H 157 45.29 -1.42 46.29
C ALA H 157 44.25 -0.79 45.37
N LEU H 158 44.69 -0.04 44.36
CA LEU H 158 43.81 0.63 43.36
C LEU H 158 43.08 -0.43 42.52
N GLN H 159 41.77 -0.26 42.33
CA GLN H 159 40.91 -1.21 41.55
C GLN H 159 40.78 -0.71 40.10
N SER H 160 40.56 -1.65 39.18
CA SER H 160 40.31 -1.39 37.73
C SER H 160 39.45 -2.51 37.13
N GLY H 161 38.48 -2.15 36.29
CA GLY H 161 37.66 -3.09 35.48
C GLY H 161 36.48 -3.69 36.25
N ASN H 162 36.30 -3.34 37.52
CA ASN H 162 35.28 -3.93 38.43
C ASN H 162 34.38 -2.85 39.04
N SER H 163 34.30 -1.66 38.43
CA SER H 163 33.42 -0.53 38.87
C SER H 163 32.73 0.11 37.66
N GLN H 164 31.56 0.71 37.89
CA GLN H 164 30.78 1.46 36.87
C GLN H 164 30.27 2.77 37.49
N GLU H 165 30.27 3.83 36.68
CA GLU H 165 29.91 5.22 37.08
C GLU H 165 28.57 5.60 36.43
N SER H 166 27.79 6.44 37.12
CA SER H 166 26.54 7.06 36.60
C SER H 166 26.40 8.49 37.14
N VAL H 167 26.01 9.44 36.29
CA VAL H 167 25.90 10.90 36.61
C VAL H 167 24.49 11.37 36.30
N THR H 168 23.86 12.10 37.23
CA THR H 168 22.60 12.85 36.97
C THR H 168 22.92 14.03 36.05
N GLU H 169 21.93 14.49 35.30
CA GLU H 169 22.00 15.76 34.53
C GLU H 169 21.86 16.90 35.54
N GLN H 170 22.12 18.13 35.09
CA GLN H 170 22.26 19.34 35.96
C GLN H 170 20.94 19.59 36.70
N ASP H 171 20.98 19.71 38.03
CA ASP H 171 19.78 19.89 38.88
C ASP H 171 19.07 21.20 38.51
N SER H 172 17.73 21.20 38.49
CA SER H 172 16.89 22.33 38.00
C SER H 172 16.88 23.52 38.99
N LYS H 173 17.37 23.33 40.22
CA LYS H 173 17.33 24.36 41.30
C LYS H 173 18.73 24.90 41.62
N ASP H 174 19.72 24.04 41.92
CA ASP H 174 21.08 24.45 42.37
C ASP H 174 22.13 24.22 41.26
N SER H 175 21.74 23.68 40.09
CA SER H 175 22.59 23.58 38.87
C SER H 175 23.82 22.70 39.11
N THR H 176 23.75 21.77 40.06
CA THR H 176 24.87 20.84 40.41
C THR H 176 24.62 19.47 39.75
N TYR H 177 25.66 18.65 39.75
CA TYR H 177 25.64 17.22 39.34
C TYR H 177 25.81 16.36 40.60
N SER H 178 25.29 15.14 40.55
CA SER H 178 25.58 14.03 41.51
C SER H 178 26.08 12.82 40.71
N LEU H 179 26.89 11.97 41.34
CA LEU H 179 27.53 10.79 40.71
C LEU H 179 27.50 9.62 41.70
N SER H 180 27.18 8.42 41.19
CA SER H 180 27.27 7.12 41.89
C SER H 180 28.40 6.30 41.25
N SER H 181 29.28 5.70 42.05
CA SER H 181 30.26 4.67 41.62
C SER H 181 29.98 3.39 42.39
N THR H 182 29.84 2.27 41.67
CA THR H 182 29.48 0.94 42.21
C THR H 182 30.66 -0.01 41.94
N LEU H 183 31.27 -0.56 43.00
CA LEU H 183 32.30 -1.64 42.94
C LEU H 183 31.60 -2.99 43.15
N THR H 184 31.79 -3.93 42.22
CA THR H 184 31.21 -5.31 42.24
C THR H 184 32.33 -6.33 42.49
N LEU H 185 32.25 -7.03 43.64
CA LEU H 185 33.12 -8.18 44.00
C LEU H 185 32.27 -9.41 44.28
N SER H 186 32.85 -10.60 44.14
CA SER H 186 32.30 -11.87 44.70
C SER H 186 32.40 -11.83 46.23
N LYS H 187 31.59 -12.64 46.92
CA LYS H 187 31.58 -12.77 48.41
C LYS H 187 32.98 -13.19 48.88
N ALA H 188 33.59 -14.14 48.16
CA ALA H 188 34.97 -14.65 48.39
C ALA H 188 35.96 -13.48 48.41
N ASP H 189 36.04 -12.74 47.30
CA ASP H 189 36.95 -11.58 47.11
C ASP H 189 36.65 -10.51 48.16
N TYR H 190 35.36 -10.25 48.47
CA TYR H 190 34.94 -9.23 49.45
C TYR H 190 35.54 -9.57 50.83
N GLU H 191 35.48 -10.84 51.23
CA GLU H 191 35.87 -11.27 52.61
C GLU H 191 37.39 -11.40 52.74
N LYS H 192 38.13 -11.47 51.63
CA LYS H 192 39.63 -11.53 51.61
C LYS H 192 40.26 -10.21 52.06
N HIS H 193 39.52 -9.09 52.02
CA HIS H 193 40.04 -7.72 52.27
C HIS H 193 39.24 -7.05 53.39
N LYS H 194 39.84 -6.06 54.06
CA LYS H 194 39.26 -5.37 55.25
C LYS H 194 38.85 -3.93 54.90
N VAL H 195 39.77 -3.12 54.38
CA VAL H 195 39.57 -1.64 54.21
C VAL H 195 39.06 -1.36 52.79
N TYR H 196 37.85 -0.80 52.68
CA TYR H 196 37.20 -0.35 51.43
C TYR H 196 37.11 1.18 51.44
N ALA H 197 37.69 1.81 50.42
CA ALA H 197 37.86 3.28 50.30
C ALA H 197 37.53 3.72 48.88
N CYS H 198 36.78 4.82 48.78
CA CYS H 198 36.50 5.60 47.55
C CYS H 198 37.31 6.92 47.66
N GLU H 199 38.21 7.18 46.71
CA GLU H 199 39.08 8.38 46.66
C GLU H 199 38.56 9.33 45.58
N VAL H 200 38.20 10.56 45.97
CA VAL H 200 37.49 11.55 45.11
C VAL H 200 38.42 12.74 44.85
N THR H 201 38.69 13.03 43.58
CA THR H 201 39.43 14.24 43.10
C THR H 201 38.44 15.17 42.40
N HIS H 202 38.48 16.46 42.73
CA HIS H 202 37.55 17.50 42.19
C HIS H 202 38.12 18.91 42.45
N GLN H 203 37.91 19.84 41.51
CA GLN H 203 38.31 21.28 41.56
C GLN H 203 37.95 21.92 42.90
N GLY H 204 36.78 21.60 43.45
CA GLY H 204 36.24 22.15 44.71
C GLY H 204 36.97 21.64 45.94
N LEU H 205 37.74 20.55 45.83
CA LEU H 205 38.53 19.95 46.93
C LEU H 205 40.00 20.38 46.79
N SER H 206 40.57 20.95 47.86
CA SER H 206 41.99 21.43 47.91
C SER H 206 42.94 20.23 47.74
N SER H 207 42.62 19.08 48.36
CA SER H 207 43.28 17.77 48.13
C SER H 207 42.22 16.67 47.98
N PRO H 208 42.54 15.52 47.33
CA PRO H 208 41.60 14.42 47.22
C PRO H 208 41.01 13.97 48.58
N VAL H 209 39.69 13.82 48.65
CA VAL H 209 38.96 13.32 49.86
C VAL H 209 38.76 11.82 49.72
N THR H 210 38.89 11.09 50.84
CA THR H 210 38.75 9.61 50.94
C THR H 210 37.67 9.32 51.98
N LYS H 211 36.62 8.58 51.58
CA LYS H 211 35.62 7.96 52.49
C LYS H 211 35.83 6.45 52.45
N SER H 212 35.88 5.82 53.63
CA SER H 212 36.24 4.39 53.80
C SER H 212 35.46 3.77 54.96
N PHE H 213 35.36 2.44 54.95
CA PHE H 213 34.88 1.61 56.09
C PHE H 213 35.79 0.37 56.22
N ASN H 214 35.76 -0.25 57.40
CA ASN H 214 36.44 -1.55 57.70
C ASN H 214 35.35 -2.62 57.75
N ARG H 215 35.48 -3.68 56.94
CA ARG H 215 34.46 -4.75 56.76
C ARG H 215 34.05 -5.35 58.11
N GLY H 216 34.97 -5.40 59.09
CA GLY H 216 34.71 -5.85 60.47
C GLY H 216 33.56 -5.09 61.13
N GLU H 217 33.62 -3.76 61.16
CA GLU H 217 32.60 -2.84 61.73
C GLU H 217 32.49 -3.08 63.24
#